data_3OZZ
# 
_entry.id   3OZZ 
# 
_audit_conform.dict_name       mmcif_pdbx.dic 
_audit_conform.dict_version    5.379 
_audit_conform.dict_location   http://mmcif.pdb.org/dictionaries/ascii/mmcif_pdbx.dic 
# 
loop_
_database_2.database_id 
_database_2.database_code 
_database_2.pdbx_database_accession 
_database_2.pdbx_DOI 
PDB   3OZZ         pdb_00003ozz 10.2210/pdb3ozz/pdb 
RCSB  RCSB061784   ?            ?                   
WWPDB D_1000061784 ?            ?                   
# 
loop_
_pdbx_database_related.db_name 
_pdbx_database_related.db_id 
_pdbx_database_related.details 
_pdbx_database_related.content_type 
PDB 1ICC 'RAT OUTER MITOCHONDRIAL MEMBRANE CYTOCHROME B5 TRIPLE MUTANT'   unspecified 
PDB 2I89 'STRUCTURE OF SEPTUPLE MUTANT OF RAT OUTER MITOCHONDRIAL'        unspecified 
PDB 1LJO 'STRUCTURE OF QUINTUPLE MUTANT OF THE RAT OUTER  CYTOCHROME B5.' unspecified 
PDB 3MUS '2A RESOLUTION STRUCTURE OF RAT TYPE B CYTOCHROME B5'            unspecified 
# 
_pdbx_database_status.status_code                     REL 
_pdbx_database_status.entry_id                        3OZZ 
_pdbx_database_status.recvd_initial_deposition_date   2010-09-27 
_pdbx_database_status.deposit_site                    RCSB 
_pdbx_database_status.process_site                    RCSB 
_pdbx_database_status.status_code_sf                  REL 
_pdbx_database_status.status_code_mr                  ? 
_pdbx_database_status.SG_entry                        ? 
_pdbx_database_status.status_code_cs                  ? 
_pdbx_database_status.pdb_format_compatible           Y 
_pdbx_database_status.status_code_nmr_data            ? 
_pdbx_database_status.methods_development_category    ? 
# 
loop_
_audit_author.name 
_audit_author.pdbx_ordinal 
'Terzyan, S.'       1 
'Parthasarathy, S.' 2 
'Zhang, X.C.'       3 
'Benson, D.'        4 
# 
_citation.id                        primary 
_citation.title                     'Structure of a cytochrome b5 core-swap mutant' 
_citation.journal_abbrev            'To be Published' 
_citation.journal_volume            ? 
_citation.page_first                ? 
_citation.page_last                 ? 
_citation.year                      ? 
_citation.journal_id_ASTM           ? 
_citation.country                   ? 
_citation.journal_id_ISSN           ? 
_citation.journal_id_CSD            0353 
_citation.book_publisher            ? 
_citation.pdbx_database_id_PubMed   ? 
_citation.pdbx_database_id_DOI      ? 
# 
loop_
_citation_author.citation_id 
_citation_author.name 
_citation_author.ordinal 
_citation_author.identifier_ORCID 
primary 'Parthasarathy, S.' 1 ? 
primary 'Terzyan, S.'       2 ? 
primary 'Zhang, X.C.'       3 ? 
primary 'Benson, D.'        4 ? 
# 
_cell.entry_id           3OZZ 
_cell.length_a           110.669 
_cell.length_b           30.654 
_cell.length_c           23.553 
_cell.angle_alpha        90.00 
_cell.angle_beta         95.65 
_cell.angle_gamma        90.00 
_cell.Z_PDB              4 
_cell.pdbx_unique_axis   ? 
_cell.length_a_esd       ? 
_cell.length_b_esd       ? 
_cell.length_c_esd       ? 
_cell.angle_alpha_esd    ? 
_cell.angle_beta_esd     ? 
_cell.angle_gamma_esd    ? 
# 
_symmetry.entry_id                         3OZZ 
_symmetry.space_group_name_H-M             'C 1 2 1' 
_symmetry.pdbx_full_space_group_name_H-M   ? 
_symmetry.cell_setting                     ? 
_symmetry.Int_Tables_number                5 
_symmetry.space_group_name_Hall            ? 
# 
loop_
_entity.id 
_entity.type 
_entity.src_method 
_entity.pdbx_description 
_entity.formula_weight 
_entity.pdbx_number_of_molecules 
_entity.pdbx_ec 
_entity.pdbx_mutation 
_entity.pdbx_fragment 
_entity.details 
1 polymer     man 'Cytochrome b5'                   9446.489 1   ? ? 'N-TERMINAL HEME-BINDING DOMAIN (unp residues 8-89)' ? 
2 non-polymer syn 'PROTOPORPHYRIN IX CONTAINING FE' 616.487  1   ? ? ?                                                    ? 
3 water       nat water                             18.015   142 ? ? ?                                                    ? 
# 
_entity_name_com.entity_id   1 
_entity_name_com.name        'Cytochrome b5 outer mitochondrial membrane isoform' 
# 
_entity_poly.entity_id                      1 
_entity_poly.type                           'polypeptide(L)' 
_entity_poly.nstd_linkage                   no 
_entity_poly.nstd_monomer                   no 
_entity_poly.pdbx_seq_one_letter_code       
;AVKYYTLEEIQKHNNAKSTWMIIHYKVYDITRFLSEHPGGEEVLLEQAGADATESFEDVGHSPDAREMLKTFIIGELHPD
DR
;
_entity_poly.pdbx_seq_one_letter_code_can   
;AVKYYTLEEIQKHNNAKSTWMIIHYKVYDITRFLSEHPGGEEVLLEQAGADATESFEDVGHSPDAREMLKTFIIGELHPD
DR
;
_entity_poly.pdbx_strand_id                 B 
_entity_poly.pdbx_target_identifier         ? 
# 
loop_
_entity_poly_seq.entity_id 
_entity_poly_seq.num 
_entity_poly_seq.mon_id 
_entity_poly_seq.hetero 
1 1  ALA n 
1 2  VAL n 
1 3  LYS n 
1 4  TYR n 
1 5  TYR n 
1 6  THR n 
1 7  LEU n 
1 8  GLU n 
1 9  GLU n 
1 10 ILE n 
1 11 GLN n 
1 12 LYS n 
1 13 HIS n 
1 14 ASN n 
1 15 ASN n 
1 16 ALA n 
1 17 LYS n 
1 18 SER n 
1 19 THR n 
1 20 TRP n 
1 21 MET n 
1 22 ILE n 
1 23 ILE n 
1 24 HIS n 
1 25 TYR n 
1 26 LYS n 
1 27 VAL n 
1 28 TYR n 
1 29 ASP n 
1 30 ILE n 
1 31 THR n 
1 32 ARG n 
1 33 PHE n 
1 34 LEU n 
1 35 SER n 
1 36 GLU n 
1 37 HIS n 
1 38 PRO n 
1 39 GLY n 
1 40 GLY n 
1 41 GLU n 
1 42 GLU n 
1 43 VAL n 
1 44 LEU n 
1 45 LEU n 
1 46 GLU n 
1 47 GLN n 
1 48 ALA n 
1 49 GLY n 
1 50 ALA n 
1 51 ASP n 
1 52 ALA n 
1 53 THR n 
1 54 GLU n 
1 55 SER n 
1 56 PHE n 
1 57 GLU n 
1 58 ASP n 
1 59 VAL n 
1 60 GLY n 
1 61 HIS n 
1 62 SER n 
1 63 PRO n 
1 64 ASP n 
1 65 ALA n 
1 66 ARG n 
1 67 GLU n 
1 68 MET n 
1 69 LEU n 
1 70 LYS n 
1 71 THR n 
1 72 PHE n 
1 73 ILE n 
1 74 ILE n 
1 75 GLY n 
1 76 GLU n 
1 77 LEU n 
1 78 HIS n 
1 79 PRO n 
1 80 ASP n 
1 81 ASP n 
1 82 ARG n 
# 
_entity_src_gen.entity_id                          1 
_entity_src_gen.pdbx_src_id                        1 
_entity_src_gen.pdbx_alt_source_flag               sample 
_entity_src_gen.pdbx_seq_type                      ? 
_entity_src_gen.pdbx_beg_seq_num                   ? 
_entity_src_gen.pdbx_end_seq_num                   ? 
_entity_src_gen.gene_src_common_name               'bovine,cow,domestic cattle,domestic cow' 
_entity_src_gen.gene_src_genus                     ? 
_entity_src_gen.pdbx_gene_src_gene                 'CYB5, CYB5A, Cyb5b, Cyb5m, Omb5' 
_entity_src_gen.gene_src_species                   ? 
_entity_src_gen.gene_src_strain                    ? 
_entity_src_gen.gene_src_tissue                    ? 
_entity_src_gen.gene_src_tissue_fraction           ? 
_entity_src_gen.gene_src_details                   ? 
_entity_src_gen.pdbx_gene_src_fragment             ? 
_entity_src_gen.pdbx_gene_src_scientific_name      'Bos taurus' 
_entity_src_gen.pdbx_gene_src_ncbi_taxonomy_id     9913 
_entity_src_gen.pdbx_gene_src_variant              ? 
_entity_src_gen.pdbx_gene_src_cell_line            ? 
_entity_src_gen.pdbx_gene_src_atcc                 ? 
_entity_src_gen.pdbx_gene_src_organ                ? 
_entity_src_gen.pdbx_gene_src_organelle            ? 
_entity_src_gen.pdbx_gene_src_cell                 ? 
_entity_src_gen.pdbx_gene_src_cellular_location    ? 
_entity_src_gen.host_org_common_name               ? 
_entity_src_gen.pdbx_host_org_scientific_name      'Escherichia coli' 
_entity_src_gen.pdbx_host_org_ncbi_taxonomy_id     511693 
_entity_src_gen.host_org_genus                     ? 
_entity_src_gen.pdbx_host_org_gene                 ? 
_entity_src_gen.pdbx_host_org_organ                ? 
_entity_src_gen.host_org_species                   ? 
_entity_src_gen.pdbx_host_org_tissue               ? 
_entity_src_gen.pdbx_host_org_tissue_fraction      ? 
_entity_src_gen.pdbx_host_org_strain               Bl21 
_entity_src_gen.pdbx_host_org_variant              ? 
_entity_src_gen.pdbx_host_org_cell_line            ? 
_entity_src_gen.pdbx_host_org_atcc                 ? 
_entity_src_gen.pdbx_host_org_culture_collection   ? 
_entity_src_gen.pdbx_host_org_cell                 ? 
_entity_src_gen.pdbx_host_org_organelle            ? 
_entity_src_gen.pdbx_host_org_cellular_location    ? 
_entity_src_gen.pdbx_host_org_vector_type          ? 
_entity_src_gen.pdbx_host_org_vector               PLASMID 
_entity_src_gen.host_org_details                   ? 
_entity_src_gen.expression_system_id               ? 
_entity_src_gen.plasmid_name                       pET11a 
_entity_src_gen.plasmid_details                    ? 
_entity_src_gen.pdbx_description                   ? 
# 
_struct_ref.id                         1 
_struct_ref.db_name                    UNP 
_struct_ref.db_code                    CYB5_BOVIN 
_struct_ref.pdbx_db_accession          P00171 
_struct_ref.entity_id                  1 
_struct_ref.pdbx_seq_one_letter_code   
;AVKYYTLEEIQKHNNSKSTWLILHYKVYDLTKFLEEHPGGEEVLREQAGGDATENFEDVGHSTDARELSKTFIIGELHPD
DR
;
_struct_ref.pdbx_align_begin           8 
_struct_ref.pdbx_db_isoform            ? 
# 
_struct_ref_seq.align_id                      1 
_struct_ref_seq.ref_id                        1 
_struct_ref_seq.pdbx_PDB_id_code              3OZZ 
_struct_ref_seq.pdbx_strand_id                B 
_struct_ref_seq.seq_align_beg                 1 
_struct_ref_seq.pdbx_seq_align_beg_ins_code   ? 
_struct_ref_seq.seq_align_end                 82 
_struct_ref_seq.pdbx_seq_align_end_ins_code   ? 
_struct_ref_seq.pdbx_db_accession             P00171 
_struct_ref_seq.db_align_beg                  8 
_struct_ref_seq.pdbx_db_align_beg_ins_code    ? 
_struct_ref_seq.db_align_end                  89 
_struct_ref_seq.pdbx_db_align_end_ins_code    ? 
_struct_ref_seq.pdbx_auth_seq_align_beg       3 
_struct_ref_seq.pdbx_auth_seq_align_end       84 
# 
loop_
_struct_ref_seq_dif.align_id 
_struct_ref_seq_dif.pdbx_pdb_id_code 
_struct_ref_seq_dif.mon_id 
_struct_ref_seq_dif.pdbx_pdb_strand_id 
_struct_ref_seq_dif.seq_num 
_struct_ref_seq_dif.pdbx_pdb_ins_code 
_struct_ref_seq_dif.pdbx_seq_db_name 
_struct_ref_seq_dif.pdbx_seq_db_accession_code 
_struct_ref_seq_dif.db_mon_id 
_struct_ref_seq_dif.pdbx_seq_db_seq_num 
_struct_ref_seq_dif.details 
_struct_ref_seq_dif.pdbx_auth_seq_num 
_struct_ref_seq_dif.pdbx_ordinal 
1 3OZZ ALA B 16 ? UNP P00171 SER 23 'engineered mutation' 18 1  
1 3OZZ MET B 21 ? UNP P00171 LEU 28 'engineered mutation' 23 2  
1 3OZZ ILE B 23 ? UNP P00171 LEU 30 'engineered mutation' 25 3  
1 3OZZ ILE B 30 ? UNP P00171 LEU 37 'engineered mutation' 32 4  
1 3OZZ ARG B 32 ? UNP P00171 LYS 39 'engineered mutation' 34 5  
1 3OZZ SER B 35 ? UNP P00171 GLU 42 'engineered mutation' 37 6  
1 3OZZ LEU B 45 ? UNP P00171 ARG 52 'engineered mutation' 47 7  
1 3OZZ ALA B 50 ? UNP P00171 GLY 57 'engineered mutation' 52 8  
1 3OZZ SER B 55 ? UNP P00171 ASN 62 'engineered mutation' 57 9  
1 3OZZ PRO B 63 ? UNP P00171 THR 70 'engineered mutation' 65 10 
1 3OZZ MET B 68 ? UNP P00171 LEU 75 'engineered mutation' 70 11 
1 3OZZ LEU B 69 ? UNP P00171 SER 76 'engineered mutation' 71 12 
# 
loop_
_chem_comp.id 
_chem_comp.type 
_chem_comp.mon_nstd_flag 
_chem_comp.name 
_chem_comp.pdbx_synonyms 
_chem_comp.formula 
_chem_comp.formula_weight 
ALA 'L-peptide linking' y ALANINE                           ?    'C3 H7 N O2'       89.093  
ARG 'L-peptide linking' y ARGININE                          ?    'C6 H15 N4 O2 1'   175.209 
ASN 'L-peptide linking' y ASPARAGINE                        ?    'C4 H8 N2 O3'      132.118 
ASP 'L-peptide linking' y 'ASPARTIC ACID'                   ?    'C4 H7 N O4'       133.103 
GLN 'L-peptide linking' y GLUTAMINE                         ?    'C5 H10 N2 O3'     146.144 
GLU 'L-peptide linking' y 'GLUTAMIC ACID'                   ?    'C5 H9 N O4'       147.129 
GLY 'peptide linking'   y GLYCINE                           ?    'C2 H5 N O2'       75.067  
HEM non-polymer         . 'PROTOPORPHYRIN IX CONTAINING FE' HEME 'C34 H32 Fe N4 O4' 616.487 
HIS 'L-peptide linking' y HISTIDINE                         ?    'C6 H10 N3 O2 1'   156.162 
HOH non-polymer         . WATER                             ?    'H2 O'             18.015  
ILE 'L-peptide linking' y ISOLEUCINE                        ?    'C6 H13 N O2'      131.173 
LEU 'L-peptide linking' y LEUCINE                           ?    'C6 H13 N O2'      131.173 
LYS 'L-peptide linking' y LYSINE                            ?    'C6 H15 N2 O2 1'   147.195 
MET 'L-peptide linking' y METHIONINE                        ?    'C5 H11 N O2 S'    149.211 
PHE 'L-peptide linking' y PHENYLALANINE                     ?    'C9 H11 N O2'      165.189 
PRO 'L-peptide linking' y PROLINE                           ?    'C5 H9 N O2'       115.130 
SER 'L-peptide linking' y SERINE                            ?    'C3 H7 N O3'       105.093 
THR 'L-peptide linking' y THREONINE                         ?    'C4 H9 N O3'       119.119 
TRP 'L-peptide linking' y TRYPTOPHAN                        ?    'C11 H12 N2 O2'    204.225 
TYR 'L-peptide linking' y TYROSINE                          ?    'C9 H11 N O3'      181.189 
VAL 'L-peptide linking' y VALINE                            ?    'C5 H11 N O2'      117.146 
# 
_exptl.entry_id          3OZZ 
_exptl.method            'X-RAY DIFFRACTION' 
_exptl.crystals_number   1 
# 
_exptl_crystal.id                    1 
_exptl_crystal.density_meas          ? 
_exptl_crystal.density_Matthews      2.10 
_exptl_crystal.density_percent_sol   41.55 
_exptl_crystal.description           ? 
_exptl_crystal.F_000                 ? 
_exptl_crystal.preparation           ? 
# 
_exptl_crystal_grow.crystal_id      1 
_exptl_crystal_grow.method          'VAPOR DIFFUSION' 
_exptl_crystal_grow.temp            277 
_exptl_crystal_grow.temp_details    ? 
_exptl_crystal_grow.pH              7.0 
_exptl_crystal_grow.pdbx_pH_range   ? 
_exptl_crystal_grow.pdbx_details    '30% PEG8000, 0.2M MgAc, 0.1M Pipes, pH 7.0, VAPOR DIFFUSION, temperature 277K' 
# 
_diffrn.id                     1 
_diffrn.ambient_temp           80 
_diffrn.ambient_temp_details   ? 
_diffrn.crystal_id             1 
# 
_diffrn_detector.diffrn_id              1 
_diffrn_detector.detector               'IMAGE PLATE' 
_diffrn_detector.type                   'MAR scanner 345 mm plate' 
_diffrn_detector.pdbx_collection_date   2007-01-01 
_diffrn_detector.details                mirrors 
# 
_diffrn_radiation.diffrn_id                        1 
_diffrn_radiation.wavelength_id                    1 
_diffrn_radiation.pdbx_monochromatic_or_laue_m_l   M 
_diffrn_radiation.monochromator                    'Osmic Blue optics' 
_diffrn_radiation.pdbx_diffrn_protocol             'SINGLE WAVELENGTH' 
_diffrn_radiation.pdbx_scattering_type             x-ray 
# 
_diffrn_radiation_wavelength.id           1 
_diffrn_radiation_wavelength.wavelength   1.5418 
_diffrn_radiation_wavelength.wt           1.0 
# 
_diffrn_source.diffrn_id                   1 
_diffrn_source.source                      'ROTATING ANODE' 
_diffrn_source.type                        'RIGAKU RUH3R' 
_diffrn_source.pdbx_synchrotron_site       ? 
_diffrn_source.pdbx_synchrotron_beamline   ? 
_diffrn_source.pdbx_wavelength             ? 
_diffrn_source.pdbx_wavelength_list        1.5418 
# 
_reflns.entry_id                     3OZZ 
_reflns.observed_criterion_sigma_I   ? 
_reflns.observed_criterion_sigma_F   -3 
_reflns.d_resolution_low             50 
_reflns.d_resolution_high            1.7 
_reflns.number_obs                   8707 
_reflns.number_all                   ? 
_reflns.percent_possible_obs         98.4 
_reflns.pdbx_Rmerge_I_obs            0.05 
_reflns.pdbx_Rsym_value              ? 
_reflns.pdbx_netI_over_sigmaI        24.5 
_reflns.B_iso_Wilson_estimate        17.87 
_reflns.pdbx_redundancy              4 
_reflns.R_free_details               ? 
_reflns.limit_h_max                  ? 
_reflns.limit_h_min                  ? 
_reflns.limit_k_max                  ? 
_reflns.limit_k_min                  ? 
_reflns.limit_l_max                  ? 
_reflns.limit_l_min                  ? 
_reflns.observed_criterion_F_max     ? 
_reflns.observed_criterion_F_min     ? 
_reflns.pdbx_chi_squared             ? 
_reflns.pdbx_scaling_rejects         ? 
_reflns.pdbx_ordinal                 1 
_reflns.pdbx_diffrn_id               1 
# 
_reflns_shell.d_res_high             1.7 
_reflns_shell.d_res_low              1.76 
_reflns_shell.percent_possible_all   95.3 
_reflns_shell.Rmerge_I_obs           0.152 
_reflns_shell.pdbx_Rsym_value        ? 
_reflns_shell.meanI_over_sigI_obs    8.2 
_reflns_shell.pdbx_redundancy        ? 
_reflns_shell.percent_possible_obs   ? 
_reflns_shell.number_unique_all      ? 
_reflns_shell.number_measured_all    ? 
_reflns_shell.number_measured_obs    ? 
_reflns_shell.number_unique_obs      ? 
_reflns_shell.pdbx_chi_squared       ? 
_reflns_shell.pdbx_ordinal           1 
_reflns_shell.pdbx_diffrn_id         1 
# 
_refine.pdbx_refine_id                           'X-RAY DIFFRACTION' 
_refine.entry_id                                 3OZZ 
_refine.ls_number_reflns_obs                     8333 
_refine.ls_number_reflns_all                     8824 
_refine.pdbx_ls_sigma_I                          ? 
_refine.pdbx_ls_sigma_F                          0 
_refine.pdbx_data_cutoff_high_absF               ? 
_refine.pdbx_data_cutoff_low_absF                ? 
_refine.pdbx_data_cutoff_high_rms_absF           ? 
_refine.ls_d_res_low                             50. 
_refine.ls_d_res_high                            1.7 
_refine.ls_percent_reflns_obs                    94.4 
_refine.ls_R_factor_obs                          0.176 
_refine.ls_R_factor_all                          ? 
_refine.ls_R_factor_R_work                       0.176 
_refine.ls_R_factor_R_free                       0.229 
_refine.ls_R_factor_R_free_error                 ? 
_refine.ls_R_factor_R_free_error_details         ? 
_refine.ls_percent_reflns_R_free                 ? 
_refine.ls_number_reflns_R_free                  898 
_refine.ls_number_parameters                     ? 
_refine.ls_number_restraints                     ? 
_refine.occupancy_min                            ? 
_refine.occupancy_max                            ? 
_refine.correlation_coeff_Fo_to_Fc               ? 
_refine.correlation_coeff_Fo_to_Fc_free          ? 
_refine.B_iso_mean                               17.72 
_refine.aniso_B[1][1]                            2.947 
_refine.aniso_B[2][2]                            1.363 
_refine.aniso_B[3][3]                            -4.310 
_refine.aniso_B[1][2]                            0.0 
_refine.aniso_B[1][3]                            -2.317 
_refine.aniso_B[2][3]                            0.0 
_refine.solvent_model_details                    ? 
_refine.solvent_model_param_ksol                 ? 
_refine.solvent_model_param_bsol                 ? 
_refine.pdbx_solvent_vdw_probe_radii             ? 
_refine.pdbx_solvent_ion_probe_radii             ? 
_refine.pdbx_solvent_shrinkage_radii             ? 
_refine.pdbx_ls_cross_valid_method               ? 
_refine.details                                  ? 
_refine.pdbx_starting_model                      'PDB ENTRY 1AWP' 
_refine.pdbx_method_to_determine_struct          'MOLECULAR REPLACEMENT' 
_refine.pdbx_isotropic_thermal_model             'Anisotropic Overall Temp. factor' 
_refine.pdbx_stereochemistry_target_values       'Engh & Huber' 
_refine.pdbx_stereochem_target_val_spec_case     ? 
_refine.pdbx_R_Free_selection_details            RANDOM 
_refine.pdbx_overall_ESU_R_Free                  ? 
_refine.overall_SU_ML                            ? 
_refine.pdbx_overall_phase_error                 ? 
_refine.overall_SU_B                             ? 
_refine.overall_SU_R_Cruickshank_DPI             ? 
_refine.pdbx_overall_SU_R_free_Cruickshank_DPI   ? 
_refine.pdbx_overall_SU_R_Blow_DPI               ? 
_refine.pdbx_overall_SU_R_free_Blow_DPI          ? 
_refine.ls_redundancy_reflns_obs                 ? 
_refine.B_iso_min                                ? 
_refine.B_iso_max                                ? 
_refine.overall_SU_R_free                        ? 
_refine.ls_wR_factor_R_free                      ? 
_refine.ls_wR_factor_R_work                      ? 
_refine.overall_FOM_free_R_set                   ? 
_refine.overall_FOM_work_R_set                   ? 
_refine.pdbx_diffrn_id                           1 
_refine.pdbx_overall_ESU_R                       ? 
_refine.pdbx_TLS_residual_ADP_flag               ? 
# 
_refine_hist.pdbx_refine_id                   'X-RAY DIFFRACTION' 
_refine_hist.cycle_id                         LAST 
_refine_hist.pdbx_number_atoms_protein        666 
_refine_hist.pdbx_number_atoms_nucleic_acid   0 
_refine_hist.pdbx_number_atoms_ligand         43 
_refine_hist.number_atoms_solvent             142 
_refine_hist.number_atoms_total               851 
_refine_hist.d_res_high                       1.7 
_refine_hist.d_res_low                        50. 
# 
loop_
_refine_ls_restr.type 
_refine_ls_restr.dev_ideal 
_refine_ls_restr.dev_ideal_target 
_refine_ls_restr.weight 
_refine_ls_restr.number 
_refine_ls_restr.pdbx_refine_id 
_refine_ls_restr.pdbx_restraint_function 
c_bond_d                0.019 ? ? ? 'X-RAY DIFFRACTION' ? 
c_bond_d_na             ?     ? ? ? 'X-RAY DIFFRACTION' ? 
c_bond_d_prot           ?     ? ? ? 'X-RAY DIFFRACTION' ? 
c_angle_d               ?     ? ? ? 'X-RAY DIFFRACTION' ? 
c_angle_d_na            ?     ? ? ? 'X-RAY DIFFRACTION' ? 
c_angle_d_prot          ?     ? ? ? 'X-RAY DIFFRACTION' ? 
c_angle_deg             1.773 ? ? ? 'X-RAY DIFFRACTION' ? 
c_angle_deg_na          ?     ? ? ? 'X-RAY DIFFRACTION' ? 
c_angle_deg_prot        ?     ? ? ? 'X-RAY DIFFRACTION' ? 
c_dihedral_angle_d      ?     ? ? ? 'X-RAY DIFFRACTION' ? 
c_dihedral_angle_d_na   ?     ? ? ? 'X-RAY DIFFRACTION' ? 
c_dihedral_angle_d_prot ?     ? ? ? 'X-RAY DIFFRACTION' ? 
c_improper_angle_d      ?     ? ? ? 'X-RAY DIFFRACTION' ? 
c_improper_angle_d_na   ?     ? ? ? 'X-RAY DIFFRACTION' ? 
c_improper_angle_d_prot ?     ? ? ? 'X-RAY DIFFRACTION' ? 
c_mcbond_it             ?     ? ? ? 'X-RAY DIFFRACTION' ? 
c_mcangle_it            ?     ? ? ? 'X-RAY DIFFRACTION' ? 
c_scbond_it             ?     ? ? ? 'X-RAY DIFFRACTION' ? 
c_scangle_it            ?     ? ? ? 'X-RAY DIFFRACTION' ? 
# 
_struct.entry_id                  3OZZ 
_struct.title                     'Structure of a cytochrome b5 core-swap mutant' 
_struct.pdbx_model_details        ? 
_struct.pdbx_CASP_flag            N 
_struct.pdbx_model_type_details   ? 
# 
_struct_keywords.entry_id        3OZZ 
_struct_keywords.pdbx_keywords   'ELECTRON TRANSPORT' 
_struct_keywords.text            'HIBRID CYTOCHROME B5, HEME, ELECTRON TRANSPORT' 
# 
loop_
_struct_asym.id 
_struct_asym.pdbx_blank_PDB_chainid_flag 
_struct_asym.pdbx_modified 
_struct_asym.entity_id 
_struct_asym.details 
A N N 1 ? 
B N N 2 ? 
C N N 3 ? 
# 
_struct_biol.id        1 
_struct_biol.details   ? 
# 
loop_
_struct_conf.conf_type_id 
_struct_conf.id 
_struct_conf.pdbx_PDB_helix_id 
_struct_conf.beg_label_comp_id 
_struct_conf.beg_label_asym_id 
_struct_conf.beg_label_seq_id 
_struct_conf.pdbx_beg_PDB_ins_code 
_struct_conf.end_label_comp_id 
_struct_conf.end_label_asym_id 
_struct_conf.end_label_seq_id 
_struct_conf.pdbx_end_PDB_ins_code 
_struct_conf.beg_auth_comp_id 
_struct_conf.beg_auth_asym_id 
_struct_conf.beg_auth_seq_id 
_struct_conf.end_auth_comp_id 
_struct_conf.end_auth_asym_id 
_struct_conf.end_auth_seq_id 
_struct_conf.pdbx_PDB_helix_class 
_struct_conf.details 
_struct_conf.pdbx_PDB_helix_length 
HELX_P HELX_P1 1 THR A 6  ? GLN A 11 ? THR B 8  GLN B 13 1 ? 6  
HELX_P HELX_P2 2 THR A 31 ? LEU A 34 ? THR B 33 LEU B 36 5 ? 4  
HELX_P HELX_P3 3 GLU A 41 ? GLN A 47 ? GLU B 43 GLN B 49 1 ? 7  
HELX_P HELX_P4 4 ALA A 52 ? GLY A 60 ? ALA B 54 GLY B 62 1 ? 9  
HELX_P HELX_P5 5 SER A 62 ? THR A 71 ? SER B 64 THR B 73 1 ? 10 
HELX_P HELX_P6 6 PRO A 79 ? ARG A 82 ? PRO B 81 ARG B 84 5 ? 4  
# 
_struct_conf_type.id          HELX_P 
_struct_conf_type.criteria    ? 
_struct_conf_type.reference   ? 
# 
loop_
_struct_conn.id 
_struct_conn.conn_type_id 
_struct_conn.pdbx_leaving_atom_flag 
_struct_conn.pdbx_PDB_id 
_struct_conn.ptnr1_label_asym_id 
_struct_conn.ptnr1_label_comp_id 
_struct_conn.ptnr1_label_seq_id 
_struct_conn.ptnr1_label_atom_id 
_struct_conn.pdbx_ptnr1_label_alt_id 
_struct_conn.pdbx_ptnr1_PDB_ins_code 
_struct_conn.pdbx_ptnr1_standard_comp_id 
_struct_conn.ptnr1_symmetry 
_struct_conn.ptnr2_label_asym_id 
_struct_conn.ptnr2_label_comp_id 
_struct_conn.ptnr2_label_seq_id 
_struct_conn.ptnr2_label_atom_id 
_struct_conn.pdbx_ptnr2_label_alt_id 
_struct_conn.pdbx_ptnr2_PDB_ins_code 
_struct_conn.ptnr1_auth_asym_id 
_struct_conn.ptnr1_auth_comp_id 
_struct_conn.ptnr1_auth_seq_id 
_struct_conn.ptnr2_auth_asym_id 
_struct_conn.ptnr2_auth_comp_id 
_struct_conn.ptnr2_auth_seq_id 
_struct_conn.ptnr2_symmetry 
_struct_conn.pdbx_ptnr3_label_atom_id 
_struct_conn.pdbx_ptnr3_label_seq_id 
_struct_conn.pdbx_ptnr3_label_comp_id 
_struct_conn.pdbx_ptnr3_label_asym_id 
_struct_conn.pdbx_ptnr3_label_alt_id 
_struct_conn.pdbx_ptnr3_PDB_ins_code 
_struct_conn.details 
_struct_conn.pdbx_dist_value 
_struct_conn.pdbx_value_order 
_struct_conn.pdbx_role 
metalc1 metalc ? ? A HIS 37 NE2 ? ? ? 1_555 B HEM . FE A ? B HIS 39 B HEM 201 1_555 ? ? ? ? ? ? ? 2.012 ? ? 
metalc2 metalc ? ? A HIS 37 NE2 ? ? ? 1_555 B HEM . FE B ? B HIS 39 B HEM 201 1_555 ? ? ? ? ? ? ? 2.014 ? ? 
metalc3 metalc ? ? A HIS 61 NE2 ? ? ? 1_555 B HEM . FE B ? B HIS 63 B HEM 201 1_555 ? ? ? ? ? ? ? 2.094 ? ? 
metalc4 metalc ? ? A HIS 61 NE2 ? ? ? 1_555 B HEM . FE A ? B HIS 63 B HEM 201 1_555 ? ? ? ? ? ? ? 2.094 ? ? 
# 
_struct_conn_type.id          metalc 
_struct_conn_type.criteria    ? 
_struct_conn_type.reference   ? 
# 
_struct_sheet.id               A 
_struct_sheet.type             ? 
_struct_sheet.number_strands   5 
_struct_sheet.details          ? 
# 
loop_
_struct_sheet_order.sheet_id 
_struct_sheet_order.range_id_1 
_struct_sheet_order.range_id_2 
_struct_sheet_order.offset 
_struct_sheet_order.sense 
A 1 2 ? parallel      
A 2 3 ? anti-parallel 
A 3 4 ? anti-parallel 
A 4 5 ? anti-parallel 
# 
loop_
_struct_sheet_range.sheet_id 
_struct_sheet_range.id 
_struct_sheet_range.beg_label_comp_id 
_struct_sheet_range.beg_label_asym_id 
_struct_sheet_range.beg_label_seq_id 
_struct_sheet_range.pdbx_beg_PDB_ins_code 
_struct_sheet_range.end_label_comp_id 
_struct_sheet_range.end_label_asym_id 
_struct_sheet_range.end_label_seq_id 
_struct_sheet_range.pdbx_end_PDB_ins_code 
_struct_sheet_range.beg_auth_comp_id 
_struct_sheet_range.beg_auth_asym_id 
_struct_sheet_range.beg_auth_seq_id 
_struct_sheet_range.end_auth_comp_id 
_struct_sheet_range.end_auth_asym_id 
_struct_sheet_range.end_auth_seq_id 
A 1 TYR A 4  ? TYR A 5  ? TYR B 6  TYR B 7  
A 2 ILE A 73 ? LEU A 77 ? ILE B 75 LEU B 79 
A 3 LYS A 26 ? ASP A 29 ? LYS B 28 ASP B 31 
A 4 SER A 18 ? ILE A 23 ? SER B 20 ILE B 25 
A 5 ASN A 14 ? ASN A 15 ? ASN B 16 ASN B 17 
# 
loop_
_pdbx_struct_sheet_hbond.sheet_id 
_pdbx_struct_sheet_hbond.range_id_1 
_pdbx_struct_sheet_hbond.range_id_2 
_pdbx_struct_sheet_hbond.range_1_label_atom_id 
_pdbx_struct_sheet_hbond.range_1_label_comp_id 
_pdbx_struct_sheet_hbond.range_1_label_asym_id 
_pdbx_struct_sheet_hbond.range_1_label_seq_id 
_pdbx_struct_sheet_hbond.range_1_PDB_ins_code 
_pdbx_struct_sheet_hbond.range_1_auth_atom_id 
_pdbx_struct_sheet_hbond.range_1_auth_comp_id 
_pdbx_struct_sheet_hbond.range_1_auth_asym_id 
_pdbx_struct_sheet_hbond.range_1_auth_seq_id 
_pdbx_struct_sheet_hbond.range_2_label_atom_id 
_pdbx_struct_sheet_hbond.range_2_label_comp_id 
_pdbx_struct_sheet_hbond.range_2_label_asym_id 
_pdbx_struct_sheet_hbond.range_2_label_seq_id 
_pdbx_struct_sheet_hbond.range_2_PDB_ins_code 
_pdbx_struct_sheet_hbond.range_2_auth_atom_id 
_pdbx_struct_sheet_hbond.range_2_auth_comp_id 
_pdbx_struct_sheet_hbond.range_2_auth_asym_id 
_pdbx_struct_sheet_hbond.range_2_auth_seq_id 
A 1 2 N TYR A 5  ? N TYR B 7  O GLU A 76 ? O GLU B 78 
A 2 3 O ILE A 74 ? O ILE B 76 N VAL A 27 ? N VAL B 29 
A 3 4 O TYR A 28 ? O TYR B 30 N MET A 21 ? N MET B 23 
A 4 5 O SER A 18 ? O SER B 20 N ASN A 15 ? N ASN B 17 
# 
_struct_site.id                   AC1 
_struct_site.pdbx_evidence_code   Software 
_struct_site.pdbx_auth_asym_id    B 
_struct_site.pdbx_auth_comp_id    HEM 
_struct_site.pdbx_auth_seq_id     201 
_struct_site.pdbx_auth_ins_code   ? 
_struct_site.pdbx_num_residues    20 
_struct_site.details              'BINDING SITE FOR RESIDUE HEM B 201' 
# 
loop_
_struct_site_gen.id 
_struct_site_gen.site_id 
_struct_site_gen.pdbx_num_res 
_struct_site_gen.label_comp_id 
_struct_site_gen.label_asym_id 
_struct_site_gen.label_seq_id 
_struct_site_gen.pdbx_auth_ins_code 
_struct_site_gen.auth_comp_id 
_struct_site_gen.auth_asym_id 
_struct_site_gen.auth_seq_id 
_struct_site_gen.label_atom_id 
_struct_site_gen.label_alt_id 
_struct_site_gen.symmetry 
_struct_site_gen.details 
1  AC1 20 LYS A 17 ? LYS B 19  . ? 1_545 ? 
2  AC1 20 MET A 21 ? MET B 23  . ? 1_555 ? 
3  AC1 20 ILE A 30 ? ILE B 32  . ? 1_555 ? 
4  AC1 20 PHE A 33 ? PHE B 35  . ? 1_555 ? 
5  AC1 20 HIS A 37 ? HIS B 39  . ? 1_555 ? 
6  AC1 20 PRO A 38 ? PRO B 40  . ? 1_555 ? 
7  AC1 20 GLY A 39 ? GLY B 41  . ? 1_555 ? 
8  AC1 20 VAL A 43 ? VAL B 45  . ? 1_555 ? 
9  AC1 20 LEU A 44 ? LEU B 46  . ? 1_555 ? 
10 AC1 20 GLN A 47 ? GLN B 49  . ? 1_555 ? 
11 AC1 20 SER A 55 ? SER B 57  . ? 1_555 ? 
12 AC1 20 PHE A 56 ? PHE B 58  . ? 1_555 ? 
13 AC1 20 VAL A 59 ? VAL B 61  . ? 1_555 ? 
14 AC1 20 HIS A 61 ? HIS B 63  . ? 1_555 ? 
15 AC1 20 SER A 62 ? SER B 64  . ? 1_555 ? 
16 AC1 20 ALA A 65 ? ALA B 67  . ? 1_555 ? 
17 AC1 20 LEU A 69 ? LEU B 71  . ? 1_555 ? 
18 AC1 20 HOH C .  ? HOH B 87  . ? 1_555 ? 
19 AC1 20 HOH C .  ? HOH B 200 . ? 1_555 ? 
20 AC1 20 HOH C .  ? HOH B 208 . ? 1_555 ? 
# 
_atom_sites.entry_id                    3OZZ 
_atom_sites.fract_transf_matrix[1][1]   0.00594681 
_atom_sites.fract_transf_matrix[1][2]   0.00291571 
_atom_sites.fract_transf_matrix[1][3]   0.00621149 
_atom_sites.fract_transf_matrix[2][1]   0.02370234 
_atom_sites.fract_transf_matrix[2][2]   -0.00061040 
_atom_sites.fract_transf_matrix[2][3]   -0.02240583 
_atom_sites.fract_transf_matrix[3][1]   -0.00606938 
_atom_sites.fract_transf_matrix[3][2]   0.04155026 
_atom_sites.fract_transf_matrix[3][3]   -0.00755253 
_atom_sites.fract_transf_vector[1]      0.144220 
_atom_sites.fract_transf_vector[2]      -0.004756 
_atom_sites.fract_transf_vector[3]      0.057313 
# 
loop_
_atom_type.symbol 
C  
FE 
N  
O  
S  
# 
loop_
_atom_site.group_PDB 
_atom_site.id 
_atom_site.type_symbol 
_atom_site.label_atom_id 
_atom_site.label_alt_id 
_atom_site.label_comp_id 
_atom_site.label_asym_id 
_atom_site.label_entity_id 
_atom_site.label_seq_id 
_atom_site.pdbx_PDB_ins_code 
_atom_site.Cartn_x 
_atom_site.Cartn_y 
_atom_site.Cartn_z 
_atom_site.occupancy 
_atom_site.B_iso_or_equiv 
_atom_site.pdbx_formal_charge 
_atom_site.auth_seq_id 
_atom_site.auth_comp_id 
_atom_site.auth_asym_id 
_atom_site.auth_atom_id 
_atom_site.pdbx_PDB_model_num 
ATOM   1   N  N   . ALA A 1 1  ? 13.680  -9.519  11.651  1.00 19.57 ? 3   ALA B N   1 
ATOM   2   C  CA  . ALA A 1 1  ? 13.486  -8.035  11.656  1.00 20.76 ? 3   ALA B CA  1 
ATOM   3   C  C   . ALA A 1 1  ? 12.756  -7.624  10.371  1.00 20.00 ? 3   ALA B C   1 
ATOM   4   O  O   . ALA A 1 1  ? 12.919  -8.269  9.316   1.00 21.67 ? 3   ALA B O   1 
ATOM   5   C  CB  . ALA A 1 1  ? 14.866  -7.331  11.732  1.00 21.93 ? 3   ALA B CB  1 
ATOM   6   N  N   A VAL A 1 2  ? 11.940  -6.585  10.451  0.50 19.54 ? 4   VAL B N   1 
ATOM   7   N  N   B VAL A 1 2  ? 11.947  -6.569  10.451  0.50 19.17 ? 4   VAL B N   1 
ATOM   8   C  CA  A VAL A 1 2  ? 11.222  -6.143  9.261   0.50 19.33 ? 4   VAL B CA  1 
ATOM   9   C  CA  B VAL A 1 2  ? 11.230  -6.095  9.261   0.50 18.54 ? 4   VAL B CA  1 
ATOM   10  C  C   A VAL A 1 2  ? 12.190  -5.339  8.409   0.50 17.76 ? 4   VAL B C   1 
ATOM   11  C  C   B VAL A 1 2  ? 12.236  -5.376  8.390   0.50 17.29 ? 4   VAL B C   1 
ATOM   12  O  O   A VAL A 1 2  ? 13.182  -4.793  8.912   0.50 18.69 ? 4   VAL B O   1 
ATOM   13  O  O   B VAL A 1 2  ? 13.295  -4.923  8.853   0.50 17.86 ? 4   VAL B O   1 
ATOM   14  C  CB  A VAL A 1 2  ? 9.994   -5.271  9.628   0.50 20.61 ? 4   VAL B CB  1 
ATOM   15  C  CB  B VAL A 1 2  ? 10.096  -5.037  9.564   0.50 19.37 ? 4   VAL B CB  1 
ATOM   16  C  CG1 A VAL A 1 2  ? 9.152   -5.030  8.414   0.50 20.07 ? 4   VAL B CG1 1 
ATOM   17  C  CG1 B VAL A 1 2  ? 9.226   -5.477  10.716  0.50 19.53 ? 4   VAL B CG1 1 
ATOM   18  C  CG2 A VAL A 1 2  ? 9.159   -5.971  10.682  0.50 22.14 ? 4   VAL B CG2 1 
ATOM   19  C  CG2 B VAL A 1 2  ? 10.714  -3.662  9.847   0.50 18.86 ? 4   VAL B CG2 1 
ATOM   20  N  N   . LYS A 1 3  ? 11.922  -5.274  7.114   1.00 16.12 ? 5   LYS B N   1 
ATOM   21  C  CA  . LYS A 1 3  ? 12.782  -4.540  6.231   1.00 13.06 ? 5   LYS B CA  1 
ATOM   22  C  C   . LYS A 1 3  ? 12.160  -3.155  6.166   1.00 13.07 ? 5   LYS B C   1 
ATOM   23  O  O   . LYS A 1 3  ? 10.916  -3.033  6.235   1.00 12.51 ? 5   LYS B O   1 
ATOM   24  C  CB  . LYS A 1 3  ? 12.772  -5.118  4.844   1.00 16.19 ? 5   LYS B CB  1 
ATOM   25  C  CG  . LYS A 1 3  ? 13.436  -6.481  4.849   1.00 19.16 ? 5   LYS B CG  1 
ATOM   26  C  CD  . LYS A 1 3  ? 14.155  -6.708  3.587   1.00 23.04 ? 5   LYS B CD  1 
ATOM   27  C  CE  . LYS A 1 3  ? 15.074  -7.922  3.713   1.00 24.46 ? 5   LYS B CE  1 
ATOM   28  N  NZ  . LYS A 1 3  ? 14.242  -9.069  4.163   1.00 30.82 ? 5   LYS B NZ  1 
ATOM   29  N  N   . TYR A 1 4  ? 13.024  -2.129  6.090   1.00 11.77 ? 6   TYR B N   1 
ATOM   30  C  CA  . TYR A 1 4  ? 12.521  -0.789  5.904   1.00 12.39 ? 6   TYR B CA  1 
ATOM   31  C  C   . TYR A 1 4  ? 12.724  -0.402  4.462   1.00 10.15 ? 6   TYR B C   1 
ATOM   32  O  O   . TYR A 1 4  ? 13.774  -0.714  3.821   1.00 10.15 ? 6   TYR B O   1 
ATOM   33  C  CB  . TYR A 1 4  ? 13.298  0.271   6.692   1.00 7.98  ? 6   TYR B CB  1 
ATOM   34  C  CG  . TYR A 1 4  ? 13.064  0.337   8.169   1.00 10.23 ? 6   TYR B CG  1 
ATOM   35  C  CD1 . TYR A 1 4  ? 11.817  0.174   8.735   1.00 8.44  ? 6   TYR B CD1 1 
ATOM   36  C  CD2 . TYR A 1 4  ? 14.145  0.583   9.007   1.00 12.69 ? 6   TYR B CD2 1 
ATOM   37  C  CE1 . TYR A 1 4  ? 11.650  0.211   10.146  1.00 11.88 ? 6   TYR B CE1 1 
ATOM   38  C  CE2 . TYR A 1 4  ? 14.032  0.662   10.372  1.00 15.48 ? 6   TYR B CE2 1 
ATOM   39  C  CZ  . TYR A 1 4  ? 12.786  0.465   10.967  1.00 17.03 ? 6   TYR B CZ  1 
ATOM   40  O  OH  . TYR A 1 4  ? 12.753  0.541   12.370  1.00 17.45 ? 6   TYR B OH  1 
ATOM   41  N  N   . TYR A 1 5  ? 11.753  0.352   3.935   1.00 9.89  ? 7   TYR B N   1 
ATOM   42  C  CA  . TYR A 1 5  ? 11.863  0.890   2.575   1.00 8.60  ? 7   TYR B CA  1 
ATOM   43  C  C   . TYR A 1 5  ? 11.682  2.428   2.678   1.00 10.26 ? 7   TYR B C   1 
ATOM   44  O  O   . TYR A 1 5  ? 10.870  2.895   3.463   1.00 9.56  ? 7   TYR B O   1 
ATOM   45  C  CB  . TYR A 1 5  ? 10.745  0.317   1.689   1.00 9.36  ? 7   TYR B CB  1 
ATOM   46  C  CG  . TYR A 1 5  ? 10.944  -1.168  1.481   1.00 8.56  ? 7   TYR B CG  1 
ATOM   47  C  CD1 . TYR A 1 5  ? 11.906  -1.634  0.549   1.00 8.35  ? 7   TYR B CD1 1 
ATOM   48  C  CD2 . TYR A 1 5  ? 10.251  -2.077  2.258   1.00 10.30 ? 7   TYR B CD2 1 
ATOM   49  C  CE1 . TYR A 1 5  ? 12.152  -3.032  0.417   1.00 11.78 ? 7   TYR B CE1 1 
ATOM   50  C  CE2 . TYR A 1 5  ? 10.491  -3.456  2.121   1.00 10.75 ? 7   TYR B CE2 1 
ATOM   51  C  CZ  . TYR A 1 5  ? 11.429  -3.902  1.213   1.00 13.93 ? 7   TYR B CZ  1 
ATOM   52  O  OH  . TYR A 1 5  ? 11.672  -5.270  1.093   1.00 17.50 ? 7   TYR B OH  1 
ATOM   53  N  N   . THR A 1 6  ? 12.426  3.189   1.890   1.00 10.83 ? 8   THR B N   1 
ATOM   54  C  CA  . THR A 1 6  ? 12.327  4.662   1.909   1.00 11.40 ? 8   THR B CA  1 
ATOM   55  C  C   . THR A 1 6  ? 11.160  5.134   1.015   1.00 12.38 ? 8   THR B C   1 
ATOM   56  O  O   . THR A 1 6  ? 10.738  4.440   0.100   1.00 12.72 ? 8   THR B O   1 
ATOM   57  C  CB  . THR A 1 6  ? 13.577  5.266   1.331   1.00 9.87  ? 8   THR B CB  1 
ATOM   58  O  OG1 . THR A 1 6  ? 13.756  4.809   -0.027  1.00 11.22 ? 8   THR B OG1 1 
ATOM   59  C  CG2 . THR A 1 6  ? 14.817  4.888   2.218   1.00 8.72  ? 8   THR B CG2 1 
ATOM   60  N  N   . LEU A 1 7  ? 10.681  6.354   1.225   1.00 12.59 ? 9   LEU B N   1 
ATOM   61  C  CA  . LEU A 1 7  ? 9.616   6.896   0.357   1.00 14.40 ? 9   LEU B CA  1 
ATOM   62  C  C   . LEU A 1 7  ? 10.161  6.967   -1.089  1.00 16.42 ? 9   LEU B C   1 
ATOM   63  O  O   . LEU A 1 7  ? 9.437   6.757   -2.092  1.00 17.89 ? 9   LEU B O   1 
ATOM   64  C  CB  . LEU A 1 7  ? 9.246   8.307   0.834   1.00 17.43 ? 9   LEU B CB  1 
ATOM   65  C  CG  . LEU A 1 7  ? 8.516   8.440   2.149   1.00 18.96 ? 9   LEU B CG  1 
ATOM   66  C  CD1 . LEU A 1 7  ? 8.431   9.923   2.630   1.00 20.81 ? 9   LEU B CD1 1 
ATOM   67  C  CD2 . LEU A 1 7  ? 7.071   7.910   1.907   1.00 21.07 ? 9   LEU B CD2 1 
ATOM   68  N  N   . GLU A 1 8  ? 11.453  7.264   -1.205  1.00 16.79 ? 10  GLU B N   1 
ATOM   69  C  CA  . GLU A 1 8  ? 12.129  7.359   -2.493  1.00 19.22 ? 10  GLU B CA  1 
ATOM   70  C  C   . GLU A 1 8  ? 12.036  6.043   -3.261  1.00 17.35 ? 10  GLU B C   1 
ATOM   71  O  O   . GLU A 1 8  ? 11.759  6.014   -4.490  1.00 18.87 ? 10  GLU B O   1 
ATOM   72  C  CB  . GLU A 1 8  ? 13.614  7.739   -2.275  1.00 22.11 ? 10  GLU B CB  1 
ATOM   73  C  CG  . GLU A 1 8  ? 14.325  8.187   -3.521  1.00 27.59 ? 10  GLU B CG  1 
ATOM   74  C  CD  . GLU A 1 8  ? 13.964  9.626   -3.912  1.00 28.53 ? 10  GLU B CD  1 
ATOM   75  O  OE1 . GLU A 1 8  ? 12.794  9.856   -4.277  0.50 28.15 ? 10  GLU B OE1 1 
ATOM   76  O  OE2 . GLU A 1 8  ? 14.850  10.535  -3.814  1.00 29.77 ? 10  GLU B OE2 1 
ATOM   77  N  N   . GLU A 1 9  ? 12.244  4.942   -2.555  1.00 15.06 ? 11  GLU B N   1 
ATOM   78  C  CA  . GLU A 1 9  ? 12.179  3.657   -3.254  1.00 11.86 ? 11  GLU B CA  1 
ATOM   79  C  C   . GLU A 1 9  ? 10.693  3.288   -3.492  1.00 10.85 ? 11  GLU B C   1 
ATOM   80  O  O   . GLU A 1 9  ? 10.349  2.772   -4.533  1.00 11.79 ? 11  GLU B O   1 
ATOM   81  C  CB  . GLU A 1 9  ? 12.870  2.552   -2.425  1.00 14.44 ? 11  GLU B CB  1 
ATOM   82  C  CG  . GLU A 1 9  ? 12.764  1.138   -3.024  1.00 16.32 ? 11  GLU B CG  1 
ATOM   83  C  CD  . GLU A 1 9  ? 13.570  0.928   -4.312  1.00 22.93 ? 11  GLU B CD  1 
ATOM   84  O  OE1 . GLU A 1 9  ? 14.514  1.727   -4.572  1.00 23.88 ? 11  GLU B OE1 1 
ATOM   85  O  OE2 . GLU A 1 9  ? 13.252  -0.052  -5.048  1.00 28.34 ? 11  GLU B OE2 1 
ATOM   86  N  N   . ILE A 1 10 ? 9.819   3.594   -2.534  1.00 8.26  ? 12  ILE B N   1 
ATOM   87  C  CA  . ILE A 1 10 ? 8.435   3.208   -2.648  1.00 10.16 ? 12  ILE B CA  1 
ATOM   88  C  C   . ILE A 1 10 ? 7.786   3.907   -3.827  1.00 10.41 ? 12  ILE B C   1 
ATOM   89  O  O   . ILE A 1 10 ? 6.990   3.316   -4.508  1.00 11.44 ? 12  ILE B O   1 
ATOM   90  C  CB  . ILE A 1 10 ? 7.690   3.518   -1.346  1.00 10.93 ? 12  ILE B CB  1 
ATOM   91  C  CG1 . ILE A 1 10 ? 8.227   2.618   -0.253  1.00 8.47  ? 12  ILE B CG1 1 
ATOM   92  C  CG2 . ILE A 1 10 ? 6.155   3.291   -1.489  1.00 10.86 ? 12  ILE B CG2 1 
ATOM   93  C  CD1 . ILE A 1 10 ? 7.914   3.101   1.196   1.00 8.91  ? 12  ILE B CD1 1 
ATOM   94  N  N   . GLN A 1 11 ? 8.135   5.176   -4.055  1.00 12.86 ? 13  GLN B N   1 
ATOM   95  C  CA  . GLN A 1 11 ? 7.525   5.922   -5.176  1.00 14.38 ? 13  GLN B CA  1 
ATOM   96  C  C   . GLN A 1 11 ? 7.818   5.348   -6.546  1.00 15.93 ? 13  GLN B C   1 
ATOM   97  O  O   . GLN A 1 11 ? 7.111   5.664   -7.517  1.00 17.88 ? 13  GLN B O   1 
ATOM   98  C  CB  . GLN A 1 11 ? 7.934   7.405   -5.128  1.00 17.60 ? 13  GLN B CB  1 
ATOM   99  C  CG  . GLN A 1 11 ? 9.403   7.673   -5.430  0.50 20.14 ? 13  GLN B CG  1 
ATOM   100 C  CD  . GLN A 1 11 ? 9.714   9.159   -5.336  0.50 23.82 ? 13  GLN B CD  1 
ATOM   101 O  OE1 . GLN A 1 11 ? 10.467  9.678   -6.162  0.50 25.68 ? 13  GLN B OE1 1 
ATOM   102 N  NE2 . GLN A 1 11 ? 9.146   9.846   -4.346  0.50 24.72 ? 13  GLN B NE2 1 
ATOM   103 N  N   . LYS A 1 12 ? 8.854   4.529   -6.653  1.00 15.85 ? 14  LYS B N   1 
ATOM   104 C  CA  . LYS A 1 12 ? 9.180   3.893   -7.925  1.00 15.62 ? 14  LYS B CA  1 
ATOM   105 C  C   . LYS A 1 12 ? 8.174   2.789   -8.299  1.00 16.94 ? 14  LYS B C   1 
ATOM   106 O  O   . LYS A 1 12 ? 8.037   2.471   -9.474  1.00 17.63 ? 14  LYS B O   1 
ATOM   107 C  CB  . LYS A 1 12 ? 10.595  3.308   -7.894  1.00 17.24 ? 14  LYS B CB  1 
ATOM   108 C  CG  . LYS A 1 12 ? 11.693  4.347   -7.735  1.00 20.36 ? 14  LYS B CG  1 
ATOM   109 C  CD  . LYS A 1 12 ? 13.071  3.660   -7.861  1.00 23.74 ? 14  LYS B CD  1 
ATOM   110 C  CE  . LYS A 1 12 ? 14.216  4.661   -7.915  1.00 27.98 ? 14  LYS B CE  1 
ATOM   111 N  NZ  . LYS A 1 12 ? 15.335  4.363   -6.930  1.00 29.39 ? 14  LYS B NZ  1 
ATOM   112 N  N   . HIS A 1 13 ? 7.453   2.245   -7.308  1.00 13.49 ? 15  HIS B N   1 
ATOM   113 C  CA  . HIS A 1 13 ? 6.478   1.208   -7.504  1.00 15.44 ? 15  HIS B CA  1 
ATOM   114 C  C   . HIS A 1 13 ? 5.125   1.910   -7.597  1.00 17.05 ? 15  HIS B C   1 
ATOM   115 O  O   . HIS A 1 13 ? 4.279   1.804   -6.712  1.00 16.66 ? 15  HIS B O   1 
ATOM   116 C  CB  . HIS A 1 13 ? 6.544   0.247   -6.319  1.00 13.97 ? 15  HIS B CB  1 
ATOM   117 C  CG  . HIS A 1 13 ? 7.876   -0.425  -6.200  1.00 13.74 ? 15  HIS B CG  1 
ATOM   118 N  ND1 . HIS A 1 13 ? 8.153   -1.615  -6.844  1.00 13.58 ? 15  HIS B ND1 1 
ATOM   119 C  CD2 . HIS A 1 13 ? 9.031   -0.028  -5.612  1.00 13.85 ? 15  HIS B CD2 1 
ATOM   120 C  CE1 . HIS A 1 13 ? 9.426   -1.935  -6.639  1.00 17.61 ? 15  HIS B CE1 1 
ATOM   121 N  NE2 . HIS A 1 13 ? 9.981   -0.993  -5.889  1.00 13.02 ? 15  HIS B NE2 1 
ATOM   122 N  N   . ASN A 1 14 ? 4.911   2.595   -8.726  1.00 19.03 ? 16  ASN B N   1 
ATOM   123 C  CA  . ASN A 1 14 ? 3.722   3.402   -8.870  1.00 19.37 ? 16  ASN B CA  1 
ATOM   124 C  C   . ASN A 1 14 ? 2.896   3.200   -10.121 1.00 19.45 ? 16  ASN B C   1 
ATOM   125 O  O   . ASN A 1 14 ? 2.322   4.189   -10.607 1.00 20.28 ? 16  ASN B O   1 
ATOM   126 C  CB  . ASN A 1 14 ? 4.128   4.857   -8.833  1.00 20.82 ? 16  ASN B CB  1 
ATOM   127 C  CG  . ASN A 1 14 ? 5.020   5.245   -10.032 1.00 22.74 ? 16  ASN B CG  1 
ATOM   128 O  OD1 . ASN A 1 14 ? 5.546   4.380   -10.732 1.00 22.35 ? 16  ASN B OD1 1 
ATOM   129 N  ND2 . ASN A 1 14 ? 5.215   6.552   -10.246 1.00 24.31 ? 16  ASN B ND2 1 
ATOM   130 N  N   . ASN A 1 15 ? 2.827   1.978   -10.615 1.00 19.08 ? 17  ASN B N   1 
ATOM   131 C  CA  . ASN A 1 15 ? 2.078   1.644   -11.835 1.00 19.26 ? 17  ASN B CA  1 
ATOM   132 C  C   . ASN A 1 15 ? 1.566   0.207   -11.831 1.00 19.26 ? 17  ASN B C   1 
ATOM   133 O  O   . ASN A 1 15 ? 1.833   -0.567  -10.908 1.00 18.34 ? 17  ASN B O   1 
ATOM   134 C  CB  . ASN A 1 15 ? 2.966   1.865   -13.049 1.00 21.68 ? 17  ASN B CB  1 
ATOM   135 C  CG  . ASN A 1 15 ? 4.279   1.087   -12.936 1.00 22.53 ? 17  ASN B CG  1 
ATOM   136 O  OD1 . ASN A 1 15 ? 4.292   -0.138  -12.987 1.00 22.08 ? 17  ASN B OD1 1 
ATOM   137 N  ND2 . ASN A 1 15 ? 5.380   1.809   -12.707 1.00 24.34 ? 17  ASN B ND2 1 
ATOM   138 N  N   . ALA A 1 16 ? 0.842   -0.173  -12.896 1.00 18.21 ? 18  ALA B N   1 
ATOM   139 C  CA  . ALA A 1 16 ? 0.258   -1.499  -12.954 1.00 19.51 ? 18  ALA B CA  1 
ATOM   140 C  C   . ALA A 1 16 ? 1.237   -2.617  -12.917 1.00 18.26 ? 18  ALA B C   1 
ATOM   141 O  O   . ALA A 1 16 ? 0.879   -3.735  -12.551 1.00 20.27 ? 18  ALA B O   1 
ATOM   142 C  CB  . ALA A 1 16 ? -0.618  -1.627  -14.212 1.00 17.23 ? 18  ALA B CB  1 
ATOM   143 N  N   . LYS A 1 17 ? 2.487   -2.343  -13.280 1.00 20.84 ? 19  LYS B N   1 
ATOM   144 C  CA  . LYS A 1 17 ? 3.475   -3.426  -13.283 1.00 19.88 ? 19  LYS B CA  1 
ATOM   145 C  C   . LYS A 1 17 ? 4.077   -3.703  -11.905 1.00 19.54 ? 19  LYS B C   1 
ATOM   146 O  O   . LYS A 1 17 ? 4.611   -4.770  -11.651 1.00 17.95 ? 19  LYS B O   1 
ATOM   147 C  CB  . LYS A 1 17 ? 4.587   -3.104  -14.282 1.00 21.01 ? 19  LYS B CB  1 
ATOM   148 C  CG  . LYS A 1 17 ? 4.031   -2.943  -15.717 1.00 22.41 ? 19  LYS B CG  1 
ATOM   149 C  CD  . LYS A 1 17 ? 5.065   -2.220  -16.535 1.00 22.48 ? 19  LYS B CD  1 
ATOM   150 C  CE  . LYS A 1 17 ? 4.759   -2.202  -18.029 1.00 20.15 ? 19  LYS B CE  1 
ATOM   151 N  NZ  . LYS A 1 17 ? 6.008   -1.723  -18.624 1.00 22.62 ? 19  LYS B NZ  1 
ATOM   152 N  N   . SER A 1 18 ? 4.001   -2.702  -11.044 1.00 18.12 ? 20  SER B N   1 
ATOM   153 C  CA  . SER A 1 18 ? 4.460   -2.846  -9.692  1.00 17.94 ? 20  SER B CA  1 
ATOM   154 C  C   . SER A 1 18 ? 3.905   -1.698  -8.868  1.00 14.67 ? 20  SER B C   1 
ATOM   155 O  O   . SER A 1 18 ? 4.250   -0.519  -9.068  1.00 14.10 ? 20  SER B O   1 
ATOM   156 C  CB  . SER A 1 18 ? 5.968   -2.847  -9.600  1.00 18.24 ? 20  SER B CB  1 
ATOM   157 O  OG  . SER A 1 18 ? 6.261   -3.141  -8.243  1.00 19.41 ? 20  SER B OG  1 
ATOM   158 N  N   . THR A 1 19 ? 3.018   -2.055  -7.955  1.00 15.19 ? 21  THR B N   1 
ATOM   159 C  CA  . THR A 1 19 ? 2.411   -1.035  -7.107  1.00 13.40 ? 21  THR B CA  1 
ATOM   160 C  C   . THR A 1 19 ? 2.617   -1.325  -5.651  1.00 11.15 ? 21  THR B C   1 
ATOM   161 O  O   . THR A 1 19 ? 2.171   -2.336  -5.142  1.00 15.57 ? 21  THR B O   1 
ATOM   162 C  CB  . THR A 1 19 ? 0.884   -0.938  -7.294  1.00 13.57 ? 21  THR B CB  1 
ATOM   163 O  OG1 . THR A 1 19 ? 0.606   -0.319  -8.541  1.00 19.10 ? 21  THR B OG1 1 
ATOM   164 C  CG2 . THR A 1 19 ? 0.293   -0.065  -6.180  1.00 16.13 ? 21  THR B CG2 1 
ATOM   165 N  N   . TRP A 1 20 ? 3.314   -0.411  -4.984  1.00 10.93 ? 22  TRP B N   1 
ATOM   166 C  CA  . TRP A 1 20 ? 3.488   -0.522  -3.539  1.00 8.92  ? 22  TRP B CA  1 
ATOM   167 C  C   . TRP A 1 20 ? 2.675   0.648   -2.903  1.00 10.90 ? 22  TRP B C   1 
ATOM   168 O  O   . TRP A 1 20 ? 2.408   1.671   -3.575  1.00 12.02 ? 22  TRP B O   1 
ATOM   169 C  CB  . TRP A 1 20 ? 4.986   -0.388  -3.130  1.00 9.23  ? 22  TRP B CB  1 
ATOM   170 C  CG  . TRP A 1 20 ? 5.860   -1.496  -3.519  1.00 11.19 ? 22  TRP B CG  1 
ATOM   171 C  CD1 . TRP A 1 20 ? 5.579   -2.567  -4.308  1.00 13.13 ? 22  TRP B CD1 1 
ATOM   172 C  CD2 . TRP A 1 20 ? 7.230   -1.626  -3.123  1.00 11.79 ? 22  TRP B CD2 1 
ATOM   173 N  NE1 . TRP A 1 20 ? 6.699   -3.373  -4.431  1.00 12.72 ? 22  TRP B NE1 1 
ATOM   174 C  CE2 . TRP A 1 20 ? 7.728   -2.817  -3.715  1.00 13.67 ? 22  TRP B CE2 1 
ATOM   175 C  CE3 . TRP A 1 20 ? 8.079   -0.848  -2.332  1.00 12.25 ? 22  TRP B CE3 1 
ATOM   176 C  CZ2 . TRP A 1 20 ? 9.030   -3.241  -3.532  1.00 12.72 ? 22  TRP B CZ2 1 
ATOM   177 C  CZ3 . TRP A 1 20 ? 9.375   -1.271  -2.152  1.00 12.93 ? 22  TRP B CZ3 1 
ATOM   178 C  CH2 . TRP A 1 20 ? 9.847   -2.458  -2.747  1.00 13.66 ? 22  TRP B CH2 1 
ATOM   179 N  N   . MET A 1 21 ? 2.266   0.466   -1.639  1.00 11.13 ? 23  MET B N   1 
ATOM   180 C  CA  . MET A 1 21 ? 1.569   1.537   -0.896  1.00 11.10 ? 23  MET B CA  1 
ATOM   181 C  C   . MET A 1 21 ? 1.958   1.461   0.573   1.00 11.25 ? 23  MET B C   1 
ATOM   182 O  O   . MET A 1 21 ? 2.362   0.436   1.107   1.00 10.46 ? 23  MET B O   1 
ATOM   183 C  CB  . MET A 1 21 ? 0.026   1.435   -0.905  1.00 12.56 ? 23  MET B CB  1 
ATOM   184 C  CG  . MET A 1 21 ? -0.611  1.650   -2.177  1.00 14.62 ? 23  MET B CG  1 
ATOM   185 S  SD  . MET A 1 21 ? -2.400  1.632   -1.734  1.00 17.41 ? 23  MET B SD  1 
ATOM   186 C  CE  . MET A 1 21 ? -2.874  2.366   -3.189  1.00 21.55 ? 23  MET B CE  1 
ATOM   187 N  N   . ILE A 1 22 ? 1.941   2.627   1.179   1.00 10.08 ? 24  ILE B N   1 
ATOM   188 C  CA  . ILE A 1 22 ? 2.168   2.728   2.605   1.00 8.50  ? 24  ILE B CA  1 
ATOM   189 C  C   . ILE A 1 22 ? 0.817   2.929   3.264   1.00 8.69  ? 24  ILE B C   1 
ATOM   190 O  O   . ILE A 1 22 ? 0.051   3.835   2.875   1.00 10.19 ? 24  ILE B O   1 
ATOM   191 C  CB  . ILE A 1 22 ? 3.006   3.967   2.949   1.00 7.38  ? 24  ILE B CB  1 
ATOM   192 C  CG1 . ILE A 1 22 ? 4.354   3.866   2.240   1.00 11.56 ? 24  ILE B CG1 1 
ATOM   193 C  CG2 . ILE A 1 22 ? 3.246   4.068   4.495   1.00 10.68 ? 24  ILE B CG2 1 
ATOM   194 C  CD1 . ILE A 1 22 ? 4.960   5.227   1.857   1.00 13.04 ? 24  ILE B CD1 1 
ATOM   195 N  N   . ILE A 1 23 ? 0.536   2.163   4.327   1.00 7.05  ? 25  ILE B N   1 
ATOM   196 C  CA  . ILE A 1 23 ? -0.709  2.383   5.101   1.00 8.07  ? 25  ILE B CA  1 
ATOM   197 C  C   . ILE A 1 23 ? -0.293  2.247   6.545   1.00 9.07  ? 25  ILE B C   1 
ATOM   198 O  O   . ILE A 1 23 ? 0.139   1.185   6.962   1.00 8.77  ? 25  ILE B O   1 
ATOM   199 C  CB  . ILE A 1 23 ? -1.824  1.362   4.762   1.00 8.17  ? 25  ILE B CB  1 
ATOM   200 C  CG1 . ILE A 1 23 ? -2.240  1.624   3.296   1.00 9.78  ? 25  ILE B CG1 1 
ATOM   201 C  CG2 . ILE A 1 23 ? -3.118  1.564   5.656   1.00 9.33  ? 25  ILE B CG2 1 
ATOM   202 C  CD1 . ILE A 1 23 ? -3.281  0.696   2.673   1.00 10.65 ? 25  ILE B CD1 1 
ATOM   203 N  N   . HIS A 1 24 ? -0.494  3.303   7.323   1.00 8.77  ? 26  HIS B N   1 
ATOM   204 C  CA  . HIS A 1 24 ? -0.059  3.271   8.736   1.00 8.11  ? 26  HIS B CA  1 
ATOM   205 C  C   . HIS A 1 24 ? 1.386   2.778   8.933   1.00 8.02  ? 26  HIS B C   1 
ATOM   206 O  O   . HIS A 1 24 ? 1.635   1.903   9.779   1.00 7.29  ? 26  HIS B O   1 
ATOM   207 C  CB  . HIS A 1 24 ? -1.000  2.414   9.593   1.00 11.76 ? 26  HIS B CB  1 
ATOM   208 C  CG  . HIS A 1 24 ? -2.386  2.953   9.660   1.00 9.97  ? 26  HIS B CG  1 
ATOM   209 N  ND1 . HIS A 1 24 ? -2.672  4.193   10.192  1.00 12.11 ? 26  HIS B ND1 1 
ATOM   210 C  CD2 . HIS A 1 24 ? -3.574  2.423   9.273   1.00 11.03 ? 26  HIS B CD2 1 
ATOM   211 C  CE1 . HIS A 1 24 ? -3.979  4.396   10.127  1.00 9.99  ? 26  HIS B CE1 1 
ATOM   212 N  NE2 . HIS A 1 24 ? -4.540  3.337   9.573   1.00 10.37 ? 26  HIS B NE2 1 
ATOM   213 N  N   . TYR A 1 25 ? 2.313   3.364   8.180   1.00 9.93  ? 27  TYR B N   1 
ATOM   214 C  CA  . TYR A 1 25 ? 3.744   3.013   8.179   1.00 9.93  ? 27  TYR B CA  1 
ATOM   215 C  C   . TYR A 1 25 ? 4.117   1.603   7.713   1.00 10.24 ? 27  TYR B C   1 
ATOM   216 O  O   . TYR A 1 25 ? 5.292   1.284   7.606   1.00 10.51 ? 27  TYR B O   1 
ATOM   217 C  CB  . TYR A 1 25 ? 4.423   3.224   9.569   1.00 7.90  ? 27  TYR B CB  1 
ATOM   218 C  CG  . TYR A 1 25 ? 4.488   4.683   10.015  1.00 8.56  ? 27  TYR B CG  1 
ATOM   219 C  CD1 . TYR A 1 25 ? 4.580   5.724   9.078   1.00 8.85  ? 27  TYR B CD1 1 
ATOM   220 C  CD2 . TYR A 1 25 ? 4.499   4.994   11.374  1.00 7.29  ? 27  TYR B CD2 1 
ATOM   221 C  CE1 . TYR A 1 25 ? 4.667   7.085   9.492   1.00 10.69 ? 27  TYR B CE1 1 
ATOM   222 C  CE2 . TYR A 1 25 ? 4.593   6.340   11.806  1.00 12.10 ? 27  TYR B CE2 1 
ATOM   223 C  CZ  . TYR A 1 25 ? 4.683   7.349   10.854  1.00 13.52 ? 27  TYR B CZ  1 
ATOM   224 O  OH  . TYR A 1 25 ? 4.861   8.633   11.310  1.00 15.19 ? 27  TYR B OH  1 
ATOM   225 N  N   . LYS A 1 26 ? 3.150   0.766   7.436   1.00 9.15  ? 28  LYS B N   1 
ATOM   226 C  CA  . LYS A 1 26 ? 3.496   -0.566  6.882   1.00 9.14  ? 28  LYS B CA  1 
ATOM   227 C  C   . LYS A 1 26 ? 3.543   -0.415  5.351   1.00 9.21  ? 28  LYS B C   1 
ATOM   228 O  O   . LYS A 1 26 ? 2.827   0.412   4.793   1.00 7.17  ? 28  LYS B O   1 
ATOM   229 C  CB  . LYS A 1 26 ? 2.415   -1.582  7.286   1.00 5.83  ? 28  LYS B CB  1 
ATOM   230 C  CG  . LYS A 1 26 ? 2.547   -1.992  8.768   1.00 11.89 ? 28  LYS B CG  1 
ATOM   231 C  CD  . LYS A 1 26 ? 1.439   -3.025  9.068   1.00 13.80 ? 28  LYS B CD  1 
ATOM   232 C  CE  . LYS A 1 26 ? 1.402   -3.466  10.538  1.00 16.00 ? 28  LYS B CE  1 
ATOM   233 N  NZ  . LYS A 1 26 ? 1.923   -4.865  10.683  1.00 17.48 ? 28  LYS B NZ  1 
ATOM   234 N  N   . VAL A 1 27 ? 4.392   -1.184  4.691   1.00 8.85  ? 29  VAL B N   1 
ATOM   235 C  CA  . VAL A 1 27 ? 4.564   -1.123  3.248   1.00 7.72  ? 29  VAL B CA  1 
ATOM   236 C  C   . VAL A 1 27 ? 4.047   -2.423  2.641   1.00 11.17 ? 29  VAL B C   1 
ATOM   237 O  O   . VAL A 1 27 ? 4.402   -3.516  3.060   1.00 10.47 ? 29  VAL B O   1 
ATOM   238 C  CB  . VAL A 1 27 ? 6.083   -0.929  2.898   1.00 7.63  ? 29  VAL B CB  1 
ATOM   239 C  CG1 . VAL A 1 27 ? 6.234   -0.900  1.348   1.00 10.50 ? 29  VAL B CG1 1 
ATOM   240 C  CG2 . VAL A 1 27 ? 6.546   0.440   3.458   1.00 9.38  ? 29  VAL B CG2 1 
ATOM   241 N  N   . TYR A 1 28 ? 3.226   -2.256  1.606   1.00 9.74  ? 30  TYR B N   1 
ATOM   242 C  CA  . TYR A 1 28 ? 2.592   -3.379  0.955   1.00 10.73 ? 30  TYR B CA  1 
ATOM   243 C  C   . TYR A 1 28 ? 2.846   -3.407  -0.549  1.00 10.58 ? 30  TYR B C   1 
ATOM   244 O  O   . TYR A 1 28 ? 2.873   -2.347  -1.184  1.00 10.27 ? 30  TYR B O   1 
ATOM   245 C  CB  . TYR A 1 28 ? 1.087   -3.239  1.128   1.00 7.75  ? 30  TYR B CB  1 
ATOM   246 C  CG  . TYR A 1 28 ? 0.633   -3.137  2.578   1.00 9.69  ? 30  TYR B CG  1 
ATOM   247 C  CD1 . TYR A 1 28 ? 0.582   -1.884  3.230   1.00 9.73  ? 30  TYR B CD1 1 
ATOM   248 C  CD2 . TYR A 1 28 ? 0.265   -4.277  3.309   1.00 9.22  ? 30  TYR B CD2 1 
ATOM   249 C  CE1 . TYR A 1 28 ? 0.183   -1.809  4.592   1.00 8.01  ? 30  TYR B CE1 1 
ATOM   250 C  CE2 . TYR A 1 28 ? -0.129  -4.212  4.625   1.00 10.24 ? 30  TYR B CE2 1 
ATOM   251 C  CZ  . TYR A 1 28 ? -0.164  -2.984  5.281   1.00 6.72  ? 30  TYR B CZ  1 
ATOM   252 O  OH  . TYR A 1 28 ? -0.513  -2.892  6.624   1.00 8.95  ? 30  TYR B OH  1 
ATOM   253 N  N   . ASP A 1 29 ? 3.000   -4.633  -1.085  1.00 11.49 ? 31  ASP B N   1 
ATOM   254 C  CA  . ASP A 1 29 ? 3.098   -4.811  -2.554  1.00 11.91 ? 31  ASP B CA  1 
ATOM   255 C  C   . ASP A 1 29 ? 1.768   -5.481  -2.949  1.00 11.92 ? 31  ASP B C   1 
ATOM   256 O  O   . ASP A 1 29 ? 1.557   -6.672  -2.658  1.00 15.27 ? 31  ASP B O   1 
ATOM   257 C  CB  . ASP A 1 29 ? 4.261   -5.722  -2.933  1.00 11.65 ? 31  ASP B CB  1 
ATOM   258 C  CG  . ASP A 1 29 ? 4.356   -5.877  -4.445  1.00 12.11 ? 31  ASP B CG  1 
ATOM   259 O  OD1 . ASP A 1 29 ? 3.335   -5.653  -5.120  1.00 14.65 ? 31  ASP B OD1 1 
ATOM   260 O  OD2 . ASP A 1 29 ? 5.461   -6.162  -4.937  1.00 13.24 ? 31  ASP B OD2 1 
ATOM   261 N  N   . ILE A 1 30 ? 0.885   -4.670  -3.521  1.00 14.47 ? 32  ILE B N   1 
ATOM   262 C  CA  . ILE A 1 30 ? -0.463  -5.078  -3.899  1.00 15.78 ? 32  ILE B CA  1 
ATOM   263 C  C   . ILE A 1 30 ? -0.608  -5.276  -5.395  1.00 17.81 ? 32  ILE B C   1 
ATOM   264 O  O   . ILE A 1 30 ? -1.725  -5.363  -5.908  1.00 17.20 ? 32  ILE B O   1 
ATOM   265 C  CB  . ILE A 1 30 ? -1.509  -4.008  -3.443  1.00 13.21 ? 32  ILE B CB  1 
ATOM   266 C  CG1 . ILE A 1 30 ? -1.287  -2.721  -4.193  1.00 14.24 ? 32  ILE B CG1 1 
ATOM   267 C  CG2 . ILE A 1 30 ? -1.383  -3.807  -1.874  1.00 12.66 ? 32  ILE B CG2 1 
ATOM   268 C  CD1 . ILE A 1 30 ? -2.349  -1.661  -3.953  1.00 18.31 ? 32  ILE B CD1 1 
ATOM   269 N  N   . THR A 1 31 ? 0.515   -5.347  -6.085  1.00 17.21 ? 33  THR B N   1 
ATOM   270 C  CA  . THR A 1 31 ? 0.507   -5.521  -7.538  1.00 19.87 ? 33  THR B CA  1 
ATOM   271 C  C   . THR A 1 31 ? -0.456  -6.583  -8.012  1.00 20.20 ? 33  THR B C   1 
ATOM   272 O  O   . THR A 1 31 ? -1.242  -6.312  -8.932  1.00 22.55 ? 33  THR B O   1 
ATOM   273 C  CB  . THR A 1 31 ? 1.899   -5.905  -8.043  1.00 20.58 ? 33  THR B CB  1 
ATOM   274 O  OG1 . THR A 1 31 ? 2.826   -4.856  -7.751  1.00 17.40 ? 33  THR B OG1 1 
ATOM   275 C  CG2 . THR A 1 31 ? 1.861   -6.096  -9.553  1.00 19.05 ? 33  THR B CG2 1 
ATOM   276 N  N   . ARG A 1 32 ? -0.444  -7.746  -7.368  1.00 20.87 ? 34  ARG B N   1 
ATOM   277 C  CA  . ARG A 1 32 ? -1.285  -8.874  -7.780  1.00 23.81 ? 34  ARG B CA  1 
ATOM   278 C  C   . ARG A 1 32 ? -2.781  -8.748  -7.519  1.00 25.18 ? 34  ARG B C   1 
ATOM   279 O  O   . ARG A 1 32 ? -3.561  -9.554  -8.012  1.00 26.47 ? 34  ARG B O   1 
ATOM   280 C  CB  . ARG A 1 32 ? -0.818  -10.138 -7.125  1.00 23.26 ? 34  ARG B CB  1 
ATOM   281 C  CG  . ARG A 1 32 ? -1.194  -10.238 -5.664  1.00 25.51 ? 34  ARG B CG  1 
ATOM   282 C  CD  . ARG A 1 32 ? -0.415  -11.342 -4.968  1.00 27.20 ? 34  ARG B CD  1 
ATOM   283 N  NE  . ARG A 1 32 ? -0.903  -11.545 -3.615  1.00 24.25 ? 34  ARG B NE  1 
ATOM   284 C  CZ  . ARG A 1 32 ? -0.230  -11.326 -2.502  1.00 26.60 ? 34  ARG B CZ  1 
ATOM   285 N  NH1 . ARG A 1 32 ? 1.019   -10.881 -2.512  1.00 29.88 ? 34  ARG B NH1 1 
ATOM   286 N  NH2 . ARG A 1 32 ? -0.842  -11.531 -1.349  1.00 26.59 ? 34  ARG B NH2 1 
ATOM   287 N  N   . PHE A 1 33 ? -3.164  -7.732  -6.762  1.00 23.96 ? 35  PHE B N   1 
ATOM   288 C  CA  . PHE A 1 33 ? -4.562  -7.491  -6.363  1.00 23.03 ? 35  PHE B CA  1 
ATOM   289 C  C   . PHE A 1 33 ? -5.139  -6.294  -7.140  1.00 23.12 ? 35  PHE B C   1 
ATOM   290 O  O   . PHE A 1 33 ? -6.293  -5.898  -6.978  1.00 22.57 ? 35  PHE B O   1 
ATOM   291 C  CB  . PHE A 1 33 ? -4.502  -7.188  -4.862  1.00 21.78 ? 35  PHE B CB  1 
ATOM   292 C  CG  . PHE A 1 33 ? -5.835  -6.861  -4.215  1.00 20.80 ? 35  PHE B CG  1 
ATOM   293 C  CD1 . PHE A 1 33 ? -6.822  -7.849  -4.055  1.00 19.49 ? 35  PHE B CD1 1 
ATOM   294 C  CD2 . PHE A 1 33 ? -6.059  -5.575  -3.696  1.00 19.64 ? 35  PHE B CD2 1 
ATOM   295 C  CE1 . PHE A 1 33 ? -8.010  -7.558  -3.390  1.00 19.85 ? 35  PHE B CE1 1 
ATOM   296 C  CE2 . PHE A 1 33 ? -7.250  -5.281  -3.018  1.00 20.31 ? 35  PHE B CE2 1 
ATOM   297 C  CZ  . PHE A 1 33 ? -8.202  -6.255  -2.872  1.00 17.83 ? 35  PHE B CZ  1 
ATOM   298 N  N   . LEU A 1 34 ? -4.318  -5.694  -7.993  1.00 23.45 ? 36  LEU B N   1 
ATOM   299 C  CA  . LEU A 1 34 ? -4.739  -4.500  -8.689  1.00 21.96 ? 36  LEU B CA  1 
ATOM   300 C  C   . LEU A 1 34 ? -5.963  -4.778  -9.580  1.00 24.16 ? 36  LEU B C   1 
ATOM   301 O  O   . LEU A 1 34 ? -6.744  -3.904  -9.824  1.00 24.99 ? 36  LEU B O   1 
ATOM   302 C  CB  . LEU A 1 34 ? -3.589  -3.955  -9.554  1.00 23.71 ? 36  LEU B CB  1 
ATOM   303 C  CG  . LEU A 1 34 ? -2.386  -3.239  -8.911  1.00 21.61 ? 36  LEU B CG  1 
ATOM   304 C  CD1 . LEU A 1 34 ? -1.266  -3.042  -9.941  1.00 22.40 ? 36  LEU B CD1 1 
ATOM   305 C  CD2 . LEU A 1 34 ? -2.804  -1.861  -8.395  1.00 23.03 ? 36  LEU B CD2 1 
ATOM   306 N  N   . SER A 1 35 ? -6.135  -6.011  -10.005 1.00 24.78 ? 37  SER B N   1 
ATOM   307 C  CA  . SER A 1 35 ? -7.244  -6.299  -10.906 1.00 25.79 ? 37  SER B CA  1 
ATOM   308 C  C   . SER A 1 35 ? -8.385  -7.020  -10.192 1.00 25.61 ? 37  SER B C   1 
ATOM   309 O  O   . SER A 1 35 ? -9.371  -7.425  -10.826 1.00 26.78 ? 37  SER B O   1 
ATOM   310 C  CB  . SER A 1 35 ? -6.716  -7.124  -12.124 1.00 26.82 ? 37  SER B CB  1 
ATOM   311 O  OG  . SER A 1 35 ? -6.479  -8.533  -11.855 1.00 29.26 ? 37  SER B OG  1 
ATOM   312 N  N   . GLU A 1 36 ? -8.267  -7.171  -8.867  1.00 21.76 ? 38  GLU B N   1 
ATOM   313 C  CA  . GLU A 1 36 ? -9.249  -7.865  -8.083  1.00 19.77 ? 38  GLU B CA  1 
ATOM   314 C  C   . GLU A 1 36 ? -9.842  -7.013  -6.971  1.00 17.80 ? 38  GLU B C   1 
ATOM   315 O  O   . GLU A 1 36 ? -10.640 -7.517  -6.212  1.00 19.78 ? 38  GLU B O   1 
ATOM   316 C  CB  . GLU A 1 36 ? -8.607  -9.090  -7.409  1.00 18.84 ? 38  GLU B CB  1 
ATOM   317 C  CG  . GLU A 1 36 ? -8.125  -10.195 -8.423  1.00 22.93 ? 38  GLU B CG  1 
ATOM   318 C  CD  . GLU A 1 36 ? -9.175  -10.535 -9.425  1.00 25.11 ? 38  GLU B CD  1 
ATOM   319 O  OE1 . GLU A 1 36 ? -10.247 -11.017 -9.008  1.00 26.87 ? 38  GLU B OE1 1 
ATOM   320 O  OE2 . GLU A 1 36 ? -8.919  -10.329 -10.647 1.00 28.73 ? 38  GLU B OE2 1 
ATOM   321 N  N   . HIS A 1 37 ? -9.432  -5.759  -6.889  1.00 16.20 ? 39  HIS B N   1 
ATOM   322 C  CA  . HIS A 1 37 ? -9.882  -4.863  -5.812  1.00 14.29 ? 39  HIS B CA  1 
ATOM   323 C  C   . HIS A 1 37 ? -11.356 -4.536  -6.001  1.00 15.30 ? 39  HIS B C   1 
ATOM   324 O  O   . HIS A 1 37 ? -11.754 -4.002  -7.092  1.00 16.07 ? 39  HIS B O   1 
ATOM   325 C  CB  . HIS A 1 37 ? -9.083  -3.566  -5.858  1.00 14.91 ? 39  HIS B CB  1 
ATOM   326 C  CG  . HIS A 1 37 ? -9.499  -2.540  -4.837  1.00 14.14 ? 39  HIS B CG  1 
ATOM   327 N  ND1 . HIS A 1 37 ? -9.629  -1.208  -5.135  1.00 14.36 ? 39  HIS B ND1 1 
ATOM   328 C  CD2 . HIS A 1 37 ? -9.705  -2.643  -3.504  1.00 16.11 ? 39  HIS B CD2 1 
ATOM   329 C  CE1 . HIS A 1 37 ? -9.901  -0.524  -4.036  1.00 13.75 ? 39  HIS B CE1 1 
ATOM   330 N  NE2 . HIS A 1 37 ? -9.949  -1.378  -3.030  1.00 14.71 ? 39  HIS B NE2 1 
ATOM   331 N  N   . PRO A 1 38 ? -12.182 -4.751  -4.955  1.00 14.76 ? 40  PRO B N   1 
ATOM   332 C  CA  . PRO A 1 38 ? -13.607 -4.421  -5.231  1.00 13.99 ? 40  PRO B CA  1 
ATOM   333 C  C   . PRO A 1 38 ? -13.877 -2.940  -5.552  1.00 15.03 ? 40  PRO B C   1 
ATOM   334 O  O   . PRO A 1 38 ? -14.922 -2.631  -6.159  1.00 14.64 ? 40  PRO B O   1 
ATOM   335 C  CB  . PRO A 1 38 ? -14.353 -4.860  -3.960  1.00 12.90 ? 40  PRO B CB  1 
ATOM   336 C  CG  . PRO A 1 38 ? -13.483 -6.043  -3.419  1.00 10.32 ? 40  PRO B CG  1 
ATOM   337 C  CD  . PRO A 1 38 ? -12.025 -5.590  -3.737  1.00 11.93 ? 40  PRO B CD  1 
ATOM   338 N  N   . GLY A 1 39 ? -12.964 -2.054  -5.145  1.00 15.52 ? 41  GLY B N   1 
ATOM   339 C  CA  . GLY A 1 39 ? -13.088 -0.626  -5.427  1.00 14.95 ? 41  GLY B CA  1 
ATOM   340 C  C   . GLY A 1 39 ? -12.477 -0.240  -6.786  1.00 15.00 ? 41  GLY B C   1 
ATOM   341 O  O   . GLY A 1 39 ? -12.450 0.946   -7.137  1.00 17.61 ? 41  GLY B O   1 
ATOM   342 N  N   . GLY A 1 40 ? -12.006 -1.233  -7.519  1.00 18.56 ? 42  GLY B N   1 
ATOM   343 C  CA  . GLY A 1 40 ? -11.442 -1.000  -8.847  1.00 19.00 ? 42  GLY B CA  1 
ATOM   344 C  C   . GLY A 1 40 ? -9.955  -0.655  -8.811  1.00 20.53 ? 42  GLY B C   1 
ATOM   345 O  O   . GLY A 1 40 ? -9.387  -0.364  -7.758  1.00 18.49 ? 42  GLY B O   1 
ATOM   346 N  N   . GLU A 1 41 ? -9.345  -0.695  -9.988  1.00 23.04 ? 43  GLU B N   1 
ATOM   347 C  CA  . GLU A 1 41 ? -7.907  -0.452  -10.131 1.00 24.50 ? 43  GLU B CA  1 
ATOM   348 C  C   . GLU A 1 41 ? -7.529  1.029   -10.143 1.00 24.26 ? 43  GLU B C   1 
ATOM   349 O  O   . GLU A 1 41 ? -6.536  1.438   -9.512  1.00 24.09 ? 43  GLU B O   1 
ATOM   350 C  CB  . GLU A 1 41 ? -7.421  -1.169  -11.406 1.00 25.78 ? 43  GLU B CB  1 
ATOM   351 C  CG  . GLU A 1 41 ? -5.897  -0.995  -11.687 1.00 29.76 ? 43  GLU B CG  1 
ATOM   352 C  CD  . GLU A 1 41 ? -5.405  -1.661  -12.980 1.00 33.16 ? 43  GLU B CD  1 
ATOM   353 O  OE1 . GLU A 1 41 ? -5.733  -1.131  -14.066 1.00 37.56 ? 43  GLU B OE1 1 
ATOM   354 O  OE2 . GLU A 1 41 ? -4.690  -2.692  -12.933 1.00 33.77 ? 43  GLU B OE2 1 
ATOM   355 N  N   . GLU A 1 42 ? -8.282  1.861   -10.841 1.00 23.22 ? 44  GLU B N   1 
ATOM   356 C  CA  . GLU A 1 42 ? -7.918  3.266   -10.885 1.00 23.69 ? 44  GLU B CA  1 
ATOM   357 C  C   . GLU A 1 42 ? -7.711  3.962   -9.512  1.00 23.95 ? 44  GLU B C   1 
ATOM   358 O  O   . GLU A 1 42 ? -6.821  4.812   -9.368  1.00 22.36 ? 44  GLU B O   1 
ATOM   359 C  CB  . GLU A 1 42 ? -8.945  4.060   -11.703 1.00 26.06 ? 44  GLU B CB  1 
ATOM   360 C  CG  . GLU A 1 42 ? -9.227  3.515   -13.061 0.50 23.53 ? 44  GLU B CG  1 
ATOM   361 C  CD  . GLU A 1 42 ? -10.241 4.361   -13.794 0.25 23.96 ? 44  GLU B CD  1 
ATOM   362 O  OE1 . GLU A 1 42 ? -10.359 5.558   -13.454 0.25 23.65 ? 44  GLU B OE1 1 
ATOM   363 O  OE2 . GLU A 1 42 ? -10.911 3.837   -14.707 0.25 23.89 ? 44  GLU B OE2 1 
ATOM   364 N  N   . VAL A 1 43 ? -8.514  3.666   -8.485  1.00 21.89 ? 45  VAL B N   1 
ATOM   365 C  CA  . VAL A 1 43 ? -8.266  4.389   -7.252  1.00 20.18 ? 45  VAL B CA  1 
ATOM   366 C  C   . VAL A 1 43 ? -6.944  3.953   -6.642  1.00 20.65 ? 45  VAL B C   1 
ATOM   367 O  O   . VAL A 1 43 ? -6.322  4.725   -5.928  1.00 21.05 ? 45  VAL B O   1 
ATOM   368 C  CB  . VAL A 1 43 ? -9.405  4.205   -6.212  1.00 21.40 ? 45  VAL B CB  1 
ATOM   369 C  CG1 . VAL A 1 43 ? -10.694 4.882   -6.726  1.00 21.14 ? 45  VAL B CG1 1 
ATOM   370 C  CG2 . VAL A 1 43 ? -9.689  2.724   -5.999  1.00 21.82 ? 45  VAL B CG2 1 
ATOM   371 N  N   . LEU A 1 44 ? -6.520  2.733   -6.951  1.00 18.21 ? 46  LEU B N   1 
ATOM   372 C  CA  . LEU A 1 44 ? -5.264  2.245   -6.407  1.00 18.62 ? 46  LEU B CA  1 
ATOM   373 C  C   . LEU A 1 44 ? -4.102  2.924   -7.174  1.00 20.39 ? 46  LEU B C   1 
ATOM   374 O  O   . LEU A 1 44 ? -3.095  3.312   -6.588  1.00 19.90 ? 46  LEU B O   1 
ATOM   375 C  CB  . LEU A 1 44 ? -5.210  0.714   -6.484  1.00 17.32 ? 46  LEU B CB  1 
ATOM   376 C  CG  . LEU A 1 44 ? -6.294  -0.063  -5.719  1.00 14.87 ? 46  LEU B CG  1 
ATOM   377 C  CD1 . LEU A 1 44 ? -6.157  -1.547  -5.919  1.00 12.56 ? 46  LEU B CD1 1 
ATOM   378 C  CD2 . LEU A 1 44 ? -6.180  0.235   -4.181  1.00 13.96 ? 46  LEU B CD2 1 
ATOM   379 N  N   . LEU A 1 45 ? -4.247  3.061   -8.497  1.00 22.97 ? 47  LEU B N   1 
ATOM   380 C  CA  . LEU A 1 45 ? -3.205  3.709   -9.304  1.00 22.73 ? 47  LEU B CA  1 
ATOM   381 C  C   . LEU A 1 45 ? -3.037  5.163   -8.952  1.00 25.12 ? 47  LEU B C   1 
ATOM   382 O  O   . LEU A 1 45 ? -1.913  5.702   -8.978  1.00 24.22 ? 47  LEU B O   1 
ATOM   383 C  CB  . LEU A 1 45 ? -3.536  3.564   -10.803 1.00 24.30 ? 47  LEU B CB  1 
ATOM   384 C  CG  . LEU A 1 45 ? -2.952  2.321   -11.493 1.00 24.50 ? 47  LEU B CG  1 
ATOM   385 C  CD1 . LEU A 1 45 ? -1.445  2.354   -11.247 1.00 27.10 ? 47  LEU B CD1 1 
ATOM   386 C  CD2 . LEU A 1 45 ? -3.482  0.985   -10.997 1.00 26.22 ? 47  LEU B CD2 1 
ATOM   387 N  N   . GLU A 1 46 ? -4.142  5.798   -8.597  1.00 23.02 ? 48  GLU B N   1 
ATOM   388 C  CA  . GLU A 1 46 ? -4.113  7.207   -8.268  1.00 25.14 ? 48  GLU B CA  1 
ATOM   389 C  C   . GLU A 1 46 ? -3.193  7.457   -7.091  1.00 23.05 ? 48  GLU B C   1 
ATOM   390 O  O   . GLU A 1 46 ? -2.546  8.480   -7.023  1.00 21.89 ? 48  GLU B O   1 
ATOM   391 C  CB  . GLU A 1 46 ? -5.544  7.690   -8.041  1.00 27.51 ? 48  GLU B CB  1 
ATOM   392 C  CG  . GLU A 1 46 ? -6.326  7.497   -9.367  1.00 33.63 ? 48  GLU B CG  1 
ATOM   393 C  CD  . GLU A 1 46 ? -7.769  8.000   -9.377  1.00 34.08 ? 48  GLU B CD  1 
ATOM   394 O  OE1 . GLU A 1 46 ? -8.428  8.166   -8.294  1.00 37.17 ? 48  GLU B OE1 1 
ATOM   395 O  OE2 . GLU A 1 46 ? -8.236  8.209   -10.519 1.00 37.91 ? 48  GLU B OE2 1 
ATOM   396 N  N   . GLN A 1 47 ? -3.110  6.483   -6.176  1.00 21.46 ? 49  GLN B N   1 
ATOM   397 C  CA  . GLN A 1 47 ? -2.209  6.625   -5.046  1.00 19.88 ? 49  GLN B CA  1 
ATOM   398 C  C   . GLN A 1 47 ? -1.085  5.585   -4.984  1.00 18.26 ? 49  GLN B C   1 
ATOM   399 O  O   . GLN A 1 47 ? -0.509  5.357   -3.947  1.00 16.88 ? 49  GLN B O   1 
ATOM   400 C  CB  . GLN A 1 47 ? -3.003  6.646   -3.743  1.00 21.00 ? 49  GLN B CB  1 
ATOM   401 C  CG  . GLN A 1 47 ? -3.842  7.917   -3.602  1.00 21.27 ? 49  GLN B CG  1 
ATOM   402 C  CD  . GLN A 1 47 ? -4.577  7.951   -2.321  1.00 19.72 ? 49  GLN B CD  1 
ATOM   403 O  OE1 . GLN A 1 47 ? -4.038  8.380   -1.295  1.00 27.85 ? 49  GLN B OE1 1 
ATOM   404 N  NE2 . GLN A 1 47 ? -5.819  7.488   -2.341  1.00 24.44 ? 49  GLN B NE2 1 
ATOM   405 N  N   . ALA A 1 48 ? -0.749  4.990   -6.119  1.00 16.19 ? 50  ALA B N   1 
ATOM   406 C  CA  . ALA A 1 48 ? 0.297   3.988   -6.186  1.00 14.78 ? 50  ALA B CA  1 
ATOM   407 C  C   . ALA A 1 48 ? 1.642   4.618   -5.846  1.00 13.78 ? 50  ALA B C   1 
ATOM   408 O  O   . ALA A 1 48 ? 1.927   5.699   -6.294  1.00 12.84 ? 50  ALA B O   1 
ATOM   409 C  CB  . ALA A 1 48 ? 0.374   3.442   -7.632  1.00 14.36 ? 50  ALA B CB  1 
ATOM   410 N  N   . GLY A 1 49 ? 2.453   3.944   -5.029  1.00 13.04 ? 51  GLY B N   1 
ATOM   411 C  CA  . GLY A 1 49 ? 3.787   4.435   -4.711  1.00 13.73 ? 51  GLY B CA  1 
ATOM   412 C  C   . GLY A 1 49 ? 3.777   5.501   -3.640  1.00 14.82 ? 51  GLY B C   1 
ATOM   413 O  O   . GLY A 1 49 ? 4.809   6.189   -3.380  1.00 16.70 ? 51  GLY B O   1 
ATOM   414 N  N   . ALA A 1 50 ? 2.625   5.645   -2.995  1.00 13.81 ? 52  ALA B N   1 
ATOM   415 C  CA  . ALA A 1 50 ? 2.461   6.673   -2.001  1.00 13.17 ? 52  ALA B CA  1 
ATOM   416 C  C   . ALA A 1 50 ? 1.822   6.174   -0.696  1.00 13.24 ? 52  ALA B C   1 
ATOM   417 O  O   . ALA A 1 50 ? 1.535   4.981   -0.559  1.00 12.69 ? 52  ALA B O   1 
ATOM   418 C  CB  . ALA A 1 50 ? 1.623   7.775   -2.616  1.00 13.14 ? 52  ALA B CB  1 
ATOM   419 N  N   . ASP A 1 51 ? 1.627   7.086   0.252   1.00 12.57 ? 53  ASP B N   1 
ATOM   420 C  CA  . ASP A 1 51 ? 0.983   6.776   1.538   1.00 12.00 ? 53  ASP B CA  1 
ATOM   421 C  C   . ASP A 1 51 ? -0.538  6.944   1.323   1.00 13.87 ? 53  ASP B C   1 
ATOM   422 O  O   . ASP A 1 51 ? -1.047  8.018   1.062   1.00 14.34 ? 53  ASP B O   1 
ATOM   423 C  CB  . ASP A 1 51 ? 1.510   7.723   2.628   1.00 11.65 ? 53  ASP B CB  1 
ATOM   424 C  CG  . ASP A 1 51 ? 0.964   7.403   3.988   1.00 15.48 ? 53  ASP B CG  1 
ATOM   425 O  OD1 . ASP A 1 51 ? -0.268  7.181   4.068   1.00 15.69 ? 53  ASP B OD1 1 
ATOM   426 O  OD2 . ASP A 1 51 ? 1.773   7.416   4.967   1.00 17.86 ? 53  ASP B OD2 1 
ATOM   427 N  N   . ALA A 1 52 ? -1.257  5.845   1.403   1.00 9.83  ? 54  ALA B N   1 
ATOM   428 C  CA  . ALA A 1 52 ? -2.702  5.905   1.161   1.00 13.01 ? 54  ALA B CA  1 
ATOM   429 C  C   . ALA A 1 52 ? -3.522  5.664   2.396   1.00 12.05 ? 54  ALA B C   1 
ATOM   430 O  O   . ALA A 1 52 ? -4.725  5.334   2.320   1.00 13.36 ? 54  ALA B O   1 
ATOM   431 C  CB  . ALA A 1 52 ? -3.082  4.898   0.059   1.00 13.51 ? 54  ALA B CB  1 
ATOM   432 N  N   . THR A 1 53 ? -2.891  5.857   3.547   1.00 10.14 ? 55  THR B N   1 
ATOM   433 C  CA  . THR A 1 53 ? -3.584  5.674   4.793   1.00 12.79 ? 55  THR B CA  1 
ATOM   434 C  C   . THR A 1 53 ? -4.919  6.410   4.894   1.00 13.64 ? 55  THR B C   1 
ATOM   435 O  O   . THR A 1 53 ? -5.924  5.826   5.269   1.00 12.51 ? 55  THR B O   1 
ATOM   436 C  CB  . THR A 1 53 ? -2.759  6.191   5.934   1.00 11.73 ? 55  THR B CB  1 
ATOM   437 O  OG1 . THR A 1 53 ? -1.455  5.599   5.830   1.00 11.94 ? 55  THR B OG1 1 
ATOM   438 C  CG2 . THR A 1 53 ? -3.341  5.856   7.276   1.00 12.14 ? 55  THR B CG2 1 
ATOM   439 N  N   . GLU A 1 54 ? -4.903  7.725   4.632   1.00 13.34 ? 56  GLU B N   1 
ATOM   440 C  CA  . GLU A 1 54 ? -6.127  8.493   4.813   1.00 15.11 ? 56  GLU B CA  1 
ATOM   441 C  C   . GLU A 1 54 ? -7.283  8.031   3.949   1.00 15.37 ? 56  GLU B C   1 
ATOM   442 O  O   . GLU A 1 54 ? -8.419  7.928   4.407   1.00 17.00 ? 56  GLU B O   1 
ATOM   443 C  CB  . GLU A 1 54 ? -5.848  10.000  4.548   1.00 14.72 ? 56  GLU B CB  1 
ATOM   444 C  CG  . GLU A 1 54 ? -4.857  10.638  5.511   1.00 15.88 ? 56  GLU B CG  1 
ATOM   445 C  CD  . GLU A 1 54 ? -4.732  12.142  5.286   0.30 12.22 ? 56  GLU B CD  1 
ATOM   446 O  OE1 . GLU A 1 54 ? -4.517  12.544  4.136   0.50 13.57 ? 56  GLU B OE1 1 
ATOM   447 O  OE2 . GLU A 1 54 ? -4.844  12.916  6.258   0.30 12.71 ? 56  GLU B OE2 1 
ATOM   448 N  N   A SER A 1 55 ? -6.970  7.729   2.700   0.50 15.93 ? 57  SER B N   1 
ATOM   449 N  N   B SER A 1 55 ? -7.036  7.738   2.686   0.50 15.43 ? 57  SER B N   1 
ATOM   450 C  CA  A SER A 1 55 ? -7.954  7.287   1.723   0.50 15.88 ? 57  SER B CA  1 
ATOM   451 C  CA  B SER A 1 55 ? -8.151  7.311   1.857   0.50 14.95 ? 57  SER B CA  1 
ATOM   452 C  C   A SER A 1 55 ? -8.495  5.885   2.065   0.50 15.10 ? 57  SER B C   1 
ATOM   453 C  C   B SER A 1 55 ? -8.582  5.893   2.265   0.50 14.81 ? 57  SER B C   1 
ATOM   454 O  O   A SER A 1 55 ? -9.687  5.603   1.883   0.50 13.77 ? 57  SER B O   1 
ATOM   455 O  O   B SER A 1 55 ? -9.786  5.599   2.331   0.50 13.85 ? 57  SER B O   1 
ATOM   456 C  CB  A SER A 1 55 ? -7.296  7.286   0.364   0.50 19.09 ? 57  SER B CB  1 
ATOM   457 C  CB  B SER A 1 55 ? -7.775  7.360   0.386   0.50 16.67 ? 57  SER B CB  1 
ATOM   458 O  OG  A SER A 1 55 ? -8.180  6.803   -0.609  0.50 22.16 ? 57  SER B OG  1 
ATOM   459 O  OG  B SER A 1 55 ? -6.706  6.477   0.091   0.50 16.70 ? 57  SER B OG  1 
ATOM   460 N  N   . PHE A 1 56 ? -7.620  5.033   2.584   1.00 14.74 ? 58  PHE B N   1 
ATOM   461 C  CA  . PHE A 1 56 ? -8.005  3.656   2.972   1.00 14.05 ? 58  PHE B CA  1 
ATOM   462 C  C   . PHE A 1 56 ? -8.993  3.744   4.161   1.00 13.13 ? 58  PHE B C   1 
ATOM   463 O  O   . PHE A 1 56 ? -10.024 3.069   4.160   1.00 12.75 ? 58  PHE B O   1 
ATOM   464 C  CB  . PHE A 1 56 ? -6.753  2.818   3.337   1.00 14.28 ? 58  PHE B CB  1 
ATOM   465 C  CG  . PHE A 1 56 ? -7.072  1.368   3.751   1.00 11.28 ? 58  PHE B CG  1 
ATOM   466 C  CD1 . PHE A 1 56 ? -7.231  0.363   2.800   1.00 8.19  ? 58  PHE B CD1 1 
ATOM   467 C  CD2 . PHE A 1 56 ? -7.169  1.033   5.102   1.00 13.08 ? 58  PHE B CD2 1 
ATOM   468 C  CE1 . PHE A 1 56 ? -7.477  -0.991  3.224   1.00 7.45  ? 58  PHE B CE1 1 
ATOM   469 C  CE2 . PHE A 1 56 ? -7.415  -0.287  5.517   1.00 11.05 ? 58  PHE B CE2 1 
ATOM   470 C  CZ  . PHE A 1 56 ? -7.566  -1.284  4.577   1.00 10.24 ? 58  PHE B CZ  1 
ATOM   471 N  N   . GLU A 1 57 ? -8.726  4.620   5.144   1.00 13.10 ? 59  GLU B N   1 
ATOM   472 C  CA  . GLU A 1 57 ? -9.584  4.809   6.316   1.00 14.73 ? 59  GLU B CA  1 
ATOM   473 C  C   . GLU A 1 57 ? -10.862 5.548   5.952   1.00 16.00 ? 59  GLU B C   1 
ATOM   474 O  O   . GLU A 1 57 ? -11.959 5.190   6.416   1.00 16.31 ? 59  GLU B O   1 
ATOM   475 C  CB  . GLU A 1 57 ? -8.845  5.627   7.417   1.00 13.50 ? 59  GLU B CB  1 
ATOM   476 C  CG  . GLU A 1 57 ? -7.688  4.845   8.035   1.00 16.81 ? 59  GLU B CG  1 
ATOM   477 C  CD  . GLU A 1 57 ? -8.157  3.668   8.884   1.00 16.23 ? 59  GLU B CD  1 
ATOM   478 O  OE1 . GLU A 1 57 ? -9.388  3.543   9.181   1.00 17.16 ? 59  GLU B OE1 1 
ATOM   479 O  OE2 . GLU A 1 57 ? -7.286  2.856   9.294   1.00 18.52 ? 59  GLU B OE2 1 
ATOM   480 N  N   . ASP A 1 58 ? -10.739 6.604   5.157   1.00 14.99 ? 60  ASP B N   1 
ATOM   481 C  CA  . ASP A 1 58 ? -11.951 7.348   4.777   1.00 14.60 ? 60  ASP B CA  1 
ATOM   482 C  C   . ASP A 1 58 ? -12.993 6.474   4.046   1.00 15.80 ? 60  ASP B C   1 
ATOM   483 O  O   . ASP A 1 58 ? -14.189 6.631   4.265   1.00 14.42 ? 60  ASP B O   1 
ATOM   484 C  CB  . ASP A 1 58 ? -11.619 8.557   3.895   1.00 14.21 ? 60  ASP B CB  1 
ATOM   485 C  CG  . ASP A 1 58 ? -10.914 9.659   4.672   1.00 15.25 ? 60  ASP B CG  1 
ATOM   486 O  OD1 . ASP A 1 58 ? -10.863 9.563   5.935   1.00 15.65 ? 60  ASP B OD1 1 
ATOM   487 O  OD2 . ASP A 1 58 ? -10.449 10.622  4.050   0.50 8.74  ? 60  ASP B OD2 1 
ATOM   488 N  N   . VAL A 1 59 ? -12.554 5.606   3.135   1.00 16.88 ? 61  VAL B N   1 
ATOM   489 C  CA  . VAL A 1 59 ? -13.470 4.695   2.440   1.00 19.22 ? 61  VAL B CA  1 
ATOM   490 C  C   . VAL A 1 59 ? -14.181 3.811   3.471   1.00 20.10 ? 61  VAL B C   1 
ATOM   491 O  O   . VAL A 1 59 ? -15.353 3.462   3.304   1.00 20.53 ? 61  VAL B O   1 
ATOM   492 C  CB  . VAL A 1 59 ? -12.685 3.816   1.419   1.00 19.03 ? 61  VAL B CB  1 
ATOM   493 C  CG1 . VAL A 1 59 ? -13.524 2.598   0.989   1.00 19.51 ? 61  VAL B CG1 1 
ATOM   494 C  CG2 . VAL A 1 59 ? -12.261 4.631   0.213   1.00 20.47 ? 61  VAL B CG2 1 
ATOM   495 N  N   . GLY A 1 60 ? -13.502 3.444   4.546   1.00 21.49 ? 62  GLY B N   1 
ATOM   496 C  CA  . GLY A 1 60 ? -14.099 2.634   5.593   1.00 22.02 ? 62  GLY B CA  1 
ATOM   497 C  C   . GLY A 1 60 ? -14.065 1.111   5.387   1.00 19.80 ? 62  GLY B C   1 
ATOM   498 O  O   . GLY A 1 60 ? -15.057 0.429   5.552   1.00 23.71 ? 62  GLY B O   1 
ATOM   499 N  N   . HIS A 1 61 ? -12.892 0.593   5.117   1.00 14.43 ? 63  HIS B N   1 
ATOM   500 C  CA  . HIS A 1 61 ? -12.650 -0.835  4.825   1.00 11.23 ? 63  HIS B CA  1 
ATOM   501 C  C   . HIS A 1 61 ? -13.039 -1.772  5.969   1.00 13.08 ? 63  HIS B C   1 
ATOM   502 O  O   . HIS A 1 61 ? -12.863 -1.469  7.200   1.00 13.77 ? 63  HIS B O   1 
ATOM   503 C  CB  . HIS A 1 61 ? -11.176 -0.963  4.464   1.00 11.18 ? 63  HIS B CB  1 
ATOM   504 C  CG  . HIS A 1 61 ? -10.887 -0.541  3.062   1.00 13.26 ? 63  HIS B CG  1 
ATOM   505 N  ND1 . HIS A 1 61 ? -10.561 0.755   2.724   1.00 10.40 ? 63  HIS B ND1 1 
ATOM   506 C  CD2 . HIS A 1 61 ? -10.909 -1.237  1.904   1.00 11.11 ? 63  HIS B CD2 1 
ATOM   507 C  CE1 . HIS A 1 61 ? -10.389 0.837   1.415   1.00 9.99  ? 63  HIS B CE1 1 
ATOM   508 N  NE2 . HIS A 1 61 ? -10.603 -0.359  0.891   1.00 12.15 ? 63  HIS B NE2 1 
ATOM   509 N  N   . SER A 1 62 ? -13.572 -2.935  5.591   1.00 10.83 ? 64  SER B N   1 
ATOM   510 C  CA  . SER A 1 62 ? -14.057 -3.831  6.625   1.00 10.64 ? 64  SER B CA  1 
ATOM   511 C  C   . SER A 1 62 ? -12.933 -4.592  7.323   1.00 12.22 ? 64  SER B C   1 
ATOM   512 O  O   . SER A 1 62 ? -11.773 -4.542  6.929   1.00 10.88 ? 64  SER B O   1 
ATOM   513 C  CB  . SER A 1 62 ? -14.963 -4.867  5.965   1.00 11.48 ? 64  SER B CB  1 
ATOM   514 O  OG  . SER A 1 62 ? -14.129 -5.645  5.105   1.00 11.68 ? 64  SER B OG  1 
ATOM   515 N  N   . PRO A 1 63 ? -13.292 -5.346  8.368   1.00 11.66 ? 65  PRO B N   1 
ATOM   516 C  CA  . PRO A 1 63 ? -12.271 -6.133  9.066   1.00 11.90 ? 65  PRO B CA  1 
ATOM   517 C  C   . PRO A 1 63 ? -11.721 -7.117  8.106   1.00 11.16 ? 65  PRO B C   1 
ATOM   518 O  O   . PRO A 1 63 ? -10.513 -7.388  8.114   1.00 9.72  ? 65  PRO B O   1 
ATOM   519 C  CB  . PRO A 1 63 ? -13.050 -6.825  10.174  1.00 12.55 ? 65  PRO B CB  1 
ATOM   520 C  CG  . PRO A 1 63 ? -14.070 -5.855  10.518  1.00 13.95 ? 65  PRO B CG  1 
ATOM   521 C  CD  . PRO A 1 63 ? -14.518 -5.223  9.183   1.00 11.74 ? 65  PRO B CD  1 
ATOM   522 N  N   . ASP A 1 64 ? -12.574 -7.688  7.260   1.00 11.57 ? 66  ASP B N   1 
ATOM   523 C  CA  . ASP A 1 64 ? -12.056 -8.669  6.295   1.00 11.62 ? 66  ASP B CA  1 
ATOM   524 C  C   . ASP A 1 64 ? -11.049 -8.029  5.344   1.00 11.61 ? 66  ASP B C   1 
ATOM   525 O  O   . ASP A 1 64 ? -10.036 -8.640  4.956   1.00 13.04 ? 66  ASP B O   1 
ATOM   526 C  CB  . ASP A 1 64 ? -13.213 -9.283  5.463   1.00 15.01 ? 66  ASP B CB  1 
ATOM   527 C  CG  . ASP A 1 64 ? -13.969 -10.381 6.250   1.00 18.56 ? 66  ASP B CG  1 
ATOM   528 O  OD1 . ASP A 1 64 ? -13.481 -10.822 7.333   1.00 21.58 ? 66  ASP B OD1 1 
ATOM   529 O  OD2 . ASP A 1 64 ? -15.048 -10.760 5.768   1.00 23.12 ? 66  ASP B OD2 1 
ATOM   530 N  N   . ALA A 1 65 ? -11.328 -6.792  4.934   1.00 9.67  ? 67  ALA B N   1 
ATOM   531 C  CA  . ALA A 1 65 ? -10.383 -6.090  4.059   1.00 8.42  ? 67  ALA B CA  1 
ATOM   532 C  C   . ALA A 1 65 ? -9.061  -5.824  4.797   1.00 9.21  ? 67  ALA B C   1 
ATOM   533 O  O   . ALA A 1 65 ? -7.975  -5.832  4.205   1.00 8.99  ? 67  ALA B O   1 
ATOM   534 C  CB  . ALA A 1 65 ? -10.995 -4.725  3.639   1.00 9.20  ? 67  ALA B CB  1 
ATOM   535 N  N   . ARG A 1 66 ? -9.151  -5.626  6.107   1.00 9.56  ? 68  ARG B N   1 
ATOM   536 C  CA  . ARG A 1 66 ? -7.931  -5.320  6.821   1.00 10.51 ? 68  ARG B CA  1 
ATOM   537 C  C   . ARG A 1 66 ? -7.119  -6.566  7.065   1.00 10.79 ? 68  ARG B C   1 
ATOM   538 O  O   . ARG A 1 66 ? -5.902  -6.473  7.209   1.00 11.41 ? 68  ARG B O   1 
ATOM   539 C  CB  . ARG A 1 66 ? -8.242  -4.553  8.101   1.00 12.18 ? 68  ARG B CB  1 
ATOM   540 C  CG  . ARG A 1 66 ? -8.831  -3.191  7.766   1.00 12.10 ? 68  ARG B CG  1 
ATOM   541 C  CD  . ARG A 1 66 ? -9.555  -2.517  8.970   1.00 15.72 ? 68  ARG B CD  1 
ATOM   542 N  NE  . ARG A 1 66 ? -10.306 -1.325  8.586   1.00 12.65 ? 68  ARG B NE  1 
ATOM   543 C  CZ  . ARG A 1 66 ? -9.820  -0.083  8.667   1.00 16.03 ? 68  ARG B CZ  1 
ATOM   544 N  NH1 . ARG A 1 66 ? -8.583  0.112   9.110   1.00 14.39 ? 68  ARG B NH1 1 
ATOM   545 N  NH2 . ARG A 1 66 ? -10.607 0.950   8.354   1.00 17.55 ? 68  ARG B NH2 1 
ATOM   546 N  N   . GLU A 1 67 ? -7.796  -7.724  7.165   1.00 12.56 ? 69  GLU B N   1 
ATOM   547 C  CA  . GLU A 1 67 ? -7.077  -9.003  7.252   1.00 10.60 ? 69  GLU B CA  1 
ATOM   548 C  C   . GLU A 1 67 ? -6.423  -9.289  5.891   1.00 11.64 ? 69  GLU B C   1 
ATOM   549 O  O   . GLU A 1 67 ? -5.243  -9.741  5.824   1.00 10.22 ? 69  GLU B O   1 
ATOM   550 C  CB  . GLU A 1 67 ? -8.045  -10.155 7.624   1.00 13.51 ? 69  GLU B CB  1 
ATOM   551 C  CG  . GLU A 1 67 ? -8.513  -10.063 9.082   1.00 13.15 ? 69  GLU B CG  1 
ATOM   552 C  CD  . GLU A 1 67 ? -9.547  -11.154 9.462   0.75 9.67  ? 69  GLU B CD  1 
ATOM   553 O  OE1 . GLU A 1 67 ? -10.041 -11.851 8.569   0.50 10.04 ? 69  GLU B OE1 1 
ATOM   554 O  OE2 . GLU A 1 67 ? -9.846  -11.290 10.635  0.50 13.75 ? 69  GLU B OE2 1 
ATOM   555 N  N   . MET A 1 68 ? -7.137  -9.004  4.799   1.00 11.58 ? 70  MET B N   1 
ATOM   556 C  CA  . MET A 1 68 ? -6.577  -9.217  3.465   1.00 10.99 ? 70  MET B CA  1 
ATOM   557 C  C   . MET A 1 68 ? -5.317  -8.303  3.301   1.00 11.24 ? 70  MET B C   1 
ATOM   558 O  O   . MET A 1 68 ? -4.262  -8.690  2.789   1.00 8.83  ? 70  MET B O   1 
ATOM   559 C  CB  . MET A 1 68 ? -7.630  -8.909  2.373   1.00 14.36 ? 70  MET B CB  1 
ATOM   560 C  CG  . MET A 1 68 ? -7.207  -9.386  1.006   1.00 18.15 ? 70  MET B CG  1 
ATOM   561 S  SD  . MET A 1 68 ? -8.371  -8.787  -0.186  1.00 25.78 ? 70  MET B SD  1 
ATOM   562 C  CE  . MET A 1 68 ? -9.848  -9.778  0.372   1.00 24.22 ? 70  MET B CE  1 
ATOM   563 N  N   . LEU A 1 69 ? -5.416  -7.092  3.806   1.00 10.03 ? 71  LEU B N   1 
ATOM   564 C  CA  . LEU A 1 69 ? -4.271  -6.229  3.638   1.00 10.05 ? 71  LEU B CA  1 
ATOM   565 C  C   . LEU A 1 69 ? -2.965  -6.909  4.142   1.00 9.59  ? 71  LEU B C   1 
ATOM   566 O  O   . LEU A 1 69 ? -1.936  -6.759  3.534   1.00 12.18 ? 71  LEU B O   1 
ATOM   567 C  CB  . LEU A 1 69 ? -4.509  -4.902  4.399   1.00 8.14  ? 71  LEU B CB  1 
ATOM   568 C  CG  . LEU A 1 69 ? -3.401  -3.831  4.312   1.00 9.55  ? 71  LEU B CG  1 
ATOM   569 C  CD1 . LEU A 1 69 ? -3.051  -3.417  2.886   1.00 9.13  ? 71  LEU B CD1 1 
ATOM   570 C  CD2 . LEU A 1 69 ? -3.855  -2.624  5.103   1.00 11.46 ? 71  LEU B CD2 1 
ATOM   571 N  N   . LYS A 1 70 ? -3.032  -7.604  5.282   1.00 10.71 ? 72  LYS B N   1 
ATOM   572 C  CA  . LYS A 1 70 ? -1.829  -8.188  5.874   1.00 12.35 ? 72  LYS B CA  1 
ATOM   573 C  C   . LYS A 1 70 ? -1.106  -9.132  4.935   1.00 12.66 ? 72  LYS B C   1 
ATOM   574 O  O   . LYS A 1 70 ? 0.132   -9.324  5.034   1.00 14.84 ? 72  LYS B O   1 
ATOM   575 C  CB  . LYS A 1 70 ? -2.197  -8.982  7.161   1.00 11.02 ? 72  LYS B CB  1 
ATOM   576 C  CG  . LYS A 1 70 ? -3.041  -8.196  8.132   1.00 10.79 ? 72  LYS B CG  1 
ATOM   577 C  CD  . LYS A 1 70 ? -3.247  -9.078  9.400   1.00 11.59 ? 72  LYS B CD  1 
ATOM   578 C  CE  . LYS A 1 70 ? -4.387  -8.548  10.211  1.00 13.42 ? 72  LYS B CE  1 
ATOM   579 N  NZ  . LYS A 1 70 ? -4.820  -9.467  11.330  1.00 13.80 ? 72  LYS B NZ  1 
ATOM   580 N  N   . THR A 1 71 ? -1.865  -9.730  4.019   1.00 12.78 ? 73  THR B N   1 
ATOM   581 C  CA  . THR A 1 71 ? -1.269  -10.696 3.088   1.00 13.32 ? 73  THR B CA  1 
ATOM   582 C  C   . THR A 1 71 ? -0.347  -10.078 2.029   1.00 13.61 ? 73  THR B C   1 
ATOM   583 O  O   . THR A 1 71 ? 0.387   -10.783 1.368   1.00 16.62 ? 73  THR B O   1 
ATOM   584 C  CB  . THR A 1 71 ? -2.379  -11.539 2.369   1.00 13.13 ? 73  THR B CB  1 
ATOM   585 O  OG1 . THR A 1 71 ? -3.043  -10.738 1.370   1.00 16.74 ? 73  THR B OG1 1 
ATOM   586 C  CG2 . THR A 1 71 ? -3.366  -12.071 3.422   1.00 12.54 ? 73  THR B CG2 1 
ATOM   587 N  N   . PHE A 1 72 ? -0.358  -8.750  1.914   1.00 12.78 ? 74  PHE B N   1 
ATOM   588 C  CA  . PHE A 1 72 ? 0.458   -8.025  0.926   1.00 11.61 ? 74  PHE B CA  1 
ATOM   589 C  C   . PHE A 1 72 ? 1.685   -7.329  1.559   1.00 11.05 ? 74  PHE B C   1 
ATOM   590 O  O   . PHE A 1 72 ? 2.445   -6.652  0.873   1.00 14.19 ? 74  PHE B O   1 
ATOM   591 C  CB  . PHE A 1 72 ? -0.385  -6.954  0.266   1.00 13.86 ? 74  PHE B CB  1 
ATOM   592 C  CG  . PHE A 1 72 ? -1.634  -7.497  -0.402  1.00 15.24 ? 74  PHE B CG  1 
ATOM   593 C  CD1 . PHE A 1 72 ? -1.540  -8.402  -1.477  1.00 18.10 ? 74  PHE B CD1 1 
ATOM   594 C  CD2 . PHE A 1 72 ? -2.907  -7.094  0.023   1.00 17.48 ? 74  PHE B CD2 1 
ATOM   595 C  CE1 . PHE A 1 72 ? -2.707  -8.895  -2.107  1.00 15.04 ? 74  PHE B CE1 1 
ATOM   596 C  CE2 . PHE A 1 72 ? -4.049  -7.599  -0.618  1.00 15.20 ? 74  PHE B CE2 1 
ATOM   597 C  CZ  . PHE A 1 72 ? -3.941  -8.473  -1.659  1.00 17.86 ? 74  PHE B CZ  1 
ATOM   598 N  N   . ILE A 1 73 ? 1.843   -7.476  2.862   1.00 10.22 ? 75  ILE B N   1 
ATOM   599 C  CA  . ILE A 1 73 ? 2.958   -6.802  3.539   1.00 11.46 ? 75  ILE B CA  1 
ATOM   600 C  C   . ILE A 1 73 ? 4.363   -7.185  3.101   1.00 12.11 ? 75  ILE B C   1 
ATOM   601 O  O   . ILE A 1 73 ? 4.658   -8.405  2.880   1.00 11.89 ? 75  ILE B O   1 
ATOM   602 C  CB  . ILE A 1 73 ? 2.799   -7.013  5.063   1.00 11.81 ? 75  ILE B CB  1 
ATOM   603 C  CG1 . ILE A 1 73 ? 3.797   -6.142  5.792   1.00 15.55 ? 75  ILE B CG1 1 
ATOM   604 C  CG2 . ILE A 1 73 ? 3.089   -8.490  5.446   1.00 11.79 ? 75  ILE B CG2 1 
ATOM   605 C  CD1 . ILE A 1 73 ? 3.267   -4.877  6.198   1.00 17.93 ? 75  ILE B CD1 1 
ATOM   606 N  N   . ILE A 1 74 ? 5.265   -6.199  2.958   1.00 8.78  ? 76  ILE B N   1 
ATOM   607 C  CA  . ILE A 1 74 ? 6.651   -6.509  2.636   1.00 9.84  ? 76  ILE B CA  1 
ATOM   608 C  C   . ILE A 1 74 ? 7.637   -5.832  3.595   1.00 9.78  ? 76  ILE B C   1 
ATOM   609 O  O   . ILE A 1 74 ? 8.841   -6.140  3.575   1.00 8.12  ? 76  ILE B O   1 
ATOM   610 C  CB  . ILE A 1 74 ? 7.076   -6.099  1.192   1.00 12.43 ? 76  ILE B CB  1 
ATOM   611 C  CG1 . ILE A 1 74 ? 6.833   -4.600  0.985   1.00 13.83 ? 76  ILE B CG1 1 
ATOM   612 C  CG2 . ILE A 1 74 ? 6.242   -6.873  0.130   1.00 14.11 ? 76  ILE B CG2 1 
ATOM   613 C  CD1 . ILE A 1 74 ? 7.480   -4.041  -0.277  1.00 14.54 ? 76  ILE B CD1 1 
ATOM   614 N  N   . GLY A 1 75 ? 7.133   -4.859  4.376   1.00 9.87  ? 77  GLY B N   1 
ATOM   615 C  CA  . GLY A 1 75 ? 8.009   -4.172  5.328   1.00 9.98  ? 77  GLY B CA  1 
ATOM   616 C  C   . GLY A 1 75 ? 7.354   -2.970  6.005   1.00 9.88  ? 77  GLY B C   1 
ATOM   617 O  O   . GLY A 1 75 ? 6.129   -2.928  6.136   1.00 9.81  ? 77  GLY B O   1 
ATOM   618 N  N   . GLU A 1 76 ? 8.175   -1.996  6.442   1.00 7.32  ? 78  GLU B N   1 
ATOM   619 C  CA  . GLU A 1 76 ? 7.672   -0.793  7.078   1.00 9.14  ? 78  GLU B CA  1 
ATOM   620 C  C   . GLU A 1 76 ? 8.414   0.360   6.470   1.00 8.88  ? 78  GLU B C   1 
ATOM   621 O  O   . GLU A 1 76 ? 9.469   0.198   5.877   1.00 8.77  ? 78  GLU B O   1 
ATOM   622 C  CB  . GLU A 1 76 ? 7.914   -0.796  8.613   1.00 9.70  ? 78  GLU B CB  1 
ATOM   623 C  CG  . GLU A 1 76 ? 6.989   -1.788  9.323   1.00 10.98 ? 78  GLU B CG  1 
ATOM   624 C  CD  . GLU A 1 76 ? 7.035   -1.644  10.819  1.00 13.03 ? 78  GLU B CD  1 
ATOM   625 O  OE1 . GLU A 1 76 ? 7.309   -0.519  11.304  1.00 13.05 ? 78  GLU B OE1 1 
ATOM   626 O  OE2 . GLU A 1 76 ? 6.782   -2.656  11.506  1.00 13.90 ? 78  GLU B OE2 1 
ATOM   627 N  N   . LEU A 1 77 ? 7.863   1.565   6.672   1.00 9.54  ? 79  LEU B N   1 
ATOM   628 C  CA  . LEU A 1 77 ? 8.498   2.767   6.146   1.00 9.88  ? 79  LEU B CA  1 
ATOM   629 C  C   . LEU A 1 77 ? 9.757   3.118   6.941   1.00 8.22  ? 79  LEU B C   1 
ATOM   630 O  O   . LEU A 1 77 ? 9.717   3.137   8.162   1.00 8.36  ? 79  LEU B O   1 
ATOM   631 C  CB  . LEU A 1 77 ? 7.506   3.938   6.251   1.00 9.62  ? 79  LEU B CB  1 
ATOM   632 C  CG  . LEU A 1 77 ? 8.028   5.273   5.676   1.00 11.30 ? 79  LEU B CG  1 
ATOM   633 C  CD1 . LEU A 1 77 ? 8.350   5.172   4.179   1.00 11.65 ? 79  LEU B CD1 1 
ATOM   634 C  CD2 . LEU A 1 77 ? 6.906   6.282   5.879   1.00 11.48 ? 79  LEU B CD2 1 
ATOM   635 N  N   . HIS A 1 78 ? 10.854  3.439   6.248   1.00 6.29  ? 80  HIS B N   1 
ATOM   636 C  CA  . HIS A 1 78 ? 12.092  3.778   6.941   1.00 7.15  ? 80  HIS B CA  1 
ATOM   637 C  C   . HIS A 1 78 ? 11.819  4.936   7.897   1.00 9.49  ? 80  HIS B C   1 
ATOM   638 O  O   . HIS A 1 78 ? 11.188  5.889   7.521   1.00 11.20 ? 80  HIS B O   1 
ATOM   639 C  CB  . HIS A 1 78 ? 13.149  4.145   5.877   1.00 8.24  ? 80  HIS B CB  1 
ATOM   640 C  CG  . HIS A 1 78 ? 14.539  4.276   6.437   1.00 10.40 ? 80  HIS B CG  1 
ATOM   641 N  ND1 . HIS A 1 78 ? 14.852  5.221   7.396   1.00 8.51  ? 80  HIS B ND1 1 
ATOM   642 C  CD2 . HIS A 1 78 ? 15.666  3.548   6.229   1.00 7.71  ? 80  HIS B CD2 1 
ATOM   643 C  CE1 . HIS A 1 78 ? 16.117  5.048   7.771   1.00 10.95 ? 80  HIS B CE1 1 
ATOM   644 N  NE2 . HIS A 1 78 ? 16.642  4.044   7.068   1.00 9.07  ? 80  HIS B NE2 1 
ATOM   645 N  N   . PRO A 1 79 ? 12.286  4.860   9.152   1.00 10.72 ? 81  PRO B N   1 
ATOM   646 C  CA  . PRO A 1 79 ? 12.053  5.952   10.112  1.00 10.15 ? 81  PRO B CA  1 
ATOM   647 C  C   . PRO A 1 79 ? 12.455  7.380   9.694   1.00 13.11 ? 81  PRO B C   1 
ATOM   648 O  O   . PRO A 1 79 ? 11.818  8.347   10.160  1.00 12.10 ? 81  PRO B O   1 
ATOM   649 C  CB  . PRO A 1 79 ? 12.786  5.489   11.383  1.00 10.86 ? 81  PRO B CB  1 
ATOM   650 C  CG  . PRO A 1 79 ? 12.869  3.936   11.224  1.00 11.35 ? 81  PRO B CG  1 
ATOM   651 C  CD  . PRO A 1 79 ? 13.060  3.738   9.726   1.00 11.32 ? 81  PRO B CD  1 
ATOM   652 N  N   . ASP A 1 80 ? 13.484  7.525   8.840   1.00 11.14 ? 82  ASP B N   1 
ATOM   653 C  CA  . ASP A 1 80 ? 13.906  8.852   8.370   1.00 13.51 ? 82  ASP B CA  1 
ATOM   654 C  C   . ASP A 1 80 ? 12.722  9.489   7.631   1.00 14.29 ? 82  ASP B C   1 
ATOM   655 O  O   . ASP A 1 80 ? 12.653  10.710  7.511   1.00 15.07 ? 82  ASP B O   1 
ATOM   656 C  CB  . ASP A 1 80 ? 15.083  8.777   7.355   1.00 13.83 ? 82  ASP B CB  1 
ATOM   657 C  CG  . ASP A 1 80 ? 16.407  8.368   7.992   1.00 13.94 ? 82  ASP B CG  1 
ATOM   658 O  OD1 . ASP A 1 80 ? 16.476  8.246   9.221   1.00 15.53 ? 82  ASP B OD1 1 
ATOM   659 O  OD2 . ASP A 1 80 ? 17.393  8.176   7.245   1.00 14.31 ? 82  ASP B OD2 1 
ATOM   660 N  N   . ASP A 1 81 ? 11.808  8.670   7.117   1.00 11.17 ? 83  ASP B N   1 
ATOM   661 C  CA  . ASP A 1 81 ? 10.670  9.214   6.365   1.00 13.11 ? 83  ASP B CA  1 
ATOM   662 C  C   . ASP A 1 81 ? 9.354   9.320   7.127   1.00 13.55 ? 83  ASP B C   1 
ATOM   663 O  O   . ASP A 1 81 ? 8.321   9.724   6.545   1.00 16.09 ? 83  ASP B O   1 
ATOM   664 C  CB  . ASP A 1 81 ? 10.402  8.375   5.085   1.00 14.11 ? 83  ASP B CB  1 
ATOM   665 C  CG  . ASP A 1 81 ? 11.512  8.466   4.093   1.00 17.00 ? 83  ASP B CG  1 
ATOM   666 O  OD1 . ASP A 1 81 ? 11.993  9.607   3.855   1.00 19.42 ? 83  ASP B OD1 1 
ATOM   667 O  OD2 . ASP A 1 81 ? 11.929  7.416   3.535   1.00 15.49 ? 83  ASP B OD2 1 
ATOM   668 N  N   . ARG A 1 82 ? 9.365   8.947   8.406   1.00 12.87 ? 84  ARG B N   1 
ATOM   669 C  CA  . ARG A 1 82 ? 8.111   8.950   9.200   1.00 14.84 ? 84  ARG B CA  1 
ATOM   670 C  C   . ARG A 1 82 ? 7.635   10.334  9.686   1.00 17.99 ? 84  ARG B C   1 
ATOM   671 O  O   . ARG A 1 82 ? 8.455   11.281  9.632   1.00 19.61 ? 84  ARG B O   1 
ATOM   672 C  CB  . ARG A 1 82 ? 8.240   8.011   10.411  1.00 11.92 ? 84  ARG B CB  1 
ATOM   673 C  CG  . ARG A 1 82 ? 8.279   6.502   9.968   1.00 10.60 ? 84  ARG B CG  1 
ATOM   674 C  CD  . ARG A 1 82 ? 8.546   5.569   11.099  1.00 12.27 ? 84  ARG B CD  1 
ATOM   675 N  NE  . ARG A 1 82 ? 8.671   4.232   10.530  1.00 10.53 ? 84  ARG B NE  1 
ATOM   676 C  CZ  . ARG A 1 82 ? 8.135   3.156   11.093  1.00 11.54 ? 84  ARG B CZ  1 
ATOM   677 N  NH1 . ARG A 1 82 ? 7.505   3.257   12.257  1.00 9.13  ? 84  ARG B NH1 1 
ATOM   678 N  NH2 . ARG A 1 82 ? 8.124   1.997   10.419  1.00 10.85 ? 84  ARG B NH2 1 
ATOM   679 O  OXT . ARG A 1 82 ? 6.462   10.415  10.152  1.00 18.39 ? 84  ARG B OXT 1 
HETATM 680 C  CHA A HEM B 2 .  ? -13.591 -1.832  -1.349  0.50 13.61 ? 201 HEM B CHA 1 
HETATM 681 C  CHA B HEM B 2 .  ? -13.635 -1.849  -1.325  0.50 15.99 ? 201 HEM B CHA 1 
HETATM 682 C  CHB A HEM B 2 .  ? -9.468  -4.050  -0.062  0.50 10.55 ? 201 HEM B CHB 1 
HETATM 683 C  CHB B HEM B 2 .  ? -11.289 2.264   -2.133  0.50 15.08 ? 201 HEM B CHB 1 
HETATM 684 C  CHC A HEM B 2 .  ? -6.969  0.005   -0.768  0.50 13.59 ? 201 HEM B CHC 1 
HETATM 685 C  CHC B HEM B 2 .  ? -7.058  0.296   -0.874  0.50 12.86 ? 201 HEM B CHC 1 
HETATM 686 C  CHD A HEM B 2 .  ? -11.015 2.218   -2.209  0.50 14.92 ? 201 HEM B CHD 1 
HETATM 687 C  CHD B HEM B 2 .  ? -9.390  -3.924  -0.092  0.50 12.39 ? 201 HEM B CHD 1 
HETATM 688 C  C1A A HEM B 2 .  ? -12.689 -2.789  -0.881  0.50 10.75 ? 201 HEM B C1A 1 
HETATM 689 C  C1A B HEM B 2 .  ? -13.345 -0.576  -1.712  0.50 16.53 ? 201 HEM B C1A 1 
HETATM 690 C  C2A A HEM B 2 .  ? -13.048 -4.067  -0.412  0.50 9.95  ? 201 HEM B C2A 1 
HETATM 691 C  C2A B HEM B 2 .  ? -14.261 0.296   -2.333  0.50 16.74 ? 201 HEM B C2A 1 
HETATM 692 C  C3A A HEM B 2 .  ? -11.882 -4.720  -0.068  0.50 9.85  ? 201 HEM B C3A 1 
HETATM 693 C  C3A B HEM B 2 .  ? -13.592 1.493   -2.550  0.50 16.97 ? 201 HEM B C3A 1 
HETATM 694 C  C4A A HEM B 2 .  ? -10.806 -3.806  -0.311  0.50 10.97 ? 201 HEM B C4A 1 
HETATM 695 C  C4A B HEM B 2 .  ? -12.253 1.324   -2.084  0.50 15.76 ? 201 HEM B C4A 1 
HETATM 696 C  CMA A HEM B 2 .  ? -11.768 -6.027  0.430   0.50 10.18 ? 201 HEM B CMA 1 
HETATM 697 C  CMA B HEM B 2 .  ? -14.127 2.658   -3.143  0.50 17.26 ? 201 HEM B CMA 1 
HETATM 698 C  CAA A HEM B 2 .  ? -14.486 -4.620  -0.296  0.50 9.24  ? 201 HEM B CAA 1 
HETATM 699 C  CAA B HEM B 2 .  ? -15.730 -0.070  -2.716  0.50 20.13 ? 201 HEM B CAA 1 
HETATM 700 C  CBA A HEM B 2 .  ? -15.287 -4.004  0.882   0.50 8.55  ? 201 HEM B CBA 1 
HETATM 701 C  CBA B HEM B 2 .  ? -16.919 0.554   -1.960  0.50 23.11 ? 201 HEM B CBA 1 
HETATM 702 C  CGA A HEM B 2 .  ? -14.621 -4.174  2.236   0.50 9.84  ? 201 HEM B CGA 1 
HETATM 703 C  CGA B HEM B 2 .  ? -16.725 0.632   -0.496  0.50 23.98 ? 201 HEM B CGA 1 
HETATM 704 O  O1A A HEM B 2 .  ? -14.357 -5.328  2.660   0.50 10.06 ? 201 HEM B O1A 1 
HETATM 705 O  O1A B HEM B 2 .  ? -16.320 -0.419  0.087   0.50 25.06 ? 201 HEM B O1A 1 
HETATM 706 O  O2A A HEM B 2 .  ? -14.380 -3.153  2.881   0.50 9.95  ? 201 HEM B O2A 1 
HETATM 707 O  O2A B HEM B 2 .  ? -17.454 1.491   0.064   0.50 24.95 ? 201 HEM B O2A 1 
HETATM 708 C  C1B A HEM B 2 .  ? -8.471  -3.131  -0.184  0.50 10.21 ? 201 HEM B C1B 1 
HETATM 709 C  C1B B HEM B 2 .  ? -9.980  2.067   -1.802  0.50 14.53 ? 201 HEM B C1B 1 
HETATM 710 C  C2B A HEM B 2 .  ? -7.091  -3.424  0.102   0.50 11.19 ? 201 HEM B C2B 1 
HETATM 711 C  C2B B HEM B 2 .  ? -9.023  3.125   -1.829  0.50 15.34 ? 201 HEM B C2B 1 
HETATM 712 C  C3B A HEM B 2 .  ? -6.345  -2.324  -0.069  0.50 12.54 ? 201 HEM B C3B 1 
HETATM 713 C  C3B B HEM B 2 .  ? -7.798  2.645   -1.469  0.50 13.92 ? 201 HEM B C3B 1 
HETATM 714 C  C4B A HEM B 2 .  ? -7.307  -1.301  -0.502  0.50 13.16 ? 201 HEM B C4B 1 
HETATM 715 C  C4B B HEM B 2 .  ? -8.046  1.210   -1.225  0.50 12.97 ? 201 HEM B C4B 1 
HETATM 716 C  CMB A HEM B 2 .  ? -6.593  -4.789  0.546   0.50 12.80 ? 201 HEM B CMB 1 
HETATM 717 C  CMB B HEM B 2 .  ? -9.383  4.566   -2.203  0.50 15.94 ? 201 HEM B CMB 1 
HETATM 718 C  CAB A HEM B 2 .  ? -4.886  -2.245  0.168   0.50 13.85 ? 201 HEM B CAB 1 
HETATM 719 C  CAB B HEM B 2 .  ? -6.532  3.443   -1.347  0.50 14.13 ? 201 HEM B CAB 1 
HETATM 720 C  CBB A HEM B 2 .  ? -4.080  -1.868  -1.027  0.50 14.74 ? 201 HEM B CBB 1 
HETATM 721 C  CBB B HEM B 2 .  ? -5.860  3.936   -2.625  0.50 13.39 ? 201 HEM B CBB 1 
HETATM 722 C  C1C A HEM B 2 .  ? -7.853  0.939   -1.159  0.50 12.76 ? 201 HEM B C1C 1 
HETATM 723 C  C1C B HEM B 2 .  ? -7.301  -1.047  -0.652  0.50 13.09 ? 201 HEM B C1C 1 
HETATM 724 C  C2C A HEM B 2 .  ? -7.482  2.292   -1.466  0.50 14.16 ? 201 HEM B C2C 1 
HETATM 725 C  C2C B HEM B 2 .  ? -6.283  -2.042  -0.271  0.50 11.47 ? 201 HEM B C2C 1 
HETATM 726 C  C3C A HEM B 2 .  ? -8.583  2.945   -1.883  0.50 15.50 ? 201 HEM B C3C 1 
HETATM 727 C  C3C B HEM B 2 .  ? -6.912  -3.226  -0.015  0.50 10.66 ? 201 HEM B C3C 1 
HETATM 728 C  C4C A HEM B 2 .  ? -9.676  1.968   -1.849  0.50 13.92 ? 201 HEM B C4C 1 
HETATM 729 C  C4C B HEM B 2 .  ? -8.354  -2.980  -0.237  0.50 11.33 ? 201 HEM B C4C 1 
HETATM 730 C  CMC A HEM B 2 .  ? -6.087  2.895   -1.334  0.50 12.87 ? 201 HEM B CMC 1 
HETATM 731 C  CMC B HEM B 2 .  ? -4.764  -1.846  -0.197  0.50 11.59 ? 201 HEM B CMC 1 
HETATM 732 C  CAC A HEM B 2 .  ? -8.666  4.401   -2.291  0.50 17.08 ? 201 HEM B CAC 1 
HETATM 733 C  CAC B HEM B 2 .  ? -6.225  -4.540  0.370   0.50 11.09 ? 201 HEM B CAC 1 
HETATM 734 C  CBC A HEM B 2 .  ? -8.024  4.957   -3.313  0.50 18.15 ? 201 HEM B CBC 1 
HETATM 735 C  CBC B HEM B 2 .  ? -6.676  -5.461  1.251   0.50 10.87 ? 201 HEM B CBC 1 
HETATM 736 C  C1D A HEM B 2 .  ? -12.053 1.298   -2.117  0.50 14.70 ? 201 HEM B C1D 1 
HETATM 737 C  C1D B HEM B 2 .  ? -10.767 -3.705  -0.331  0.50 13.88 ? 201 HEM B C1D 1 
HETATM 738 C  C2D A HEM B 2 .  ? -13.436 1.583   -2.495  0.50 15.59 ? 201 HEM B C2D 1 
HETATM 739 C  C2D B HEM B 2 .  ? -11.827 -4.720  -0.130  0.50 13.90 ? 201 HEM B C2D 1 
HETATM 740 C  C3D A HEM B 2 .  ? -14.174 0.429   -2.261  0.50 15.13 ? 201 HEM B C3D 1 
HETATM 741 C  C3D B HEM B 2 .  ? -13.022 -4.125  -0.451  0.50 14.48 ? 201 HEM B C3D 1 
HETATM 742 C  C4D A HEM B 2 .  ? -13.228 -0.552  -1.729  0.50 14.85 ? 201 HEM B C4D 1 
HETATM 743 C  C4D B HEM B 2 .  ? -12.680 -2.765  -0.871  0.50 14.24 ? 201 HEM B C4D 1 
HETATM 744 C  CMD A HEM B 2 .  ? -13.983 2.896   -3.066  0.50 16.99 ? 201 HEM B CMD 1 
HETATM 745 C  CMD B HEM B 2 .  ? -11.655 -6.161  0.347   0.50 13.64 ? 201 HEM B CMD 1 
HETATM 746 C  CAD A HEM B 2 .  ? -15.654 0.185   -2.515  0.50 18.70 ? 201 HEM B CAD 1 
HETATM 747 C  CAD B HEM B 2 .  ? -14.429 -4.755  -0.381  0.50 15.26 ? 201 HEM B CAD 1 
HETATM 748 C  CBD A HEM B 2 .  ? -16.582 1.072   -1.709  0.50 20.30 ? 201 HEM B CBD 1 
HETATM 749 C  CBD B HEM B 2 .  ? -15.291 -4.160  0.765   0.50 16.29 ? 201 HEM B CBD 1 
HETATM 750 C  CGD A HEM B 2 .  ? -16.936 0.565   -0.349  0.50 23.34 ? 201 HEM B CGD 1 
HETATM 751 C  CGD B HEM B 2 .  ? -14.693 -4.299  2.170   0.50 17.92 ? 201 HEM B CGD 1 
HETATM 752 O  O1D A HEM B 2 .  ? -17.204 1.470   0.460   0.50 24.54 ? 201 HEM B O1D 1 
HETATM 753 O  O1D B HEM B 2 .  ? -14.495 -3.261  2.837   0.50 17.72 ? 201 HEM B O1D 1 
HETATM 754 O  O2D A HEM B 2 .  ? -17.409 -0.639  -0.262  0.50 24.14 ? 201 HEM B O2D 1 
HETATM 755 O  O2D B HEM B 2 .  ? -14.212 -5.411  2.480   0.50 18.37 ? 201 HEM B O2D 1 
HETATM 756 N  NA  A HEM B 2 .  ? -11.309 -2.598  -0.780  0.50 11.32 ? 201 HEM B NA  1 
HETATM 757 N  NA  B HEM B 2 .  ? -12.057 0.018   -1.617  0.50 15.81 ? 201 HEM B NA  1 
HETATM 758 N  NB  A HEM B 2 .  ? -8.628  -1.821  -0.579  0.50 13.22 ? 201 HEM B NB  1 
HETATM 759 N  NB  B HEM B 2 .  ? -9.423  0.886   -1.399  0.50 13.61 ? 201 HEM B NB  1 
HETATM 760 N  NC  A HEM B 2 .  ? -9.213  0.714   -1.377  0.50 13.50 ? 201 HEM B NC  1 
HETATM 761 N  NC  B HEM B 2 .  ? -8.584  -1.621  -0.653  0.50 13.67 ? 201 HEM B NC  1 
HETATM 762 N  ND  A HEM B 2 .  ? -11.907 -0.034  -1.662  0.50 14.09 ? 201 HEM B ND  1 
HETATM 763 N  ND  B HEM B 2 .  ? -11.303 -2.501  -0.767  0.50 13.92 ? 201 HEM B ND  1 
HETATM 764 FE FE  A HEM B 2 .  ? -10.281 -0.954  -1.091  0.50 12.90 ? 201 HEM B FE  1 
HETATM 765 FE FE  B HEM B 2 .  ? -10.345 -0.814  -1.137  0.50 14.64 ? 201 HEM B FE  1 
HETATM 766 O  O   . HOH C 3 .  ? 5.513   1.017   13.048  1.00 10.86 ? 1   HOH B O   1 
HETATM 767 O  O   . HOH C 3 .  ? 19.918  7.611   7.825   1.00 13.21 ? 2   HOH B O   1 
HETATM 768 O  O   . HOH C 3 .  ? 11.009  -9.857  11.591  1.00 26.47 ? 86  HOH B O   1 
HETATM 769 O  O   . HOH C 3 .  ? -7.243  7.225   -5.123  1.00 27.55 ? 87  HOH B O   1 
HETATM 770 O  O   . HOH C 3 .  ? 15.972  -2.753  4.916   1.00 22.92 ? 88  HOH B O   1 
HETATM 771 O  O   . HOH C 3 .  ? -11.559 4.590   9.735   1.00 27.22 ? 89  HOH B O   1 
HETATM 772 O  O   . HOH C 3 .  ? 8.253   7.689   -9.345  1.00 28.93 ? 90  HOH B O   1 
HETATM 773 O  O   . HOH C 3 .  ? 4.351   -7.009  -12.449 1.00 28.70 ? 91  HOH B O   1 
HETATM 774 O  O   . HOH C 3 .  ? 2.696   -10.677 0.732   1.00 29.26 ? 92  HOH B O   1 
HETATM 775 O  O   . HOH C 3 .  ? -16.747 1.885   -5.847  1.00 40.71 ? 93  HOH B O   1 
HETATM 776 O  O   . HOH C 3 .  ? 6.577   7.007   -1.573  1.00 24.01 ? 94  HOH B O   1 
HETATM 777 O  O   . HOH C 3 .  ? -9.366  8.109   10.840  1.00 40.73 ? 95  HOH B O   1 
HETATM 778 O  O   . HOH C 3 .  ? -1.529  9.839   -1.293  1.00 32.20 ? 96  HOH B O   1 
HETATM 779 O  O   . HOH C 3 .  ? -7.389  -3.343  11.432  1.00 25.98 ? 97  HOH B O   1 
HETATM 780 O  O   . HOH C 3 .  ? -6.305  -13.675 5.705   1.00 25.52 ? 98  HOH B O   1 
HETATM 781 O  O   . HOH C 3 .  ? -11.570 7.614   -8.491  1.00 26.79 ? 99  HOH B O   1 
HETATM 782 O  O   . HOH C 3 .  ? -12.853 -10.575 10.295  1.00 25.27 ? 100 HOH B O   1 
HETATM 783 O  O   . HOH C 3 .  ? 12.408  7.114   14.937  1.00 42.72 ? 101 HOH B O   1 
HETATM 784 O  O   . HOH C 3 .  ? 2.951   1.372   12.222  1.00 12.01 ? 102 HOH B O   1 
HETATM 785 O  O   . HOH C 3 .  ? -13.315 -4.797  14.033  1.00 30.96 ? 103 HOH B O   1 
HETATM 786 O  O   . HOH C 3 .  ? -1.074  9.966   -3.937  1.00 30.30 ? 104 HOH B O   1 
HETATM 787 O  O   . HOH C 3 .  ? 10.318  -9.906  8.787   1.00 26.56 ? 105 HOH B O   1 
HETATM 788 O  O   . HOH C 3 .  ? 0.971   -13.314 -6.239  1.00 43.85 ? 106 HOH B O   1 
HETATM 789 O  O   . HOH C 3 .  ? -17.479 4.818   5.723   1.00 44.27 ? 107 HOH B O   1 
HETATM 790 O  O   . HOH C 3 .  ? -6.951  1.075   11.488  1.00 35.55 ? 108 HOH B O   1 
HETATM 791 O  O   . HOH C 3 .  ? -12.484 5.653   -3.375  1.00 37.07 ? 109 HOH B O   1 
HETATM 792 O  O   . HOH C 3 .  ? -17.295 -6.326  -1.828  1.00 41.39 ? 110 HOH B O   1 
HETATM 793 O  O   . HOH C 3 .  ? -10.867 -11.685 -6.252  1.00 33.36 ? 111 HOH B O   1 
HETATM 794 O  O   . HOH C 3 .  ? 3.432   -9.125  -7.768  1.00 42.87 ? 112 HOH B O   1 
HETATM 795 O  O   . HOH C 3 .  ? -13.556 1.463   8.611   1.00 27.47 ? 113 HOH B O   1 
HETATM 796 O  O   . HOH C 3 .  ? -9.920  -5.172  11.254  1.00 29.40 ? 114 HOH B O   1 
HETATM 797 O  O   . HOH C 3 .  ? -15.441 -8.040  7.719   1.00 16.26 ? 115 HOH B O   1 
HETATM 798 O  O   . HOH C 3 .  ? 13.176  -0.362  -7.904  1.00 46.75 ? 116 HOH B O   1 
HETATM 799 O  O   . HOH C 3 .  ? -14.105 5.355   -6.346  1.00 26.68 ? 117 HOH B O   1 
HETATM 800 O  O   . HOH C 3 .  ? 19.221  3.530   7.753   1.00 14.25 ? 118 HOH B O   1 
HETATM 801 O  O   . HOH C 3 .  ? 6.802   10.363  -4.386  1.00 32.80 ? 119 HOH B O   1 
HETATM 802 O  O   . HOH C 3 .  ? 5.240   -10.730 2.924   1.00 30.22 ? 120 HOH B O   1 
HETATM 803 O  O   . HOH C 3 .  ? -15.708 6.896   -0.074  1.00 32.51 ? 121 HOH B O   1 
HETATM 804 O  O   . HOH C 3 .  ? -6.183  7.276   10.547  1.00 36.56 ? 122 HOH B O   1 
HETATM 805 O  O   . HOH C 3 .  ? -0.313  2.337   -14.813 1.00 32.95 ? 123 HOH B O   1 
HETATM 806 O  O   . HOH C 3 .  ? 12.872  9.015   0.972   1.00 15.25 ? 124 HOH B O   1 
HETATM 807 O  O   . HOH C 3 .  ? -5.208  -8.479  -9.353  1.00 47.69 ? 125 HOH B O   1 
HETATM 808 O  O   . HOH C 3 .  ? -1.930  9.629   6.980   1.00 50.23 ? 126 HOH B O   1 
HETATM 809 O  O   . HOH C 3 .  ? 1.647   9.142   9.424   1.00 42.95 ? 127 HOH B O   1 
HETATM 810 O  O   . HOH C 3 .  ? -16.719 -8.281  4.582   1.00 31.89 ? 128 HOH B O   1 
HETATM 811 O  O   . HOH C 3 .  ? -2.596  2.065   -15.884 1.00 62.83 ? 129 HOH B O   1 
HETATM 812 O  O   . HOH C 3 .  ? -11.777 8.283   8.308   1.00 31.40 ? 130 HOH B O   1 
HETATM 813 O  O   . HOH C 3 .  ? 10.316  10.631  -1.988  1.00 36.12 ? 131 HOH B O   1 
HETATM 814 O  O   . HOH C 3 .  ? -9.126  -2.193  12.837  1.00 41.45 ? 132 HOH B O   1 
HETATM 815 O  O   . HOH C 3 .  ? 15.659  11.723  1.556   1.00 37.63 ? 133 HOH B O   1 
HETATM 816 O  O   . HOH C 3 .  ? 0.371   6.829   -8.225  1.00 55.94 ? 134 HOH B O   1 
HETATM 817 O  O   . HOH C 3 .  ? 14.115  -3.024  10.495  1.00 32.50 ? 135 HOH B O   1 
HETATM 818 O  O   . HOH C 3 .  ? -15.341 -0.723  -8.806  1.00 36.81 ? 136 HOH B O   1 
HETATM 819 O  O   . HOH C 3 .  ? 10.090  13.197  1.560   1.00 35.27 ? 137 HOH B O   1 
HETATM 820 O  O   . HOH C 3 .  ? 1.593   5.804   7.089   1.00 9.69  ? 138 HOH B O   1 
HETATM 821 O  O   . HOH C 3 .  ? -12.338 -12.938 8.702   1.00 34.26 ? 139 HOH B O   1 
HETATM 822 O  O   . HOH C 3 .  ? -3.851  9.215   8.953   1.00 34.68 ? 140 HOH B O   1 
HETATM 823 O  O   . HOH C 3 .  ? 11.568  11.513  12.811  1.00 53.72 ? 141 HOH B O   1 
HETATM 824 O  O   . HOH C 3 .  ? 4.338   7.773   -6.317  1.00 35.11 ? 142 HOH B O   1 
HETATM 825 O  O   . HOH C 3 .  ? 5.227   -4.792  10.441  1.00 18.68 ? 143 HOH B O   1 
HETATM 826 O  O   . HOH C 3 .  ? -1.116  -7.377  -11.445 1.00 41.04 ? 144 HOH B O   1 
HETATM 827 O  O   . HOH C 3 .  ? -14.792 -13.135 10.614  1.00 46.03 ? 145 HOH B O   1 
HETATM 828 O  O   . HOH C 3 .  ? 12.015  -5.427  -4.146  1.00 41.93 ? 146 HOH B O   1 
HETATM 829 O  O   . HOH C 3 .  ? -11.727 -4.867  -9.753  0.50 22.51 ? 147 HOH B O   1 
HETATM 830 O  O   . HOH C 3 .  ? -6.215  8.147   8.232   1.00 37.62 ? 148 HOH B O   1 
HETATM 831 O  O   . HOH C 3 .  ? 6.243   -7.582  9.002   1.00 33.91 ? 149 HOH B O   1 
HETATM 832 O  O   . HOH C 3 .  ? 9.948   -7.175  -3.623  1.00 38.13 ? 150 HOH B O   1 
HETATM 833 O  O   . HOH C 3 .  ? -0.998  11.572  8.274   1.00 51.30 ? 151 HOH B O   1 
HETATM 834 O  O   . HOH C 3 .  ? 3.588   10.696  8.460   1.00 32.35 ? 152 HOH B O   1 
HETATM 835 O  O   . HOH C 3 .  ? -13.599 -8.921  -0.905  1.00 33.39 ? 153 HOH B O   1 
HETATM 836 O  O   . HOH C 3 .  ? -18.423 -5.247  3.389   1.00 38.36 ? 154 HOH B O   1 
HETATM 837 O  O   . HOH C 3 .  ? 8.556   4.961   14.280  1.00 15.26 ? 155 HOH B O   1 
HETATM 838 O  O   . HOH C 3 .  ? -11.051 2.250   -9.213  1.00 21.21 ? 156 HOH B O   1 
HETATM 839 O  O   . HOH C 3 .  ? -4.328  -4.658  8.467   1.00 11.72 ? 157 HOH B O   1 
HETATM 840 O  O   . HOH C 3 .  ? -9.985  -11.496 4.505   1.00 22.86 ? 158 HOH B O   1 
HETATM 841 O  O   . HOH C 3 .  ? -2.335  9.364   3.854   1.00 20.46 ? 159 HOH B O   1 
HETATM 842 O  O   . HOH C 3 .  ? 3.928   10.187  2.681   1.00 21.08 ? 160 HOH B O   1 
HETATM 843 O  O   . HOH C 3 .  ? 18.464  4.664   10.258  1.00 24.36 ? 161 HOH B O   1 
HETATM 844 O  O   . HOH C 3 .  ? 5.617   9.694   6.620   1.00 14.43 ? 162 HOH B O   1 
HETATM 845 O  O   . HOH C 3 .  ? 10.489  12.362  8.138   1.00 20.03 ? 163 HOH B O   1 
HETATM 846 O  O   . HOH C 3 .  ? 9.817   -7.097  6.058   1.00 15.36 ? 164 HOH B O   1 
HETATM 847 O  O   . HOH C 3 .  ? 4.245   8.427   4.676   1.00 23.27 ? 165 HOH B O   1 
HETATM 848 O  O   . HOH C 3 .  ? 15.414  9.269   0.576   1.00 22.74 ? 166 HOH B O   1 
HETATM 849 O  O   . HOH C 3 .  ? 4.999   -7.677  -9.113  1.00 26.90 ? 167 HOH B O   1 
HETATM 850 O  O   . HOH C 3 .  ? -0.845  5.774   11.171  1.00 26.71 ? 168 HOH B O   1 
HETATM 851 O  O   . HOH C 3 .  ? 11.535  -9.170  6.497   1.00 15.09 ? 169 HOH B O   1 
HETATM 852 O  O   . HOH C 3 .  ? 10.343  -7.704  1.787   1.00 25.24 ? 170 HOH B O   1 
HETATM 853 O  O   . HOH C 3 .  ? 11.097  12.117  4.130   1.00 25.78 ? 171 HOH B O   1 
HETATM 854 O  O   . HOH C 3 .  ? 3.007   9.647   0.089   1.00 21.11 ? 172 HOH B O   1 
HETATM 855 O  O   . HOH C 3 .  ? -9.221  -3.661  -9.286  1.00 25.52 ? 173 HOH B O   1 
HETATM 856 O  O   . HOH C 3 .  ? -4.819  -11.980 7.296   1.00 20.44 ? 174 HOH B O   1 
HETATM 857 O  O   . HOH C 3 .  ? 9.840   -1.858  12.742  1.00 26.38 ? 175 HOH B O   1 
HETATM 858 O  O   . HOH C 3 .  ? 13.279  10.863  -6.748  1.00 18.95 ? 176 HOH B O   1 
HETATM 859 O  O   . HOH C 3 .  ? -14.362 3.022   -6.841  1.00 22.09 ? 177 HOH B O   1 
HETATM 860 O  O   . HOH C 3 .  ? 15.228  8.177   11.482  1.00 20.11 ? 178 HOH B O   1 
HETATM 861 O  O   . HOH C 3 .  ? -8.301  9.806   7.499   1.00 23.31 ? 179 HOH B O   1 
HETATM 862 O  O   . HOH C 3 .  ? 7.253   -7.659  6.980   1.00 28.04 ? 180 HOH B O   1 
HETATM 863 O  O   . HOH C 3 .  ? -17.198 -3.322  -2.073  1.00 25.12 ? 181 HOH B O   1 
HETATM 864 O  O   . HOH C 3 .  ? -2.287  -0.249  -16.432 1.00 37.16 ? 182 HOH B O   1 
HETATM 865 O  O   . HOH C 3 .  ? -18.251 1.767   4.654   1.00 35.42 ? 183 HOH B O   1 
HETATM 866 O  O   . HOH C 3 .  ? 0.608   9.898   6.636   1.00 33.55 ? 184 HOH B O   1 
HETATM 867 O  O   . HOH C 3 .  ? 10.192  -0.301  -9.625  1.00 29.48 ? 185 HOH B O   1 
HETATM 868 O  O   . HOH C 3 .  ? -7.743  -12.470 3.557   1.00 26.68 ? 186 HOH B O   1 
HETATM 869 O  O   . HOH C 3 .  ? 6.099   -5.212  8.174   1.00 26.63 ? 187 HOH B O   1 
HETATM 870 O  O   . HOH C 3 .  ? 7.500   -7.219  -3.385  1.00 37.01 ? 188 HOH B O   1 
HETATM 871 O  O   . HOH C 3 .  ? 4.536   9.130   -3.904  1.00 25.01 ? 189 HOH B O   1 
HETATM 872 O  O   . HOH C 3 .  ? -11.112 -9.179  -2.826  1.00 34.67 ? 190 HOH B O   1 
HETATM 873 O  O   . HOH C 3 .  ? -17.247 5.267   1.091   1.00 32.67 ? 191 HOH B O   1 
HETATM 874 O  O   . HOH C 3 .  ? -7.200  -7.793  12.757  1.00 30.03 ? 192 HOH B O   1 
HETATM 875 O  O   . HOH C 3 .  ? -6.476  -1.407  10.560  1.00 26.23 ? 193 HOH B O   1 
HETATM 876 O  O   . HOH C 3 .  ? -15.164 -10.706 9.807   1.00 36.26 ? 194 HOH B O   1 
HETATM 877 O  O   . HOH C 3 .  ? -13.060 -2.073  10.346  1.00 28.01 ? 195 HOH B O   1 
HETATM 878 O  O   . HOH C 3 .  ? -10.211 -13.552 11.291  1.00 25.88 ? 196 HOH B O   1 
HETATM 879 O  O   . HOH C 3 .  ? -11.550 11.435  -8.111  1.00 33.29 ? 197 HOH B O   1 
HETATM 880 O  O   . HOH C 3 .  ? -4.704  8.778   1.172   1.00 27.22 ? 198 HOH B O   1 
HETATM 881 O  O   . HOH C 3 .  ? -16.503 -0.583  -6.800  1.00 26.99 ? 199 HOH B O   1 
HETATM 882 O  O   . HOH C 3 .  ? -17.213 1.660   2.488   0.50 31.38 ? 200 HOH B O   1 
HETATM 883 O  O   . HOH C 3 .  ? -9.728  11.496  -10.776 1.00 33.33 ? 202 HOH B O   1 
HETATM 884 O  O   . HOH C 3 .  ? -11.731 -3.951  12.257  1.00 27.94 ? 203 HOH B O   1 
HETATM 885 O  O   . HOH C 3 .  ? 13.736  -6.020  -0.404  1.00 23.31 ? 204 HOH B O   1 
HETATM 886 O  O   . HOH C 3 .  ? 14.772  12.472  8.097   1.00 25.34 ? 205 HOH B O   1 
HETATM 887 O  O   . HOH C 3 .  ? -11.521 9.101   -4.739  1.00 28.15 ? 206 HOH B O   1 
HETATM 888 O  O   . HOH C 3 .  ? -9.317  9.937   -6.138  1.00 33.73 ? 207 HOH B O   1 
HETATM 889 O  O   . HOH C 3 .  ? -14.786 -7.660  1.834   1.00 23.46 ? 208 HOH B O   1 
HETATM 890 O  O   . HOH C 3 .  ? -12.578 5.243   -9.692  1.00 27.18 ? 209 HOH B O   1 
HETATM 891 O  O   . HOH C 3 .  ? 10.778  8.584   13.001  1.00 29.17 ? 210 HOH B O   1 
HETATM 892 O  O   . HOH C 3 .  ? -1.865  10.814  -7.126  1.00 27.41 ? 211 HOH B O   1 
HETATM 893 O  O   . HOH C 3 .  ? -3.659  -2.936  -15.593 1.00 42.93 ? 212 HOH B O   1 
HETATM 894 O  O   . HOH C 3 .  ? 5.204   9.163   -1.519  1.00 28.06 ? 213 HOH B O   1 
HETATM 895 O  O   . HOH C 3 .  ? -15.338 -8.987  12.265  1.00 33.10 ? 214 HOH B O   1 
HETATM 896 O  O   . HOH C 3 .  ? 14.574  8.072   3.671   1.00 30.08 ? 215 HOH B O   1 
HETATM 897 O  O   . HOH C 3 .  ? -3.761  11.468  1.584   1.00 18.61 ? 216 HOH B O   1 
HETATM 898 O  O   . HOH C 3 .  ? 8.590   7.566   14.006  1.00 27.58 ? 217 HOH B O   1 
HETATM 899 O  O   . HOH C 3 .  ? -17.201 6.426   3.401   1.00 30.68 ? 218 HOH B O   1 
HETATM 900 O  O   . HOH C 3 .  ? 1.324   -8.225  -5.020  1.00 28.40 ? 219 HOH B O   1 
HETATM 901 O  O   . HOH C 3 .  ? -0.669  4.543   -13.742 1.00 40.86 ? 220 HOH B O   1 
HETATM 902 O  O   . HOH C 3 .  ? -0.874  10.700  1.182   1.00 47.27 ? 221 HOH B O   1 
HETATM 903 O  O   . HOH C 3 .  ? -8.913  -13.631 6.799   1.00 34.86 ? 222 HOH B O   1 
HETATM 904 O  O   . HOH C 3 .  ? -1.457  9.961   -9.555  1.00 43.10 ? 223 HOH B O   1 
HETATM 905 O  O   . HOH C 3 .  ? 6.279   -5.693  -7.490  1.00 28.76 ? 224 HOH B O   1 
HETATM 906 O  O   . HOH C 3 .  ? 11.889  11.193  -0.172  1.00 22.53 ? 225 HOH B O   1 
HETATM 907 O  O   . HOH C 3 .  ? 2.932   -8.862  -1.712  1.00 22.90 ? 226 HOH B O   1 
# 
loop_
_pdbx_poly_seq_scheme.asym_id 
_pdbx_poly_seq_scheme.entity_id 
_pdbx_poly_seq_scheme.seq_id 
_pdbx_poly_seq_scheme.mon_id 
_pdbx_poly_seq_scheme.ndb_seq_num 
_pdbx_poly_seq_scheme.pdb_seq_num 
_pdbx_poly_seq_scheme.auth_seq_num 
_pdbx_poly_seq_scheme.pdb_mon_id 
_pdbx_poly_seq_scheme.auth_mon_id 
_pdbx_poly_seq_scheme.pdb_strand_id 
_pdbx_poly_seq_scheme.pdb_ins_code 
_pdbx_poly_seq_scheme.hetero 
A 1 1  ALA 1  3  3  ALA ALA B . n 
A 1 2  VAL 2  4  4  VAL VAL B . n 
A 1 3  LYS 3  5  5  LYS LYS B . n 
A 1 4  TYR 4  6  6  TYR TYR B . n 
A 1 5  TYR 5  7  7  TYR TYR B . n 
A 1 6  THR 6  8  8  THR THR B . n 
A 1 7  LEU 7  9  9  LEU LEU B . n 
A 1 8  GLU 8  10 10 GLU GLU B . n 
A 1 9  GLU 9  11 11 GLU GLU B . n 
A 1 10 ILE 10 12 12 ILE ILE B . n 
A 1 11 GLN 11 13 13 GLN GLN B . n 
A 1 12 LYS 12 14 14 LYS LYS B . n 
A 1 13 HIS 13 15 15 HIS HIS B . n 
A 1 14 ASN 14 16 16 ASN ASN B . n 
A 1 15 ASN 15 17 17 ASN ASN B . n 
A 1 16 ALA 16 18 18 ALA ALA B . n 
A 1 17 LYS 17 19 19 LYS LYS B . n 
A 1 18 SER 18 20 20 SER SER B . n 
A 1 19 THR 19 21 21 THR THR B . n 
A 1 20 TRP 20 22 22 TRP TRP B . n 
A 1 21 MET 21 23 23 MET MET B . n 
A 1 22 ILE 22 24 24 ILE ILE B . n 
A 1 23 ILE 23 25 25 ILE ILE B . n 
A 1 24 HIS 24 26 26 HIS HIS B . n 
A 1 25 TYR 25 27 27 TYR TYR B . n 
A 1 26 LYS 26 28 28 LYS LYS B . n 
A 1 27 VAL 27 29 29 VAL VAL B . n 
A 1 28 TYR 28 30 30 TYR TYR B . n 
A 1 29 ASP 29 31 31 ASP ASP B . n 
A 1 30 ILE 30 32 32 ILE ILE B . n 
A 1 31 THR 31 33 33 THR THR B . n 
A 1 32 ARG 32 34 34 ARG ARG B . n 
A 1 33 PHE 33 35 35 PHE PHE B . n 
A 1 34 LEU 34 36 36 LEU LEU B . n 
A 1 35 SER 35 37 37 SER SER B . n 
A 1 36 GLU 36 38 38 GLU GLU B . n 
A 1 37 HIS 37 39 39 HIS HIS B . n 
A 1 38 PRO 38 40 40 PRO PRO B . n 
A 1 39 GLY 39 41 41 GLY GLY B . n 
A 1 40 GLY 40 42 42 GLY GLY B . n 
A 1 41 GLU 41 43 43 GLU GLU B . n 
A 1 42 GLU 42 44 44 GLU GLU B . n 
A 1 43 VAL 43 45 45 VAL VAL B . n 
A 1 44 LEU 44 46 46 LEU LEU B . n 
A 1 45 LEU 45 47 47 LEU LEU B . n 
A 1 46 GLU 46 48 48 GLU GLU B . n 
A 1 47 GLN 47 49 49 GLN GLN B . n 
A 1 48 ALA 48 50 50 ALA ALA B . n 
A 1 49 GLY 49 51 51 GLY GLY B . n 
A 1 50 ALA 50 52 52 ALA ALA B . n 
A 1 51 ASP 51 53 53 ASP ASP B . n 
A 1 52 ALA 52 54 54 ALA ALA B . n 
A 1 53 THR 53 55 55 THR THR B . n 
A 1 54 GLU 54 56 56 GLU GLU B . n 
A 1 55 SER 55 57 57 SER SER B . n 
A 1 56 PHE 56 58 58 PHE PHE B . n 
A 1 57 GLU 57 59 59 GLU GLU B . n 
A 1 58 ASP 58 60 60 ASP ASP B . n 
A 1 59 VAL 59 61 61 VAL VAL B . n 
A 1 60 GLY 60 62 62 GLY GLY B . n 
A 1 61 HIS 61 63 63 HIS HIS B . n 
A 1 62 SER 62 64 64 SER SER B . n 
A 1 63 PRO 63 65 65 PRO PRO B . n 
A 1 64 ASP 64 66 66 ASP ASP B . n 
A 1 65 ALA 65 67 67 ALA ALA B . n 
A 1 66 ARG 66 68 68 ARG ARG B . n 
A 1 67 GLU 67 69 69 GLU GLU B . n 
A 1 68 MET 68 70 70 MET MET B . n 
A 1 69 LEU 69 71 71 LEU LEU B . n 
A 1 70 LYS 70 72 72 LYS LYS B . n 
A 1 71 THR 71 73 73 THR THR B . n 
A 1 72 PHE 72 74 74 PHE PHE B . n 
A 1 73 ILE 73 75 75 ILE ILE B . n 
A 1 74 ILE 74 76 76 ILE ILE B . n 
A 1 75 GLY 75 77 77 GLY GLY B . n 
A 1 76 GLU 76 78 78 GLU GLU B . n 
A 1 77 LEU 77 79 79 LEU LEU B . n 
A 1 78 HIS 78 80 80 HIS HIS B . n 
A 1 79 PRO 79 81 81 PRO PRO B . n 
A 1 80 ASP 80 82 82 ASP ASP B . n 
A 1 81 ASP 81 83 83 ASP ASP B . n 
A 1 82 ARG 82 84 84 ARG ARG B . n 
# 
loop_
_pdbx_nonpoly_scheme.asym_id 
_pdbx_nonpoly_scheme.entity_id 
_pdbx_nonpoly_scheme.mon_id 
_pdbx_nonpoly_scheme.ndb_seq_num 
_pdbx_nonpoly_scheme.pdb_seq_num 
_pdbx_nonpoly_scheme.auth_seq_num 
_pdbx_nonpoly_scheme.pdb_mon_id 
_pdbx_nonpoly_scheme.auth_mon_id 
_pdbx_nonpoly_scheme.pdb_strand_id 
_pdbx_nonpoly_scheme.pdb_ins_code 
B 2 HEM 1   201 201 HEM HEM B . 
C 3 HOH 1   1   1   HOH HOH B . 
C 3 HOH 2   2   2   HOH HOH B . 
C 3 HOH 3   86  86  HOH HOH B . 
C 3 HOH 4   87  87  HOH HOH B . 
C 3 HOH 5   88  88  HOH HOH B . 
C 3 HOH 6   89  89  HOH HOH B . 
C 3 HOH 7   90  90  HOH HOH B . 
C 3 HOH 8   91  91  HOH HOH B . 
C 3 HOH 9   92  92  HOH HOH B . 
C 3 HOH 10  93  93  HOH HOH B . 
C 3 HOH 11  94  94  HOH HOH B . 
C 3 HOH 12  95  95  HOH HOH B . 
C 3 HOH 13  96  96  HOH HOH B . 
C 3 HOH 14  97  97  HOH HOH B . 
C 3 HOH 15  98  98  HOH HOH B . 
C 3 HOH 16  99  99  HOH HOH B . 
C 3 HOH 17  100 100 HOH HOH B . 
C 3 HOH 18  101 101 HOH HOH B . 
C 3 HOH 19  102 3   HOH HOH B . 
C 3 HOH 20  103 103 HOH HOH B . 
C 3 HOH 21  104 104 HOH HOH B . 
C 3 HOH 22  105 105 HOH HOH B . 
C 3 HOH 23  106 106 HOH HOH B . 
C 3 HOH 24  107 107 HOH HOH B . 
C 3 HOH 25  108 108 HOH HOH B . 
C 3 HOH 26  109 109 HOH HOH B . 
C 3 HOH 27  110 110 HOH HOH B . 
C 3 HOH 28  111 111 HOH HOH B . 
C 3 HOH 29  112 112 HOH HOH B . 
C 3 HOH 30  113 113 HOH HOH B . 
C 3 HOH 31  114 114 HOH HOH B . 
C 3 HOH 32  115 4   HOH HOH B . 
C 3 HOH 33  116 116 HOH HOH B . 
C 3 HOH 34  117 117 HOH HOH B . 
C 3 HOH 35  118 5   HOH HOH B . 
C 3 HOH 36  119 119 HOH HOH B . 
C 3 HOH 37  120 120 HOH HOH B . 
C 3 HOH 38  121 121 HOH HOH B . 
C 3 HOH 39  122 122 HOH HOH B . 
C 3 HOH 40  123 123 HOH HOH B . 
C 3 HOH 41  124 6   HOH HOH B . 
C 3 HOH 42  125 125 HOH HOH B . 
C 3 HOH 43  126 126 HOH HOH B . 
C 3 HOH 44  127 127 HOH HOH B . 
C 3 HOH 45  128 128 HOH HOH B . 
C 3 HOH 46  129 129 HOH HOH B . 
C 3 HOH 47  130 130 HOH HOH B . 
C 3 HOH 48  131 131 HOH HOH B . 
C 3 HOH 49  132 132 HOH HOH B . 
C 3 HOH 50  133 133 HOH HOH B . 
C 3 HOH 51  134 134 HOH HOH B . 
C 3 HOH 52  135 135 HOH HOH B . 
C 3 HOH 53  136 136 HOH HOH B . 
C 3 HOH 54  137 137 HOH HOH B . 
C 3 HOH 55  138 7   HOH HOH B . 
C 3 HOH 56  139 139 HOH HOH B . 
C 3 HOH 57  140 140 HOH HOH B . 
C 3 HOH 58  141 141 HOH HOH B . 
C 3 HOH 59  142 142 HOH HOH B . 
C 3 HOH 60  143 8   HOH HOH B . 
C 3 HOH 61  144 144 HOH HOH B . 
C 3 HOH 62  145 145 HOH HOH B . 
C 3 HOH 63  146 146 HOH HOH B . 
C 3 HOH 64  147 147 HOH HOH B . 
C 3 HOH 65  148 148 HOH HOH B . 
C 3 HOH 66  149 149 HOH HOH B . 
C 3 HOH 67  150 150 HOH HOH B . 
C 3 HOH 68  151 151 HOH HOH B . 
C 3 HOH 69  152 152 HOH HOH B . 
C 3 HOH 70  153 153 HOH HOH B . 
C 3 HOH 71  154 154 HOH HOH B . 
C 3 HOH 72  155 9   HOH HOH B . 
C 3 HOH 73  156 10  HOH HOH B . 
C 3 HOH 74  157 11  HOH HOH B . 
C 3 HOH 75  158 12  HOH HOH B . 
C 3 HOH 76  159 13  HOH HOH B . 
C 3 HOH 77  160 14  HOH HOH B . 
C 3 HOH 78  161 15  HOH HOH B . 
C 3 HOH 79  162 16  HOH HOH B . 
C 3 HOH 80  163 17  HOH HOH B . 
C 3 HOH 81  164 18  HOH HOH B . 
C 3 HOH 82  165 19  HOH HOH B . 
C 3 HOH 83  166 20  HOH HOH B . 
C 3 HOH 84  167 21  HOH HOH B . 
C 3 HOH 85  168 22  HOH HOH B . 
C 3 HOH 86  169 23  HOH HOH B . 
C 3 HOH 87  170 25  HOH HOH B . 
C 3 HOH 88  171 26  HOH HOH B . 
C 3 HOH 89  172 27  HOH HOH B . 
C 3 HOH 90  173 28  HOH HOH B . 
C 3 HOH 91  174 29  HOH HOH B . 
C 3 HOH 92  175 31  HOH HOH B . 
C 3 HOH 93  176 32  HOH HOH B . 
C 3 HOH 94  177 33  HOH HOH B . 
C 3 HOH 95  178 34  HOH HOH B . 
C 3 HOH 96  179 35  HOH HOH B . 
C 3 HOH 97  180 36  HOH HOH B . 
C 3 HOH 98  181 37  HOH HOH B . 
C 3 HOH 99  182 38  HOH HOH B . 
C 3 HOH 100 183 39  HOH HOH B . 
C 3 HOH 101 184 40  HOH HOH B . 
C 3 HOH 102 185 41  HOH HOH B . 
C 3 HOH 103 186 42  HOH HOH B . 
C 3 HOH 104 187 43  HOH HOH B . 
C 3 HOH 105 188 44  HOH HOH B . 
C 3 HOH 106 189 46  HOH HOH B . 
C 3 HOH 107 190 47  HOH HOH B . 
C 3 HOH 108 191 48  HOH HOH B . 
C 3 HOH 109 192 49  HOH HOH B . 
C 3 HOH 110 193 50  HOH HOH B . 
C 3 HOH 111 194 51  HOH HOH B . 
C 3 HOH 112 195 52  HOH HOH B . 
C 3 HOH 113 196 53  HOH HOH B . 
C 3 HOH 114 197 54  HOH HOH B . 
C 3 HOH 115 198 55  HOH HOH B . 
C 3 HOH 116 199 56  HOH HOH B . 
C 3 HOH 117 200 57  HOH HOH B . 
C 3 HOH 118 202 58  HOH HOH B . 
C 3 HOH 119 203 59  HOH HOH B . 
C 3 HOH 120 204 60  HOH HOH B . 
C 3 HOH 121 205 61  HOH HOH B . 
C 3 HOH 122 206 62  HOH HOH B . 
C 3 HOH 123 207 63  HOH HOH B . 
C 3 HOH 124 208 64  HOH HOH B . 
C 3 HOH 125 209 65  HOH HOH B . 
C 3 HOH 126 210 66  HOH HOH B . 
C 3 HOH 127 211 67  HOH HOH B . 
C 3 HOH 128 212 68  HOH HOH B . 
C 3 HOH 129 213 69  HOH HOH B . 
C 3 HOH 130 214 71  HOH HOH B . 
C 3 HOH 131 215 72  HOH HOH B . 
C 3 HOH 132 216 74  HOH HOH B . 
C 3 HOH 133 217 75  HOH HOH B . 
C 3 HOH 134 218 76  HOH HOH B . 
C 3 HOH 135 219 77  HOH HOH B . 
C 3 HOH 136 220 78  HOH HOH B . 
C 3 HOH 137 221 79  HOH HOH B . 
C 3 HOH 138 222 81  HOH HOH B . 
C 3 HOH 139 223 82  HOH HOH B . 
C 3 HOH 140 224 83  HOH HOH B . 
C 3 HOH 141 225 84  HOH HOH B . 
C 3 HOH 142 226 85  HOH HOH B . 
# 
_pdbx_struct_assembly.id                   1 
_pdbx_struct_assembly.details              author_and_software_defined_assembly 
_pdbx_struct_assembly.method_details       PISA 
_pdbx_struct_assembly.oligomeric_details   monomeric 
_pdbx_struct_assembly.oligomeric_count     1 
# 
_pdbx_struct_assembly_gen.assembly_id       1 
_pdbx_struct_assembly_gen.oper_expression   1 
_pdbx_struct_assembly_gen.asym_id_list      A,B,C 
# 
_pdbx_struct_oper_list.id                   1 
_pdbx_struct_oper_list.type                 'identity operation' 
_pdbx_struct_oper_list.name                 1_555 
_pdbx_struct_oper_list.symmetry_operation   x,y,z 
_pdbx_struct_oper_list.matrix[1][1]         1.0000000000 
_pdbx_struct_oper_list.matrix[1][2]         0.0000000000 
_pdbx_struct_oper_list.matrix[1][3]         0.0000000000 
_pdbx_struct_oper_list.vector[1]            0.0000000000 
_pdbx_struct_oper_list.matrix[2][1]         0.0000000000 
_pdbx_struct_oper_list.matrix[2][2]         1.0000000000 
_pdbx_struct_oper_list.matrix[2][3]         0.0000000000 
_pdbx_struct_oper_list.vector[2]            0.0000000000 
_pdbx_struct_oper_list.matrix[3][1]         0.0000000000 
_pdbx_struct_oper_list.matrix[3][2]         0.0000000000 
_pdbx_struct_oper_list.matrix[3][3]         1.0000000000 
_pdbx_struct_oper_list.vector[3]            0.0000000000 
# 
_pdbx_struct_special_symmetry.id              1 
_pdbx_struct_special_symmetry.PDB_model_num   1 
_pdbx_struct_special_symmetry.auth_asym_id    B 
_pdbx_struct_special_symmetry.auth_comp_id    HOH 
_pdbx_struct_special_symmetry.auth_seq_id     147 
_pdbx_struct_special_symmetry.PDB_ins_code    ? 
_pdbx_struct_special_symmetry.label_asym_id   C 
_pdbx_struct_special_symmetry.label_comp_id   HOH 
_pdbx_struct_special_symmetry.label_seq_id    . 
# 
loop_
_pdbx_struct_conn_angle.id 
_pdbx_struct_conn_angle.ptnr1_label_atom_id 
_pdbx_struct_conn_angle.ptnr1_label_alt_id 
_pdbx_struct_conn_angle.ptnr1_label_asym_id 
_pdbx_struct_conn_angle.ptnr1_label_comp_id 
_pdbx_struct_conn_angle.ptnr1_label_seq_id 
_pdbx_struct_conn_angle.ptnr1_auth_atom_id 
_pdbx_struct_conn_angle.ptnr1_auth_asym_id 
_pdbx_struct_conn_angle.ptnr1_auth_comp_id 
_pdbx_struct_conn_angle.ptnr1_auth_seq_id 
_pdbx_struct_conn_angle.ptnr1_PDB_ins_code 
_pdbx_struct_conn_angle.ptnr1_symmetry 
_pdbx_struct_conn_angle.ptnr2_label_atom_id 
_pdbx_struct_conn_angle.ptnr2_label_alt_id 
_pdbx_struct_conn_angle.ptnr2_label_asym_id 
_pdbx_struct_conn_angle.ptnr2_label_comp_id 
_pdbx_struct_conn_angle.ptnr2_label_seq_id 
_pdbx_struct_conn_angle.ptnr2_auth_atom_id 
_pdbx_struct_conn_angle.ptnr2_auth_asym_id 
_pdbx_struct_conn_angle.ptnr2_auth_comp_id 
_pdbx_struct_conn_angle.ptnr2_auth_seq_id 
_pdbx_struct_conn_angle.ptnr2_PDB_ins_code 
_pdbx_struct_conn_angle.ptnr2_symmetry 
_pdbx_struct_conn_angle.ptnr3_label_atom_id 
_pdbx_struct_conn_angle.ptnr3_label_alt_id 
_pdbx_struct_conn_angle.ptnr3_label_asym_id 
_pdbx_struct_conn_angle.ptnr3_label_comp_id 
_pdbx_struct_conn_angle.ptnr3_label_seq_id 
_pdbx_struct_conn_angle.ptnr3_auth_atom_id 
_pdbx_struct_conn_angle.ptnr3_auth_asym_id 
_pdbx_struct_conn_angle.ptnr3_auth_comp_id 
_pdbx_struct_conn_angle.ptnr3_auth_seq_id 
_pdbx_struct_conn_angle.ptnr3_PDB_ins_code 
_pdbx_struct_conn_angle.ptnr3_symmetry 
_pdbx_struct_conn_angle.value 
_pdbx_struct_conn_angle.value_esd 
1  NE2 ? A HIS 37 ? B HIS 39  ? 1_555 FE A B HEM . ? B HEM 201 ? 1_555 NA  A B HEM .  ? B HEM 201 ? 1_555 93.6  ? 
2  NE2 ? A HIS 37 ? B HIS 39  ? 1_555 FE A B HEM . ? B HEM 201 ? 1_555 NB  A B HEM .  ? B HEM 201 ? 1_555 91.2  ? 
3  NA  A B HEM .  ? B HEM 201 ? 1_555 FE A B HEM . ? B HEM 201 ? 1_555 NB  A B HEM .  ? B HEM 201 ? 1_555 91.7  ? 
4  NE2 ? A HIS 37 ? B HIS 39  ? 1_555 FE A B HEM . ? B HEM 201 ? 1_555 NC  A B HEM .  ? B HEM 201 ? 1_555 87.2  ? 
5  NA  A B HEM .  ? B HEM 201 ? 1_555 FE A B HEM . ? B HEM 201 ? 1_555 NC  A B HEM .  ? B HEM 201 ? 1_555 178.9 ? 
6  NB  A B HEM .  ? B HEM 201 ? 1_555 FE A B HEM . ? B HEM 201 ? 1_555 NC  A B HEM .  ? B HEM 201 ? 1_555 87.4  ? 
7  NE2 ? A HIS 37 ? B HIS 39  ? 1_555 FE A B HEM . ? B HEM 201 ? 1_555 ND  A B HEM .  ? B HEM 201 ? 1_555 87.4  ? 
8  NA  A B HEM .  ? B HEM 201 ? 1_555 FE A B HEM . ? B HEM 201 ? 1_555 ND  A B HEM .  ? B HEM 201 ? 1_555 90.2  ? 
9  NB  A B HEM .  ? B HEM 201 ? 1_555 FE A B HEM . ? B HEM 201 ? 1_555 ND  A B HEM .  ? B HEM 201 ? 1_555 177.6 ? 
10 NC  A B HEM .  ? B HEM 201 ? 1_555 FE A B HEM . ? B HEM 201 ? 1_555 ND  A B HEM .  ? B HEM 201 ? 1_555 90.6  ? 
11 NE2 ? A HIS 37 ? B HIS 39  ? 1_555 FE A B HEM . ? B HEM 201 ? 1_555 NE2 ? A HIS 61 ? B HIS 63  ? 1_555 175.7 ? 
12 NA  A B HEM .  ? B HEM 201 ? 1_555 FE A B HEM . ? B HEM 201 ? 1_555 NE2 ? A HIS 61 ? B HIS 63  ? 1_555 90.4  ? 
13 NB  A B HEM .  ? B HEM 201 ? 1_555 FE A B HEM . ? B HEM 201 ? 1_555 NE2 ? A HIS 61 ? B HIS 63  ? 1_555 90.5  ? 
14 NC  A B HEM .  ? B HEM 201 ? 1_555 FE A B HEM . ? B HEM 201 ? 1_555 NE2 ? A HIS 61 ? B HIS 63  ? 1_555 88.9  ? 
15 ND  A B HEM .  ? B HEM 201 ? 1_555 FE A B HEM . ? B HEM 201 ? 1_555 NE2 ? A HIS 61 ? B HIS 63  ? 1_555 90.8  ? 
16 NE2 ? A HIS 37 ? B HIS 39  ? 1_555 FE B B HEM . ? B HEM 201 ? 1_555 NA  A B HEM .  ? B HEM 201 ? 1_555 90.7  ? 
17 NE2 ? A HIS 37 ? B HIS 39  ? 1_555 FE B B HEM . ? B HEM 201 ? 1_555 NB  A B HEM .  ? B HEM 201 ? 1_555 87.4  ? 
18 NA  A B HEM .  ? B HEM 201 ? 1_555 FE B B HEM . ? B HEM 201 ? 1_555 NB  A B HEM .  ? B HEM 201 ? 1_555 85.4  ? 
19 NE2 ? A HIS 37 ? B HIS 39  ? 1_555 FE B B HEM . ? B HEM 201 ? 1_555 NC  A B HEM .  ? B HEM 201 ? 1_555 89.4  ? 
20 NA  A B HEM .  ? B HEM 201 ? 1_555 FE B B HEM . ? B HEM 201 ? 1_555 NC  A B HEM .  ? B HEM 201 ? 1_555 171.4 ? 
21 NB  A B HEM .  ? B HEM 201 ? 1_555 FE B B HEM . ? B HEM 201 ? 1_555 NC  A B HEM .  ? B HEM 201 ? 1_555 86.1  ? 
22 NE2 ? A HIS 37 ? B HIS 39  ? 1_555 FE B B HEM . ? B HEM 201 ? 1_555 ND  A B HEM .  ? B HEM 201 ? 1_555 91.0  ? 
23 NA  A B HEM .  ? B HEM 201 ? 1_555 FE B B HEM . ? B HEM 201 ? 1_555 ND  A B HEM .  ? B HEM 201 ? 1_555 91.1  ? 
24 NB  A B HEM .  ? B HEM 201 ? 1_555 FE B B HEM . ? B HEM 201 ? 1_555 ND  A B HEM .  ? B HEM 201 ? 1_555 176.1 ? 
25 NC  A B HEM .  ? B HEM 201 ? 1_555 FE B B HEM . ? B HEM 201 ? 1_555 ND  A B HEM .  ? B HEM 201 ? 1_555 97.5  ? 
26 NE2 ? A HIS 37 ? B HIS 39  ? 1_555 FE B B HEM . ? B HEM 201 ? 1_555 NE2 ? A HIS 61 ? B HIS 63  ? 1_555 174.2 ? 
27 NA  A B HEM .  ? B HEM 201 ? 1_555 FE B B HEM . ? B HEM 201 ? 1_555 NE2 ? A HIS 61 ? B HIS 63  ? 1_555 87.8  ? 
28 NB  A B HEM .  ? B HEM 201 ? 1_555 FE B B HEM . ? B HEM 201 ? 1_555 NE2 ? A HIS 61 ? B HIS 63  ? 1_555 86.9  ? 
29 NC  A B HEM .  ? B HEM 201 ? 1_555 FE B B HEM . ? B HEM 201 ? 1_555 NE2 ? A HIS 61 ? B HIS 63  ? 1_555 91.2  ? 
30 ND  A B HEM .  ? B HEM 201 ? 1_555 FE B B HEM . ? B HEM 201 ? 1_555 NE2 ? A HIS 61 ? B HIS 63  ? 1_555 94.6  ? 
# 
loop_
_pdbx_audit_revision_history.ordinal 
_pdbx_audit_revision_history.data_content_type 
_pdbx_audit_revision_history.major_revision 
_pdbx_audit_revision_history.minor_revision 
_pdbx_audit_revision_history.revision_date 
1 'Structure model' 1 0 2011-09-14 
2 'Structure model' 1 1 2023-09-06 
# 
_pdbx_audit_revision_details.ordinal             1 
_pdbx_audit_revision_details.revision_ordinal    1 
_pdbx_audit_revision_details.data_content_type   'Structure model' 
_pdbx_audit_revision_details.provider            repository 
_pdbx_audit_revision_details.type                'Initial release' 
_pdbx_audit_revision_details.description         ? 
_pdbx_audit_revision_details.details             ? 
# 
loop_
_pdbx_audit_revision_group.ordinal 
_pdbx_audit_revision_group.revision_ordinal 
_pdbx_audit_revision_group.data_content_type 
_pdbx_audit_revision_group.group 
1 2 'Structure model' 'Data collection'        
2 2 'Structure model' 'Database references'    
3 2 'Structure model' 'Derived calculations'   
4 2 'Structure model' 'Refinement description' 
# 
loop_
_pdbx_audit_revision_category.ordinal 
_pdbx_audit_revision_category.revision_ordinal 
_pdbx_audit_revision_category.data_content_type 
_pdbx_audit_revision_category.category 
1 2 'Structure model' chem_comp_atom                
2 2 'Structure model' chem_comp_bond                
3 2 'Structure model' database_2                    
4 2 'Structure model' pdbx_initial_refinement_model 
5 2 'Structure model' struct_ref_seq_dif            
6 2 'Structure model' struct_site                   
# 
loop_
_pdbx_audit_revision_item.ordinal 
_pdbx_audit_revision_item.revision_ordinal 
_pdbx_audit_revision_item.data_content_type 
_pdbx_audit_revision_item.item 
1 2 'Structure model' '_database_2.pdbx_DOI'                
2 2 'Structure model' '_database_2.pdbx_database_accession' 
3 2 'Structure model' '_struct_ref_seq_dif.details'         
4 2 'Structure model' '_struct_site.pdbx_auth_asym_id'      
5 2 'Structure model' '_struct_site.pdbx_auth_comp_id'      
6 2 'Structure model' '_struct_site.pdbx_auth_seq_id'       
# 
loop_
_software.name 
_software.classification 
_software.version 
_software.citation_id 
_software.pdbx_ordinal 
MAR345dtb 'data collection' .   ? 1 
AMoRE     phasing           .   ? 2 
CNS       refinement        1.0 ? 3 
DENZO     'data reduction'  .   ? 4 
SCALEPACK 'data scaling'    .   ? 5 
# 
_pdbx_validate_symm_contact.id                1 
_pdbx_validate_symm_contact.PDB_model_num     1 
_pdbx_validate_symm_contact.auth_atom_id_1    O 
_pdbx_validate_symm_contact.auth_asym_id_1    B 
_pdbx_validate_symm_contact.auth_comp_id_1    HOH 
_pdbx_validate_symm_contact.auth_seq_id_1     88 
_pdbx_validate_symm_contact.PDB_ins_code_1    ? 
_pdbx_validate_symm_contact.label_alt_id_1    ? 
_pdbx_validate_symm_contact.site_symmetry_1   1_555 
_pdbx_validate_symm_contact.auth_atom_id_2    O 
_pdbx_validate_symm_contact.auth_asym_id_2    B 
_pdbx_validate_symm_contact.auth_comp_id_2    HOH 
_pdbx_validate_symm_contact.auth_seq_id_2     168 
_pdbx_validate_symm_contact.PDB_ins_code_2    ? 
_pdbx_validate_symm_contact.label_alt_id_2    ? 
_pdbx_validate_symm_contact.site_symmetry_2   4_555 
_pdbx_validate_symm_contact.dist              2.10 
# 
loop_
_pdbx_validate_torsion.id 
_pdbx_validate_torsion.PDB_model_num 
_pdbx_validate_torsion.auth_comp_id 
_pdbx_validate_torsion.auth_asym_id 
_pdbx_validate_torsion.auth_seq_id 
_pdbx_validate_torsion.PDB_ins_code 
_pdbx_validate_torsion.label_alt_id 
_pdbx_validate_torsion.phi 
_pdbx_validate_torsion.psi 
1 1 SER B 20 ? ? -164.65 112.56 
2 1 TYR B 27 ? ? 63.54   -4.70  
# 
loop_
_chem_comp_atom.comp_id 
_chem_comp_atom.atom_id 
_chem_comp_atom.type_symbol 
_chem_comp_atom.pdbx_aromatic_flag 
_chem_comp_atom.pdbx_stereo_config 
_chem_comp_atom.pdbx_ordinal 
ALA N    N  N N 1   
ALA CA   C  N S 2   
ALA C    C  N N 3   
ALA O    O  N N 4   
ALA CB   C  N N 5   
ALA OXT  O  N N 6   
ALA H    H  N N 7   
ALA H2   H  N N 8   
ALA HA   H  N N 9   
ALA HB1  H  N N 10  
ALA HB2  H  N N 11  
ALA HB3  H  N N 12  
ALA HXT  H  N N 13  
ARG N    N  N N 14  
ARG CA   C  N S 15  
ARG C    C  N N 16  
ARG O    O  N N 17  
ARG CB   C  N N 18  
ARG CG   C  N N 19  
ARG CD   C  N N 20  
ARG NE   N  N N 21  
ARG CZ   C  N N 22  
ARG NH1  N  N N 23  
ARG NH2  N  N N 24  
ARG OXT  O  N N 25  
ARG H    H  N N 26  
ARG H2   H  N N 27  
ARG HA   H  N N 28  
ARG HB2  H  N N 29  
ARG HB3  H  N N 30  
ARG HG2  H  N N 31  
ARG HG3  H  N N 32  
ARG HD2  H  N N 33  
ARG HD3  H  N N 34  
ARG HE   H  N N 35  
ARG HH11 H  N N 36  
ARG HH12 H  N N 37  
ARG HH21 H  N N 38  
ARG HH22 H  N N 39  
ARG HXT  H  N N 40  
ASN N    N  N N 41  
ASN CA   C  N S 42  
ASN C    C  N N 43  
ASN O    O  N N 44  
ASN CB   C  N N 45  
ASN CG   C  N N 46  
ASN OD1  O  N N 47  
ASN ND2  N  N N 48  
ASN OXT  O  N N 49  
ASN H    H  N N 50  
ASN H2   H  N N 51  
ASN HA   H  N N 52  
ASN HB2  H  N N 53  
ASN HB3  H  N N 54  
ASN HD21 H  N N 55  
ASN HD22 H  N N 56  
ASN HXT  H  N N 57  
ASP N    N  N N 58  
ASP CA   C  N S 59  
ASP C    C  N N 60  
ASP O    O  N N 61  
ASP CB   C  N N 62  
ASP CG   C  N N 63  
ASP OD1  O  N N 64  
ASP OD2  O  N N 65  
ASP OXT  O  N N 66  
ASP H    H  N N 67  
ASP H2   H  N N 68  
ASP HA   H  N N 69  
ASP HB2  H  N N 70  
ASP HB3  H  N N 71  
ASP HD2  H  N N 72  
ASP HXT  H  N N 73  
GLN N    N  N N 74  
GLN CA   C  N S 75  
GLN C    C  N N 76  
GLN O    O  N N 77  
GLN CB   C  N N 78  
GLN CG   C  N N 79  
GLN CD   C  N N 80  
GLN OE1  O  N N 81  
GLN NE2  N  N N 82  
GLN OXT  O  N N 83  
GLN H    H  N N 84  
GLN H2   H  N N 85  
GLN HA   H  N N 86  
GLN HB2  H  N N 87  
GLN HB3  H  N N 88  
GLN HG2  H  N N 89  
GLN HG3  H  N N 90  
GLN HE21 H  N N 91  
GLN HE22 H  N N 92  
GLN HXT  H  N N 93  
GLU N    N  N N 94  
GLU CA   C  N S 95  
GLU C    C  N N 96  
GLU O    O  N N 97  
GLU CB   C  N N 98  
GLU CG   C  N N 99  
GLU CD   C  N N 100 
GLU OE1  O  N N 101 
GLU OE2  O  N N 102 
GLU OXT  O  N N 103 
GLU H    H  N N 104 
GLU H2   H  N N 105 
GLU HA   H  N N 106 
GLU HB2  H  N N 107 
GLU HB3  H  N N 108 
GLU HG2  H  N N 109 
GLU HG3  H  N N 110 
GLU HE2  H  N N 111 
GLU HXT  H  N N 112 
GLY N    N  N N 113 
GLY CA   C  N N 114 
GLY C    C  N N 115 
GLY O    O  N N 116 
GLY OXT  O  N N 117 
GLY H    H  N N 118 
GLY H2   H  N N 119 
GLY HA2  H  N N 120 
GLY HA3  H  N N 121 
GLY HXT  H  N N 122 
HEM CHA  C  N N 123 
HEM CHB  C  N N 124 
HEM CHC  C  N N 125 
HEM CHD  C  N N 126 
HEM C1A  C  Y N 127 
HEM C2A  C  Y N 128 
HEM C3A  C  Y N 129 
HEM C4A  C  Y N 130 
HEM CMA  C  N N 131 
HEM CAA  C  N N 132 
HEM CBA  C  N N 133 
HEM CGA  C  N N 134 
HEM O1A  O  N N 135 
HEM O2A  O  N N 136 
HEM C1B  C  N N 137 
HEM C2B  C  N N 138 
HEM C3B  C  N N 139 
HEM C4B  C  N N 140 
HEM CMB  C  N N 141 
HEM CAB  C  N N 142 
HEM CBB  C  N N 143 
HEM C1C  C  Y N 144 
HEM C2C  C  Y N 145 
HEM C3C  C  Y N 146 
HEM C4C  C  Y N 147 
HEM CMC  C  N N 148 
HEM CAC  C  N N 149 
HEM CBC  C  N N 150 
HEM C1D  C  N N 151 
HEM C2D  C  N N 152 
HEM C3D  C  N N 153 
HEM C4D  C  N N 154 
HEM CMD  C  N N 155 
HEM CAD  C  N N 156 
HEM CBD  C  N N 157 
HEM CGD  C  N N 158 
HEM O1D  O  N N 159 
HEM O2D  O  N N 160 
HEM NA   N  Y N 161 
HEM NB   N  N N 162 
HEM NC   N  Y N 163 
HEM ND   N  N N 164 
HEM FE   FE N N 165 
HEM HHB  H  N N 166 
HEM HHC  H  N N 167 
HEM HHD  H  N N 168 
HEM HMA  H  N N 169 
HEM HMAA H  N N 170 
HEM HMAB H  N N 171 
HEM HAA  H  N N 172 
HEM HAAA H  N N 173 
HEM HBA  H  N N 174 
HEM HBAA H  N N 175 
HEM HMB  H  N N 176 
HEM HMBA H  N N 177 
HEM HMBB H  N N 178 
HEM HAB  H  N N 179 
HEM HBB  H  N N 180 
HEM HBBA H  N N 181 
HEM HMC  H  N N 182 
HEM HMCA H  N N 183 
HEM HMCB H  N N 184 
HEM HAC  H  N N 185 
HEM HBC  H  N N 186 
HEM HBCA H  N N 187 
HEM HMD  H  N N 188 
HEM HMDA H  N N 189 
HEM HMDB H  N N 190 
HEM HAD  H  N N 191 
HEM HADA H  N N 192 
HEM HBD  H  N N 193 
HEM HBDA H  N N 194 
HEM H2A  H  N N 195 
HEM H2D  H  N N 196 
HEM HHA  H  N N 197 
HIS N    N  N N 198 
HIS CA   C  N S 199 
HIS C    C  N N 200 
HIS O    O  N N 201 
HIS CB   C  N N 202 
HIS CG   C  Y N 203 
HIS ND1  N  Y N 204 
HIS CD2  C  Y N 205 
HIS CE1  C  Y N 206 
HIS NE2  N  Y N 207 
HIS OXT  O  N N 208 
HIS H    H  N N 209 
HIS H2   H  N N 210 
HIS HA   H  N N 211 
HIS HB2  H  N N 212 
HIS HB3  H  N N 213 
HIS HD1  H  N N 214 
HIS HD2  H  N N 215 
HIS HE1  H  N N 216 
HIS HE2  H  N N 217 
HIS HXT  H  N N 218 
HOH O    O  N N 219 
HOH H1   H  N N 220 
HOH H2   H  N N 221 
ILE N    N  N N 222 
ILE CA   C  N S 223 
ILE C    C  N N 224 
ILE O    O  N N 225 
ILE CB   C  N S 226 
ILE CG1  C  N N 227 
ILE CG2  C  N N 228 
ILE CD1  C  N N 229 
ILE OXT  O  N N 230 
ILE H    H  N N 231 
ILE H2   H  N N 232 
ILE HA   H  N N 233 
ILE HB   H  N N 234 
ILE HG12 H  N N 235 
ILE HG13 H  N N 236 
ILE HG21 H  N N 237 
ILE HG22 H  N N 238 
ILE HG23 H  N N 239 
ILE HD11 H  N N 240 
ILE HD12 H  N N 241 
ILE HD13 H  N N 242 
ILE HXT  H  N N 243 
LEU N    N  N N 244 
LEU CA   C  N S 245 
LEU C    C  N N 246 
LEU O    O  N N 247 
LEU CB   C  N N 248 
LEU CG   C  N N 249 
LEU CD1  C  N N 250 
LEU CD2  C  N N 251 
LEU OXT  O  N N 252 
LEU H    H  N N 253 
LEU H2   H  N N 254 
LEU HA   H  N N 255 
LEU HB2  H  N N 256 
LEU HB3  H  N N 257 
LEU HG   H  N N 258 
LEU HD11 H  N N 259 
LEU HD12 H  N N 260 
LEU HD13 H  N N 261 
LEU HD21 H  N N 262 
LEU HD22 H  N N 263 
LEU HD23 H  N N 264 
LEU HXT  H  N N 265 
LYS N    N  N N 266 
LYS CA   C  N S 267 
LYS C    C  N N 268 
LYS O    O  N N 269 
LYS CB   C  N N 270 
LYS CG   C  N N 271 
LYS CD   C  N N 272 
LYS CE   C  N N 273 
LYS NZ   N  N N 274 
LYS OXT  O  N N 275 
LYS H    H  N N 276 
LYS H2   H  N N 277 
LYS HA   H  N N 278 
LYS HB2  H  N N 279 
LYS HB3  H  N N 280 
LYS HG2  H  N N 281 
LYS HG3  H  N N 282 
LYS HD2  H  N N 283 
LYS HD3  H  N N 284 
LYS HE2  H  N N 285 
LYS HE3  H  N N 286 
LYS HZ1  H  N N 287 
LYS HZ2  H  N N 288 
LYS HZ3  H  N N 289 
LYS HXT  H  N N 290 
MET N    N  N N 291 
MET CA   C  N S 292 
MET C    C  N N 293 
MET O    O  N N 294 
MET CB   C  N N 295 
MET CG   C  N N 296 
MET SD   S  N N 297 
MET CE   C  N N 298 
MET OXT  O  N N 299 
MET H    H  N N 300 
MET H2   H  N N 301 
MET HA   H  N N 302 
MET HB2  H  N N 303 
MET HB3  H  N N 304 
MET HG2  H  N N 305 
MET HG3  H  N N 306 
MET HE1  H  N N 307 
MET HE2  H  N N 308 
MET HE3  H  N N 309 
MET HXT  H  N N 310 
PHE N    N  N N 311 
PHE CA   C  N S 312 
PHE C    C  N N 313 
PHE O    O  N N 314 
PHE CB   C  N N 315 
PHE CG   C  Y N 316 
PHE CD1  C  Y N 317 
PHE CD2  C  Y N 318 
PHE CE1  C  Y N 319 
PHE CE2  C  Y N 320 
PHE CZ   C  Y N 321 
PHE OXT  O  N N 322 
PHE H    H  N N 323 
PHE H2   H  N N 324 
PHE HA   H  N N 325 
PHE HB2  H  N N 326 
PHE HB3  H  N N 327 
PHE HD1  H  N N 328 
PHE HD2  H  N N 329 
PHE HE1  H  N N 330 
PHE HE2  H  N N 331 
PHE HZ   H  N N 332 
PHE HXT  H  N N 333 
PRO N    N  N N 334 
PRO CA   C  N S 335 
PRO C    C  N N 336 
PRO O    O  N N 337 
PRO CB   C  N N 338 
PRO CG   C  N N 339 
PRO CD   C  N N 340 
PRO OXT  O  N N 341 
PRO H    H  N N 342 
PRO HA   H  N N 343 
PRO HB2  H  N N 344 
PRO HB3  H  N N 345 
PRO HG2  H  N N 346 
PRO HG3  H  N N 347 
PRO HD2  H  N N 348 
PRO HD3  H  N N 349 
PRO HXT  H  N N 350 
SER N    N  N N 351 
SER CA   C  N S 352 
SER C    C  N N 353 
SER O    O  N N 354 
SER CB   C  N N 355 
SER OG   O  N N 356 
SER OXT  O  N N 357 
SER H    H  N N 358 
SER H2   H  N N 359 
SER HA   H  N N 360 
SER HB2  H  N N 361 
SER HB3  H  N N 362 
SER HG   H  N N 363 
SER HXT  H  N N 364 
THR N    N  N N 365 
THR CA   C  N S 366 
THR C    C  N N 367 
THR O    O  N N 368 
THR CB   C  N R 369 
THR OG1  O  N N 370 
THR CG2  C  N N 371 
THR OXT  O  N N 372 
THR H    H  N N 373 
THR H2   H  N N 374 
THR HA   H  N N 375 
THR HB   H  N N 376 
THR HG1  H  N N 377 
THR HG21 H  N N 378 
THR HG22 H  N N 379 
THR HG23 H  N N 380 
THR HXT  H  N N 381 
TRP N    N  N N 382 
TRP CA   C  N S 383 
TRP C    C  N N 384 
TRP O    O  N N 385 
TRP CB   C  N N 386 
TRP CG   C  Y N 387 
TRP CD1  C  Y N 388 
TRP CD2  C  Y N 389 
TRP NE1  N  Y N 390 
TRP CE2  C  Y N 391 
TRP CE3  C  Y N 392 
TRP CZ2  C  Y N 393 
TRP CZ3  C  Y N 394 
TRP CH2  C  Y N 395 
TRP OXT  O  N N 396 
TRP H    H  N N 397 
TRP H2   H  N N 398 
TRP HA   H  N N 399 
TRP HB2  H  N N 400 
TRP HB3  H  N N 401 
TRP HD1  H  N N 402 
TRP HE1  H  N N 403 
TRP HE3  H  N N 404 
TRP HZ2  H  N N 405 
TRP HZ3  H  N N 406 
TRP HH2  H  N N 407 
TRP HXT  H  N N 408 
TYR N    N  N N 409 
TYR CA   C  N S 410 
TYR C    C  N N 411 
TYR O    O  N N 412 
TYR CB   C  N N 413 
TYR CG   C  Y N 414 
TYR CD1  C  Y N 415 
TYR CD2  C  Y N 416 
TYR CE1  C  Y N 417 
TYR CE2  C  Y N 418 
TYR CZ   C  Y N 419 
TYR OH   O  N N 420 
TYR OXT  O  N N 421 
TYR H    H  N N 422 
TYR H2   H  N N 423 
TYR HA   H  N N 424 
TYR HB2  H  N N 425 
TYR HB3  H  N N 426 
TYR HD1  H  N N 427 
TYR HD2  H  N N 428 
TYR HE1  H  N N 429 
TYR HE2  H  N N 430 
TYR HH   H  N N 431 
TYR HXT  H  N N 432 
VAL N    N  N N 433 
VAL CA   C  N S 434 
VAL C    C  N N 435 
VAL O    O  N N 436 
VAL CB   C  N N 437 
VAL CG1  C  N N 438 
VAL CG2  C  N N 439 
VAL OXT  O  N N 440 
VAL H    H  N N 441 
VAL H2   H  N N 442 
VAL HA   H  N N 443 
VAL HB   H  N N 444 
VAL HG11 H  N N 445 
VAL HG12 H  N N 446 
VAL HG13 H  N N 447 
VAL HG21 H  N N 448 
VAL HG22 H  N N 449 
VAL HG23 H  N N 450 
VAL HXT  H  N N 451 
# 
loop_
_chem_comp_bond.comp_id 
_chem_comp_bond.atom_id_1 
_chem_comp_bond.atom_id_2 
_chem_comp_bond.value_order 
_chem_comp_bond.pdbx_aromatic_flag 
_chem_comp_bond.pdbx_stereo_config 
_chem_comp_bond.pdbx_ordinal 
ALA N   CA   sing N N 1   
ALA N   H    sing N N 2   
ALA N   H2   sing N N 3   
ALA CA  C    sing N N 4   
ALA CA  CB   sing N N 5   
ALA CA  HA   sing N N 6   
ALA C   O    doub N N 7   
ALA C   OXT  sing N N 8   
ALA CB  HB1  sing N N 9   
ALA CB  HB2  sing N N 10  
ALA CB  HB3  sing N N 11  
ALA OXT HXT  sing N N 12  
ARG N   CA   sing N N 13  
ARG N   H    sing N N 14  
ARG N   H2   sing N N 15  
ARG CA  C    sing N N 16  
ARG CA  CB   sing N N 17  
ARG CA  HA   sing N N 18  
ARG C   O    doub N N 19  
ARG C   OXT  sing N N 20  
ARG CB  CG   sing N N 21  
ARG CB  HB2  sing N N 22  
ARG CB  HB3  sing N N 23  
ARG CG  CD   sing N N 24  
ARG CG  HG2  sing N N 25  
ARG CG  HG3  sing N N 26  
ARG CD  NE   sing N N 27  
ARG CD  HD2  sing N N 28  
ARG CD  HD3  sing N N 29  
ARG NE  CZ   sing N N 30  
ARG NE  HE   sing N N 31  
ARG CZ  NH1  sing N N 32  
ARG CZ  NH2  doub N N 33  
ARG NH1 HH11 sing N N 34  
ARG NH1 HH12 sing N N 35  
ARG NH2 HH21 sing N N 36  
ARG NH2 HH22 sing N N 37  
ARG OXT HXT  sing N N 38  
ASN N   CA   sing N N 39  
ASN N   H    sing N N 40  
ASN N   H2   sing N N 41  
ASN CA  C    sing N N 42  
ASN CA  CB   sing N N 43  
ASN CA  HA   sing N N 44  
ASN C   O    doub N N 45  
ASN C   OXT  sing N N 46  
ASN CB  CG   sing N N 47  
ASN CB  HB2  sing N N 48  
ASN CB  HB3  sing N N 49  
ASN CG  OD1  doub N N 50  
ASN CG  ND2  sing N N 51  
ASN ND2 HD21 sing N N 52  
ASN ND2 HD22 sing N N 53  
ASN OXT HXT  sing N N 54  
ASP N   CA   sing N N 55  
ASP N   H    sing N N 56  
ASP N   H2   sing N N 57  
ASP CA  C    sing N N 58  
ASP CA  CB   sing N N 59  
ASP CA  HA   sing N N 60  
ASP C   O    doub N N 61  
ASP C   OXT  sing N N 62  
ASP CB  CG   sing N N 63  
ASP CB  HB2  sing N N 64  
ASP CB  HB3  sing N N 65  
ASP CG  OD1  doub N N 66  
ASP CG  OD2  sing N N 67  
ASP OD2 HD2  sing N N 68  
ASP OXT HXT  sing N N 69  
GLN N   CA   sing N N 70  
GLN N   H    sing N N 71  
GLN N   H2   sing N N 72  
GLN CA  C    sing N N 73  
GLN CA  CB   sing N N 74  
GLN CA  HA   sing N N 75  
GLN C   O    doub N N 76  
GLN C   OXT  sing N N 77  
GLN CB  CG   sing N N 78  
GLN CB  HB2  sing N N 79  
GLN CB  HB3  sing N N 80  
GLN CG  CD   sing N N 81  
GLN CG  HG2  sing N N 82  
GLN CG  HG3  sing N N 83  
GLN CD  OE1  doub N N 84  
GLN CD  NE2  sing N N 85  
GLN NE2 HE21 sing N N 86  
GLN NE2 HE22 sing N N 87  
GLN OXT HXT  sing N N 88  
GLU N   CA   sing N N 89  
GLU N   H    sing N N 90  
GLU N   H2   sing N N 91  
GLU CA  C    sing N N 92  
GLU CA  CB   sing N N 93  
GLU CA  HA   sing N N 94  
GLU C   O    doub N N 95  
GLU C   OXT  sing N N 96  
GLU CB  CG   sing N N 97  
GLU CB  HB2  sing N N 98  
GLU CB  HB3  sing N N 99  
GLU CG  CD   sing N N 100 
GLU CG  HG2  sing N N 101 
GLU CG  HG3  sing N N 102 
GLU CD  OE1  doub N N 103 
GLU CD  OE2  sing N N 104 
GLU OE2 HE2  sing N N 105 
GLU OXT HXT  sing N N 106 
GLY N   CA   sing N N 107 
GLY N   H    sing N N 108 
GLY N   H2   sing N N 109 
GLY CA  C    sing N N 110 
GLY CA  HA2  sing N N 111 
GLY CA  HA3  sing N N 112 
GLY C   O    doub N N 113 
GLY C   OXT  sing N N 114 
GLY OXT HXT  sing N N 115 
HEM CHA C1A  sing N N 116 
HEM CHA C4D  doub N N 117 
HEM CHA HHA  sing N N 118 
HEM CHB C4A  sing N N 119 
HEM CHB C1B  doub N N 120 
HEM CHB HHB  sing N N 121 
HEM CHC C4B  sing N N 122 
HEM CHC C1C  doub N N 123 
HEM CHC HHC  sing N N 124 
HEM CHD C4C  doub N N 125 
HEM CHD C1D  sing N N 126 
HEM CHD HHD  sing N N 127 
HEM C1A C2A  doub Y N 128 
HEM C1A NA   sing Y N 129 
HEM C2A C3A  sing Y N 130 
HEM C2A CAA  sing N N 131 
HEM C3A C4A  doub Y N 132 
HEM C3A CMA  sing N N 133 
HEM C4A NA   sing Y N 134 
HEM CMA HMA  sing N N 135 
HEM CMA HMAA sing N N 136 
HEM CMA HMAB sing N N 137 
HEM CAA CBA  sing N N 138 
HEM CAA HAA  sing N N 139 
HEM CAA HAAA sing N N 140 
HEM CBA CGA  sing N N 141 
HEM CBA HBA  sing N N 142 
HEM CBA HBAA sing N N 143 
HEM CGA O1A  doub N N 144 
HEM CGA O2A  sing N N 145 
HEM C1B C2B  sing N N 146 
HEM C1B NB   sing N N 147 
HEM C2B C3B  doub N N 148 
HEM C2B CMB  sing N N 149 
HEM C3B C4B  sing N N 150 
HEM C3B CAB  sing N N 151 
HEM C4B NB   doub N N 152 
HEM CMB HMB  sing N N 153 
HEM CMB HMBA sing N N 154 
HEM CMB HMBB sing N N 155 
HEM CAB CBB  doub N N 156 
HEM CAB HAB  sing N N 157 
HEM CBB HBB  sing N N 158 
HEM CBB HBBA sing N N 159 
HEM C1C C2C  sing Y N 160 
HEM C1C NC   sing Y N 161 
HEM C2C C3C  doub Y N 162 
HEM C2C CMC  sing N N 163 
HEM C3C C4C  sing Y N 164 
HEM C3C CAC  sing N N 165 
HEM C4C NC   sing Y N 166 
HEM CMC HMC  sing N N 167 
HEM CMC HMCA sing N N 168 
HEM CMC HMCB sing N N 169 
HEM CAC CBC  doub N N 170 
HEM CAC HAC  sing N N 171 
HEM CBC HBC  sing N N 172 
HEM CBC HBCA sing N N 173 
HEM C1D C2D  sing N N 174 
HEM C1D ND   doub N N 175 
HEM C2D C3D  doub N N 176 
HEM C2D CMD  sing N N 177 
HEM C3D C4D  sing N N 178 
HEM C3D CAD  sing N N 179 
HEM C4D ND   sing N N 180 
HEM CMD HMD  sing N N 181 
HEM CMD HMDA sing N N 182 
HEM CMD HMDB sing N N 183 
HEM CAD CBD  sing N N 184 
HEM CAD HAD  sing N N 185 
HEM CAD HADA sing N N 186 
HEM CBD CGD  sing N N 187 
HEM CBD HBD  sing N N 188 
HEM CBD HBDA sing N N 189 
HEM CGD O1D  doub N N 190 
HEM CGD O2D  sing N N 191 
HEM O2A H2A  sing N N 192 
HEM O2D H2D  sing N N 193 
HEM FE  NA   sing N N 194 
HEM FE  NB   sing N N 195 
HEM FE  NC   sing N N 196 
HEM FE  ND   sing N N 197 
HIS N   CA   sing N N 198 
HIS N   H    sing N N 199 
HIS N   H2   sing N N 200 
HIS CA  C    sing N N 201 
HIS CA  CB   sing N N 202 
HIS CA  HA   sing N N 203 
HIS C   O    doub N N 204 
HIS C   OXT  sing N N 205 
HIS CB  CG   sing N N 206 
HIS CB  HB2  sing N N 207 
HIS CB  HB3  sing N N 208 
HIS CG  ND1  sing Y N 209 
HIS CG  CD2  doub Y N 210 
HIS ND1 CE1  doub Y N 211 
HIS ND1 HD1  sing N N 212 
HIS CD2 NE2  sing Y N 213 
HIS CD2 HD2  sing N N 214 
HIS CE1 NE2  sing Y N 215 
HIS CE1 HE1  sing N N 216 
HIS NE2 HE2  sing N N 217 
HIS OXT HXT  sing N N 218 
HOH O   H1   sing N N 219 
HOH O   H2   sing N N 220 
ILE N   CA   sing N N 221 
ILE N   H    sing N N 222 
ILE N   H2   sing N N 223 
ILE CA  C    sing N N 224 
ILE CA  CB   sing N N 225 
ILE CA  HA   sing N N 226 
ILE C   O    doub N N 227 
ILE C   OXT  sing N N 228 
ILE CB  CG1  sing N N 229 
ILE CB  CG2  sing N N 230 
ILE CB  HB   sing N N 231 
ILE CG1 CD1  sing N N 232 
ILE CG1 HG12 sing N N 233 
ILE CG1 HG13 sing N N 234 
ILE CG2 HG21 sing N N 235 
ILE CG2 HG22 sing N N 236 
ILE CG2 HG23 sing N N 237 
ILE CD1 HD11 sing N N 238 
ILE CD1 HD12 sing N N 239 
ILE CD1 HD13 sing N N 240 
ILE OXT HXT  sing N N 241 
LEU N   CA   sing N N 242 
LEU N   H    sing N N 243 
LEU N   H2   sing N N 244 
LEU CA  C    sing N N 245 
LEU CA  CB   sing N N 246 
LEU CA  HA   sing N N 247 
LEU C   O    doub N N 248 
LEU C   OXT  sing N N 249 
LEU CB  CG   sing N N 250 
LEU CB  HB2  sing N N 251 
LEU CB  HB3  sing N N 252 
LEU CG  CD1  sing N N 253 
LEU CG  CD2  sing N N 254 
LEU CG  HG   sing N N 255 
LEU CD1 HD11 sing N N 256 
LEU CD1 HD12 sing N N 257 
LEU CD1 HD13 sing N N 258 
LEU CD2 HD21 sing N N 259 
LEU CD2 HD22 sing N N 260 
LEU CD2 HD23 sing N N 261 
LEU OXT HXT  sing N N 262 
LYS N   CA   sing N N 263 
LYS N   H    sing N N 264 
LYS N   H2   sing N N 265 
LYS CA  C    sing N N 266 
LYS CA  CB   sing N N 267 
LYS CA  HA   sing N N 268 
LYS C   O    doub N N 269 
LYS C   OXT  sing N N 270 
LYS CB  CG   sing N N 271 
LYS CB  HB2  sing N N 272 
LYS CB  HB3  sing N N 273 
LYS CG  CD   sing N N 274 
LYS CG  HG2  sing N N 275 
LYS CG  HG3  sing N N 276 
LYS CD  CE   sing N N 277 
LYS CD  HD2  sing N N 278 
LYS CD  HD3  sing N N 279 
LYS CE  NZ   sing N N 280 
LYS CE  HE2  sing N N 281 
LYS CE  HE3  sing N N 282 
LYS NZ  HZ1  sing N N 283 
LYS NZ  HZ2  sing N N 284 
LYS NZ  HZ3  sing N N 285 
LYS OXT HXT  sing N N 286 
MET N   CA   sing N N 287 
MET N   H    sing N N 288 
MET N   H2   sing N N 289 
MET CA  C    sing N N 290 
MET CA  CB   sing N N 291 
MET CA  HA   sing N N 292 
MET C   O    doub N N 293 
MET C   OXT  sing N N 294 
MET CB  CG   sing N N 295 
MET CB  HB2  sing N N 296 
MET CB  HB3  sing N N 297 
MET CG  SD   sing N N 298 
MET CG  HG2  sing N N 299 
MET CG  HG3  sing N N 300 
MET SD  CE   sing N N 301 
MET CE  HE1  sing N N 302 
MET CE  HE2  sing N N 303 
MET CE  HE3  sing N N 304 
MET OXT HXT  sing N N 305 
PHE N   CA   sing N N 306 
PHE N   H    sing N N 307 
PHE N   H2   sing N N 308 
PHE CA  C    sing N N 309 
PHE CA  CB   sing N N 310 
PHE CA  HA   sing N N 311 
PHE C   O    doub N N 312 
PHE C   OXT  sing N N 313 
PHE CB  CG   sing N N 314 
PHE CB  HB2  sing N N 315 
PHE CB  HB3  sing N N 316 
PHE CG  CD1  doub Y N 317 
PHE CG  CD2  sing Y N 318 
PHE CD1 CE1  sing Y N 319 
PHE CD1 HD1  sing N N 320 
PHE CD2 CE2  doub Y N 321 
PHE CD2 HD2  sing N N 322 
PHE CE1 CZ   doub Y N 323 
PHE CE1 HE1  sing N N 324 
PHE CE2 CZ   sing Y N 325 
PHE CE2 HE2  sing N N 326 
PHE CZ  HZ   sing N N 327 
PHE OXT HXT  sing N N 328 
PRO N   CA   sing N N 329 
PRO N   CD   sing N N 330 
PRO N   H    sing N N 331 
PRO CA  C    sing N N 332 
PRO CA  CB   sing N N 333 
PRO CA  HA   sing N N 334 
PRO C   O    doub N N 335 
PRO C   OXT  sing N N 336 
PRO CB  CG   sing N N 337 
PRO CB  HB2  sing N N 338 
PRO CB  HB3  sing N N 339 
PRO CG  CD   sing N N 340 
PRO CG  HG2  sing N N 341 
PRO CG  HG3  sing N N 342 
PRO CD  HD2  sing N N 343 
PRO CD  HD3  sing N N 344 
PRO OXT HXT  sing N N 345 
SER N   CA   sing N N 346 
SER N   H    sing N N 347 
SER N   H2   sing N N 348 
SER CA  C    sing N N 349 
SER CA  CB   sing N N 350 
SER CA  HA   sing N N 351 
SER C   O    doub N N 352 
SER C   OXT  sing N N 353 
SER CB  OG   sing N N 354 
SER CB  HB2  sing N N 355 
SER CB  HB3  sing N N 356 
SER OG  HG   sing N N 357 
SER OXT HXT  sing N N 358 
THR N   CA   sing N N 359 
THR N   H    sing N N 360 
THR N   H2   sing N N 361 
THR CA  C    sing N N 362 
THR CA  CB   sing N N 363 
THR CA  HA   sing N N 364 
THR C   O    doub N N 365 
THR C   OXT  sing N N 366 
THR CB  OG1  sing N N 367 
THR CB  CG2  sing N N 368 
THR CB  HB   sing N N 369 
THR OG1 HG1  sing N N 370 
THR CG2 HG21 sing N N 371 
THR CG2 HG22 sing N N 372 
THR CG2 HG23 sing N N 373 
THR OXT HXT  sing N N 374 
TRP N   CA   sing N N 375 
TRP N   H    sing N N 376 
TRP N   H2   sing N N 377 
TRP CA  C    sing N N 378 
TRP CA  CB   sing N N 379 
TRP CA  HA   sing N N 380 
TRP C   O    doub N N 381 
TRP C   OXT  sing N N 382 
TRP CB  CG   sing N N 383 
TRP CB  HB2  sing N N 384 
TRP CB  HB3  sing N N 385 
TRP CG  CD1  doub Y N 386 
TRP CG  CD2  sing Y N 387 
TRP CD1 NE1  sing Y N 388 
TRP CD1 HD1  sing N N 389 
TRP CD2 CE2  doub Y N 390 
TRP CD2 CE3  sing Y N 391 
TRP NE1 CE2  sing Y N 392 
TRP NE1 HE1  sing N N 393 
TRP CE2 CZ2  sing Y N 394 
TRP CE3 CZ3  doub Y N 395 
TRP CE3 HE3  sing N N 396 
TRP CZ2 CH2  doub Y N 397 
TRP CZ2 HZ2  sing N N 398 
TRP CZ3 CH2  sing Y N 399 
TRP CZ3 HZ3  sing N N 400 
TRP CH2 HH2  sing N N 401 
TRP OXT HXT  sing N N 402 
TYR N   CA   sing N N 403 
TYR N   H    sing N N 404 
TYR N   H2   sing N N 405 
TYR CA  C    sing N N 406 
TYR CA  CB   sing N N 407 
TYR CA  HA   sing N N 408 
TYR C   O    doub N N 409 
TYR C   OXT  sing N N 410 
TYR CB  CG   sing N N 411 
TYR CB  HB2  sing N N 412 
TYR CB  HB3  sing N N 413 
TYR CG  CD1  doub Y N 414 
TYR CG  CD2  sing Y N 415 
TYR CD1 CE1  sing Y N 416 
TYR CD1 HD1  sing N N 417 
TYR CD2 CE2  doub Y N 418 
TYR CD2 HD2  sing N N 419 
TYR CE1 CZ   doub Y N 420 
TYR CE1 HE1  sing N N 421 
TYR CE2 CZ   sing Y N 422 
TYR CE2 HE2  sing N N 423 
TYR CZ  OH   sing N N 424 
TYR OH  HH   sing N N 425 
TYR OXT HXT  sing N N 426 
VAL N   CA   sing N N 427 
VAL N   H    sing N N 428 
VAL N   H2   sing N N 429 
VAL CA  C    sing N N 430 
VAL CA  CB   sing N N 431 
VAL CA  HA   sing N N 432 
VAL C   O    doub N N 433 
VAL C   OXT  sing N N 434 
VAL CB  CG1  sing N N 435 
VAL CB  CG2  sing N N 436 
VAL CB  HB   sing N N 437 
VAL CG1 HG11 sing N N 438 
VAL CG1 HG12 sing N N 439 
VAL CG1 HG13 sing N N 440 
VAL CG2 HG21 sing N N 441 
VAL CG2 HG22 sing N N 442 
VAL CG2 HG23 sing N N 443 
VAL OXT HXT  sing N N 444 
# 
loop_
_pdbx_entity_nonpoly.entity_id 
_pdbx_entity_nonpoly.name 
_pdbx_entity_nonpoly.comp_id 
2 'PROTOPORPHYRIN IX CONTAINING FE' HEM 
3 water                             HOH 
# 
_pdbx_initial_refinement_model.id               1 
_pdbx_initial_refinement_model.entity_id_list   ? 
_pdbx_initial_refinement_model.type             'experimental model' 
_pdbx_initial_refinement_model.source_name      PDB 
_pdbx_initial_refinement_model.accession_code   1AWP 
_pdbx_initial_refinement_model.details          'PDB ENTRY 1AWP' 
# 
